data_8V45
#
_entry.id   8V45
#
_cell.length_a   1.00
_cell.length_b   1.00
_cell.length_c   1.00
_cell.angle_alpha   90.00
_cell.angle_beta   90.00
_cell.angle_gamma   90.00
#
_symmetry.space_group_name_H-M   'P 1'
#
loop_
_entity.id
_entity.type
_entity.pdbx_description
1 polymer 'AriA antitoxin'
2 polymer 'Protein Ocr'
3 non-polymer "ADENOSINE-5'-TRIPHOSPHATE"
#
loop_
_entity_poly.entity_id
_entity_poly.type
_entity_poly.pdbx_seq_one_letter_code
_entity_poly.pdbx_strand_id
1 'polypeptide(L)'
;VAIRTISKIELSKIHNRYNLTVDFFNDLNVIHGKNGAGKSTLIHVIANIVNGDFIRFAFLIFEEIKATYSDGLKIVIRRD
KIDEQSFISVTLSNGKYIKFAVGEAMATVREIESERHLRERDVKSMLAMDIDKFVKENELQKVRASYFPAFRTMLEAWSS
SSDVGYERRVIRSSFYNRKASAFARELFGQFLPSINYPSPMEIEDRLREEIRRAQLGIAAYESRTFSESFVKVFSALFDN
SSVEGEITGELLKEIEGLAIAQDSSIKNGYYAEYSKVYEEIRSLINRNLKGKVENSVSGALVVYRDALRDRQDYQEKAFS
EIDNYMSSVNSFLEDKEMAYDFDLRRKYPKVGLKFPDGSWSPIRVLSSGERQLLTMLYAASKMGDDAIVLIDEPEISLHI
DWQEDLLKRMLSQLSGRQIIVCTHSPSIATGYEDFMINISPEFISSRDNDNHKDSEEMEEDESL
;
A,B,C,D,E,F
2 'polypeptide(L)'
;MAMSNMTYNNVFDHAYEMLKENIRYDDIRDTDDLHDAIHMAADNAVPHYYADIFSVMASEGIDLEFEDSGLMPDTKDVIR
ILQARIYEQLTIDLWEDAEDLLNEYLEEVEEYEEDEE
;
O,P
#
loop_
_chem_comp.id
_chem_comp.type
_chem_comp.name
_chem_comp.formula
ATP non-polymer ADENOSINE-5'-TRIPHOSPHATE 'C10 H16 N5 O13 P3'
#
# COMPACT_ATOMS: atom_id res chain seq x y z
N ILE A 3 -15.98 35.93 41.69
CA ILE A 3 -15.10 34.81 41.97
C ILE A 3 -15.82 33.81 42.85
N ARG A 4 -16.27 32.70 42.25
CA ARG A 4 -17.03 31.69 42.99
C ARG A 4 -16.05 30.69 43.60
N THR A 5 -15.54 31.06 44.77
CA THR A 5 -14.62 30.18 45.49
C THR A 5 -15.39 29.04 46.13
N ILE A 6 -14.70 27.92 46.34
CA ILE A 6 -15.32 26.74 46.93
C ILE A 6 -15.48 26.96 48.43
N SER A 7 -16.70 26.79 48.93
CA SER A 7 -17.01 27.01 50.33
C SER A 7 -17.08 25.71 51.14
N LYS A 8 -17.83 24.72 50.66
CA LYS A 8 -18.02 23.48 51.41
C LYS A 8 -18.27 22.34 50.44
N ILE A 9 -17.51 21.25 50.62
CA ILE A 9 -17.66 20.05 49.81
C ILE A 9 -18.12 18.90 50.70
N GLU A 10 -19.22 18.27 50.32
CA GLU A 10 -19.77 17.13 51.03
C GLU A 10 -19.75 15.92 50.11
N LEU A 11 -18.95 14.92 50.47
CA LEU A 11 -18.86 13.65 49.78
C LEU A 11 -19.52 12.59 50.65
N SER A 12 -20.53 11.90 50.11
CA SER A 12 -21.25 10.88 50.85
C SER A 12 -20.94 9.53 50.22
N LYS A 13 -20.36 8.63 51.03
CA LYS A 13 -20.02 7.26 50.64
C LYS A 13 -19.12 7.20 49.40
N ILE A 14 -18.05 8.00 49.44
CA ILE A 14 -17.10 8.01 48.33
C ILE A 14 -16.31 6.71 48.35
N HIS A 15 -16.21 6.07 47.18
CA HIS A 15 -15.70 4.71 46.98
C HIS A 15 -16.49 3.67 47.77
N ASN A 16 -17.72 4.01 48.15
CA ASN A 16 -18.56 3.24 49.07
C ASN A 16 -17.83 2.94 50.38
N ARG A 17 -17.04 3.90 50.85
CA ARG A 17 -16.22 3.70 52.04
C ARG A 17 -16.48 4.69 53.16
N TYR A 18 -16.54 5.98 52.87
CA TYR A 18 -16.58 6.96 53.95
C TYR A 18 -17.28 8.24 53.49
N ASN A 19 -17.68 9.03 54.47
CA ASN A 19 -18.27 10.34 54.26
C ASN A 19 -17.30 11.41 54.72
N LEU A 20 -17.30 12.54 54.01
CA LEU A 20 -16.38 13.63 54.30
C LEU A 20 -17.08 14.95 54.04
N THR A 21 -17.03 15.86 55.00
CA THR A 21 -17.61 17.19 54.83
C THR A 21 -16.57 18.22 55.25
N VAL A 22 -16.11 19.02 54.29
CA VAL A 22 -15.05 20.00 54.54
C VAL A 22 -15.56 21.38 54.23
N ASP A 23 -15.39 22.30 55.18
CA ASP A 23 -15.69 23.71 55.00
C ASP A 23 -14.39 24.42 54.63
N PHE A 24 -14.42 25.19 53.56
CA PHE A 24 -13.22 25.84 53.03
C PHE A 24 -13.27 27.34 53.29
N PHE A 25 -12.10 27.91 53.52
CA PHE A 25 -11.98 29.36 53.60
C PHE A 25 -11.93 29.93 52.19
N ASN A 26 -11.88 31.26 52.09
CA ASN A 26 -11.78 31.89 50.80
C ASN A 26 -10.37 31.79 50.22
N ASP A 27 -9.37 31.57 51.07
CA ASP A 27 -8.00 31.46 50.62
C ASP A 27 -7.21 30.62 51.62
N LEU A 28 -6.19 29.95 51.10
CA LEU A 28 -5.19 29.18 51.86
C LEU A 28 -5.83 28.08 52.70
N ASN A 29 -6.38 27.09 52.02
CA ASN A 29 -6.92 25.91 52.68
C ASN A 29 -5.80 24.90 52.79
N VAL A 30 -5.16 24.85 53.96
CA VAL A 30 -4.03 23.97 54.21
C VAL A 30 -4.55 22.72 54.91
N ILE A 31 -4.82 21.68 54.13
CA ILE A 31 -5.32 20.42 54.66
C ILE A 31 -4.13 19.57 55.09
N HIS A 32 -4.14 19.16 56.35
CA HIS A 32 -3.09 18.35 56.95
C HIS A 32 -3.71 17.05 57.42
N GLY A 33 -3.17 15.93 56.94
CA GLY A 33 -3.67 14.64 57.36
C GLY A 33 -2.81 13.55 56.79
N LYS A 34 -2.82 12.40 57.46
CA LYS A 34 -1.98 11.30 57.03
C LYS A 34 -2.56 10.66 55.79
N ASN A 35 -1.69 9.98 55.05
CA ASN A 35 -2.08 9.28 53.84
C ASN A 35 -3.08 8.16 54.13
N GLY A 36 -4.13 8.10 53.32
CA GLY A 36 -5.22 7.18 53.53
C GLY A 36 -6.51 7.87 53.88
N ALA A 37 -6.56 9.19 53.72
CA ALA A 37 -7.71 10.01 54.09
C ALA A 37 -8.36 10.66 52.88
N GLY A 38 -7.92 10.33 51.67
CA GLY A 38 -8.54 10.85 50.46
C GLY A 38 -8.29 12.30 50.18
N LYS A 39 -7.12 12.83 50.56
CA LYS A 39 -6.75 14.20 50.21
C LYS A 39 -6.72 14.38 48.70
N SER A 40 -6.09 13.44 48.00
CA SER A 40 -6.05 13.50 46.55
C SER A 40 -7.44 13.29 45.98
N THR A 41 -8.22 12.39 46.60
CA THR A 41 -9.61 12.16 46.17
C THR A 41 -10.44 13.44 46.23
N LEU A 42 -10.13 14.31 47.19
CA LEU A 42 -10.86 15.55 47.35
C LEU A 42 -10.37 16.59 46.37
N ILE A 43 -9.06 16.60 46.10
CA ILE A 43 -8.51 17.52 45.14
C ILE A 43 -8.99 17.16 43.73
N HIS A 44 -9.05 15.87 43.42
CA HIS A 44 -9.56 15.45 42.11
C HIS A 44 -11.05 15.73 41.97
N VAL A 45 -11.81 15.61 43.06
CA VAL A 45 -13.24 15.97 43.01
C VAL A 45 -13.41 17.46 42.74
N ILE A 46 -12.63 18.30 43.42
CA ILE A 46 -12.70 19.74 43.21
C ILE A 46 -12.26 20.12 41.80
N ALA A 47 -11.18 19.51 41.31
CA ALA A 47 -10.71 19.77 39.95
C ALA A 47 -11.64 19.21 38.89
N ASN A 48 -12.47 18.23 39.22
CA ASN A 48 -13.46 17.74 38.27
C ASN A 48 -14.81 18.43 38.40
N ILE A 49 -14.99 19.28 39.40
CA ILE A 49 -16.21 20.08 39.51
C ILE A 49 -15.99 21.49 38.99
N VAL A 50 -14.94 22.15 39.46
CA VAL A 50 -14.72 23.57 39.15
C VAL A 50 -14.36 23.76 37.69
N ASN A 51 -13.47 22.91 37.16
CA ASN A 51 -12.99 23.07 35.80
C ASN A 51 -13.90 22.42 34.77
N GLY A 52 -15.16 22.19 35.10
CA GLY A 52 -16.01 21.48 34.17
C GLY A 52 -15.63 20.01 34.15
N ASP A 53 -15.87 19.38 33.00
CA ASP A 53 -15.51 17.99 32.70
C ASP A 53 -16.14 17.03 33.71
N PHE A 54 -17.46 16.97 33.65
CA PHE A 54 -18.21 16.11 34.56
C PHE A 54 -18.20 14.65 34.13
N ILE A 55 -17.64 14.35 32.95
CA ILE A 55 -17.65 12.99 32.44
C ILE A 55 -16.72 12.08 33.22
N ARG A 56 -15.78 12.67 33.98
CA ARG A 56 -14.86 11.88 34.78
C ARG A 56 -15.60 11.28 35.97
N PHE A 57 -16.77 11.83 36.30
CA PHE A 57 -17.55 11.28 37.40
C PHE A 57 -18.18 9.96 37.02
N ALA A 58 -18.17 9.60 35.74
CA ALA A 58 -18.66 8.28 35.36
C ALA A 58 -17.69 7.19 35.78
N PHE A 59 -16.42 7.52 36.02
CA PHE A 59 -15.45 6.53 36.45
C PHE A 59 -15.30 6.45 37.96
N LEU A 60 -16.19 7.08 38.71
CA LEU A 60 -16.09 7.15 40.16
C LEU A 60 -17.30 6.50 40.81
N ILE A 61 -17.05 5.75 41.89
CA ILE A 61 -18.10 5.10 42.66
C ILE A 61 -18.41 5.98 43.86
N PHE A 62 -19.65 6.46 43.94
CA PHE A 62 -20.05 7.37 44.99
C PHE A 62 -21.56 7.26 45.17
N GLU A 63 -22.08 7.98 46.17
CA GLU A 63 -23.51 8.02 46.42
C GLU A 63 -24.10 9.40 46.19
N GLU A 64 -23.56 10.43 46.83
CA GLU A 64 -24.07 11.78 46.70
C GLU A 64 -22.92 12.75 46.93
N ILE A 65 -22.72 13.67 45.99
CA ILE A 65 -21.66 14.68 46.08
C ILE A 65 -22.29 16.05 45.97
N LYS A 66 -22.13 16.88 46.99
CA LYS A 66 -22.68 18.23 46.99
C LYS A 66 -21.54 19.24 47.05
N ALA A 67 -21.58 20.21 46.15
CA ALA A 67 -20.55 21.23 46.01
C ALA A 67 -21.19 22.60 46.16
N THR A 68 -20.69 23.37 47.13
CA THR A 68 -21.20 24.71 47.42
C THR A 68 -20.13 25.73 47.10
N TYR A 69 -20.48 26.72 46.27
CA TYR A 69 -19.56 27.80 45.98
C TYR A 69 -19.71 28.90 47.03
N SER A 70 -18.97 29.99 46.84
CA SER A 70 -19.04 31.11 47.79
C SER A 70 -20.32 31.91 47.62
N ASP A 71 -20.77 32.10 46.38
CA ASP A 71 -21.97 32.91 46.14
C ASP A 71 -23.22 32.17 46.54
N GLY A 72 -23.20 30.84 46.51
CA GLY A 72 -24.37 30.07 46.91
C GLY A 72 -24.85 29.07 45.89
N LEU A 73 -24.09 28.87 44.81
CA LEU A 73 -24.46 27.89 43.81
C LEU A 73 -24.18 26.48 44.31
N LYS A 74 -25.19 25.62 44.23
CA LYS A 74 -25.11 24.25 44.72
C LYS A 74 -25.16 23.28 43.54
N ILE A 75 -24.23 22.34 43.52
CA ILE A 75 -24.21 21.28 42.50
C ILE A 75 -24.31 19.94 43.21
N VAL A 76 -25.32 19.15 42.85
CA VAL A 76 -25.56 17.85 43.46
C VAL A 76 -25.38 16.80 42.37
N ILE A 77 -24.47 15.86 42.61
CA ILE A 77 -24.17 14.80 41.65
C ILE A 77 -24.49 13.46 42.31
N ARG A 78 -25.28 12.65 41.62
CA ARG A 78 -25.63 11.33 42.13
C ARG A 78 -25.40 10.28 41.07
N ARG A 79 -25.01 9.10 41.53
CA ARG A 79 -24.81 7.92 40.71
C ARG A 79 -25.90 6.94 41.12
N ASP A 80 -26.93 6.82 40.30
CA ASP A 80 -28.09 6.00 40.64
C ASP A 80 -28.32 4.96 39.56
N LYS A 81 -28.52 3.71 39.97
CA LYS A 81 -28.84 2.65 39.04
C LYS A 81 -30.22 2.10 39.31
N ILE A 82 -30.98 1.87 38.25
CA ILE A 82 -32.33 1.33 38.37
C ILE A 82 -32.44 0.05 37.54
N ASP A 83 -32.26 0.17 36.22
CA ASP A 83 -32.33 -0.98 35.33
C ASP A 83 -30.95 -1.56 35.08
N GLU A 84 -30.22 -1.83 36.16
CA GLU A 84 -28.85 -2.38 36.18
C GLU A 84 -27.84 -1.51 35.44
N GLN A 85 -28.17 -0.26 35.15
CA GLN A 85 -27.27 0.68 34.50
C GLN A 85 -27.23 1.95 35.34
N SER A 86 -26.02 2.40 35.66
CA SER A 86 -25.87 3.58 36.49
C SER A 86 -25.99 4.84 35.65
N PHE A 87 -26.70 5.82 36.18
CA PHE A 87 -26.93 7.11 35.54
C PHE A 87 -26.41 8.20 36.46
N ILE A 88 -25.69 9.15 35.88
CA ILE A 88 -25.15 10.28 36.61
C ILE A 88 -26.12 11.44 36.44
N SER A 89 -26.60 11.95 37.58
CA SER A 89 -27.53 13.06 37.65
C SER A 89 -26.79 14.27 38.21
N VAL A 90 -26.55 15.26 37.36
CA VAL A 90 -25.90 16.52 37.71
C VAL A 90 -27.00 17.56 37.82
N THR A 91 -27.46 17.82 39.04
CA THR A 91 -28.56 18.74 39.31
C THR A 91 -27.98 20.01 39.92
N LEU A 92 -28.09 21.10 39.18
CA LEU A 92 -27.61 22.39 39.67
C LEU A 92 -28.67 23.08 40.51
N SER A 93 -28.23 24.02 41.34
CA SER A 93 -29.16 24.86 42.08
C SER A 93 -29.77 25.87 41.12
N ASN A 94 -31.10 26.02 41.21
CA ASN A 94 -31.99 26.84 40.38
C ASN A 94 -31.64 26.81 38.89
N GLY A 95 -31.30 25.63 38.38
CA GLY A 95 -30.92 25.45 37.01
C GLY A 95 -31.37 24.09 36.52
N LYS A 96 -31.11 23.84 35.24
CA LYS A 96 -31.48 22.58 34.64
C LYS A 96 -30.55 21.47 35.13
N TYR A 97 -31.04 20.24 35.08
CA TYR A 97 -30.28 19.07 35.51
C TYR A 97 -30.03 18.20 34.29
N ILE A 98 -28.83 17.64 34.22
CA ILE A 98 -28.48 16.76 33.11
C ILE A 98 -28.23 15.37 33.66
N LYS A 99 -28.57 14.36 32.86
CA LYS A 99 -28.34 12.97 33.25
C LYS A 99 -27.74 12.23 32.08
N PHE A 100 -26.92 11.22 32.40
CA PHE A 100 -26.33 10.42 31.33
C PHE A 100 -25.96 9.04 31.86
N ALA A 101 -25.91 8.07 30.94
CA ALA A 101 -25.54 6.72 31.30
C ALA A 101 -24.04 6.62 31.52
N VAL A 102 -23.64 5.80 32.50
CA VAL A 102 -22.23 5.59 32.80
C VAL A 102 -21.54 4.87 31.65
N GLY A 103 -22.19 3.82 31.12
CA GLY A 103 -21.61 3.07 30.01
C GLY A 103 -21.49 3.89 28.73
N GLU A 104 -22.42 4.81 28.51
CA GLU A 104 -22.33 5.73 27.38
C GLU A 104 -21.12 6.64 27.51
N ALA A 105 -20.85 7.13 28.71
CA ALA A 105 -19.68 7.97 28.94
C ALA A 105 -18.38 7.17 28.81
N MET A 106 -18.40 5.92 29.26
CA MET A 106 -17.23 5.06 29.09
C MET A 106 -16.96 4.79 27.61
N ALA A 107 -18.02 4.58 26.83
CA ALA A 107 -17.85 4.41 25.39
C ALA A 107 -17.36 5.68 24.72
N THR A 108 -17.82 6.85 25.20
CA THR A 108 -17.37 8.13 24.67
C THR A 108 -15.88 8.35 24.96
N VAL A 109 -15.43 7.97 26.15
CA VAL A 109 -14.01 8.11 26.49
C VAL A 109 -13.18 7.10 25.70
N ARG A 110 -13.68 5.87 25.56
CA ARG A 110 -12.99 4.84 24.80
C ARG A 110 -12.97 5.12 23.30
N GLU A 111 -13.88 5.97 22.81
CA GLU A 111 -13.84 6.41 21.42
C GLU A 111 -12.58 7.22 21.12
N ILE A 112 -12.09 7.98 22.11
CA ILE A 112 -10.89 8.79 21.92
C ILE A 112 -9.63 7.93 21.81
N GLU A 113 -9.68 6.70 22.31
CA GLU A 113 -8.56 5.78 22.22
C GLU A 113 -8.27 5.37 20.77
N SER A 125 -19.08 11.73 20.31
CA SER A 125 -18.86 13.10 20.73
C SER A 125 -20.18 13.81 21.02
N MET A 126 -21.27 13.05 20.93
CA MET A 126 -22.60 13.61 21.20
C MET A 126 -22.75 13.95 22.68
N LEU A 127 -22.26 13.07 23.55
CA LEU A 127 -22.31 13.34 24.98
C LEU A 127 -21.38 14.48 25.36
N ALA A 128 -20.24 14.58 24.67
CA ALA A 128 -19.32 15.69 24.88
C ALA A 128 -19.97 17.02 24.50
N MET A 129 -20.69 17.05 23.38
CA MET A 129 -21.40 18.25 22.97
C MET A 129 -22.54 18.57 23.94
N ASP A 130 -23.20 17.54 24.47
CA ASP A 130 -24.26 17.76 25.45
C ASP A 130 -23.71 18.35 26.75
N ILE A 131 -22.57 17.83 27.22
CA ILE A 131 -21.94 18.33 28.42
C ILE A 131 -21.44 19.76 28.21
N ASP A 132 -20.87 20.03 27.03
CA ASP A 132 -20.40 21.38 26.72
C ASP A 132 -21.54 22.38 26.64
N LYS A 133 -22.67 21.97 26.05
CA LYS A 133 -23.85 22.83 26.00
C LYS A 133 -24.42 23.06 27.39
N PHE A 134 -24.40 22.02 28.23
CA PHE A 134 -24.91 22.15 29.59
C PHE A 134 -24.04 23.10 30.43
N VAL A 135 -22.73 23.01 30.29
CA VAL A 135 -21.87 23.89 31.09
C VAL A 135 -21.75 25.27 30.48
N LYS A 136 -22.10 25.43 29.19
CA LYS A 136 -22.06 26.75 28.60
C LYS A 136 -23.34 27.53 28.84
N GLU A 137 -24.50 26.86 28.77
CA GLU A 137 -25.76 27.56 28.99
C GLU A 137 -26.00 27.85 30.46
N ASN A 138 -25.31 27.15 31.36
CA ASN A 138 -25.42 27.41 32.78
C ASN A 138 -24.26 28.24 33.33
N GLU A 139 -23.23 28.46 32.50
CA GLU A 139 -22.04 29.25 32.82
C GLU A 139 -21.32 28.69 34.06
N LEU A 140 -20.89 27.44 33.93
CA LEU A 140 -20.21 26.73 35.01
C LEU A 140 -18.69 26.86 34.96
N GLN A 141 -18.15 27.49 33.92
CA GLN A 141 -16.71 27.60 33.74
C GLN A 141 -16.24 29.04 33.91
N LYS A 142 -16.79 29.74 34.88
CA LYS A 142 -16.37 31.12 35.14
C LYS A 142 -14.99 31.17 35.77
N VAL A 143 -14.74 30.32 36.76
CA VAL A 143 -13.47 30.26 37.46
C VAL A 143 -12.82 28.92 37.19
N ARG A 144 -11.58 28.93 36.72
CA ARG A 144 -10.83 27.72 36.45
C ARG A 144 -9.78 27.49 37.54
N ALA A 145 -9.75 26.29 38.10
CA ALA A 145 -8.82 25.93 39.15
C ALA A 145 -7.67 25.13 38.55
N SER A 146 -6.44 25.49 38.92
CA SER A 146 -5.26 24.79 38.42
C SER A 146 -4.88 23.68 39.39
N TYR A 147 -4.49 22.53 38.83
CA TYR A 147 -4.17 21.35 39.60
C TYR A 147 -2.67 21.08 39.52
N PHE A 148 -2.00 21.04 40.66
CA PHE A 148 -0.59 20.69 40.72
C PHE A 148 -0.47 19.28 41.26
N PRO A 149 -0.14 18.28 40.44
CA PRO A 149 -0.17 16.89 40.91
C PRO A 149 0.97 16.57 41.85
N ALA A 150 0.77 15.51 42.64
CA ALA A 150 1.78 15.01 43.56
C ALA A 150 2.78 14.08 42.90
N PHE A 151 2.60 13.76 41.63
CA PHE A 151 3.52 12.90 40.89
C PHE A 151 4.22 13.66 39.78
N ARG A 152 4.66 14.89 40.06
CA ARG A 152 5.29 15.71 39.02
C ARG A 152 6.65 15.19 38.60
N THR A 153 7.27 14.31 39.38
CA THR A 153 8.47 13.62 38.92
C THR A 153 8.16 12.71 37.75
N MET A 154 6.97 12.12 37.71
CA MET A 154 6.55 11.36 36.54
C MET A 154 6.41 12.27 35.32
N LEU A 155 5.95 13.51 35.53
CA LEU A 155 5.90 14.46 34.44
C LEU A 155 7.28 14.87 33.98
N GLU A 156 8.25 14.85 34.90
CA GLU A 156 9.62 15.06 34.50
C GLU A 156 10.14 13.88 33.69
N ALA A 157 9.65 12.67 33.98
CA ALA A 157 10.15 11.48 33.31
C ALA A 157 9.77 11.44 31.83
N TRP A 158 8.51 11.68 31.50
CA TRP A 158 8.12 11.72 30.11
C TRP A 158 7.96 13.15 29.59
N TYR A 176 0.79 22.63 28.14
CA TYR A 176 2.08 21.98 28.01
C TYR A 176 1.94 20.63 27.31
N ASN A 177 2.45 19.58 27.92
CA ASN A 177 2.32 18.24 27.34
C ASN A 177 0.88 17.75 27.42
N ARG A 178 0.44 17.10 26.35
CA ARG A 178 -0.93 16.63 26.23
C ARG A 178 -1.06 15.12 26.34
N LYS A 179 0.00 14.37 26.04
CA LYS A 179 -0.02 12.93 26.21
C LYS A 179 0.15 12.51 27.66
N ALA A 180 0.58 13.45 28.51
CA ALA A 180 0.79 13.13 29.92
C ALA A 180 -0.51 12.85 30.65
N SER A 181 -1.61 13.46 30.21
CA SER A 181 -2.90 13.20 30.84
C SER A 181 -3.33 11.76 30.62
N ALA A 182 -3.23 11.27 29.39
CA ALA A 182 -3.57 9.88 29.12
C ALA A 182 -2.59 8.92 29.77
N PHE A 183 -1.29 9.29 29.80
CA PHE A 183 -0.28 8.46 30.43
C PHE A 183 -0.52 8.32 31.93
N ALA A 184 -0.89 9.41 32.59
CA ALA A 184 -1.16 9.34 34.02
C ALA A 184 -2.51 8.70 34.33
N ARG A 185 -3.49 8.88 33.44
CA ARG A 185 -4.77 8.23 33.65
C ARG A 185 -4.71 6.74 33.42
N GLU A 186 -3.71 6.26 32.67
CA GLU A 186 -3.53 4.83 32.49
C GLU A 186 -3.21 4.13 33.81
N LEU A 187 -2.36 4.73 34.64
CA LEU A 187 -1.96 4.10 35.89
C LEU A 187 -2.58 4.72 37.12
N PHE A 188 -3.42 5.73 36.98
CA PHE A 188 -4.15 6.27 38.11
C PHE A 188 -5.65 6.24 37.95
N GLY A 189 -6.16 5.65 36.86
CA GLY A 189 -7.58 5.61 36.62
C GLY A 189 -8.05 6.79 35.78
N GLN A 190 -9.23 6.64 35.20
CA GLN A 190 -9.77 7.68 34.35
C GLN A 190 -10.46 8.79 35.13
N PHE A 191 -10.56 8.67 36.45
CA PHE A 191 -11.11 9.76 37.25
C PHE A 191 -10.14 10.94 37.34
N LEU A 192 -8.87 10.72 37.02
CA LEU A 192 -7.84 11.74 37.17
C LEU A 192 -8.09 12.93 36.25
N PRO A 193 -8.00 14.16 36.75
CA PRO A 193 -8.32 15.33 35.92
C PRO A 193 -7.27 15.62 34.86
N SER A 194 -7.46 16.71 34.11
CA SER A 194 -6.49 17.06 33.08
C SER A 194 -5.19 17.53 33.71
N ILE A 195 -4.09 16.99 33.22
CA ILE A 195 -2.76 17.26 33.79
C ILE A 195 -2.08 18.28 32.90
N ASN A 196 -1.89 19.49 33.42
CA ASN A 196 -1.21 20.57 32.72
C ASN A 196 -0.15 21.12 33.65
N TYR A 197 1.05 20.54 33.59
CA TYR A 197 2.12 20.90 34.49
C TYR A 197 3.46 20.84 33.78
N PRO A 198 4.31 21.85 33.95
CA PRO A 198 5.57 21.89 33.22
C PRO A 198 6.72 21.18 33.91
N SER A 199 7.40 20.34 33.19
CA SER A 199 8.54 19.59 33.67
C SER A 199 9.83 20.39 33.51
N PRO A 200 10.89 20.05 34.23
CA PRO A 200 12.21 20.57 33.87
C PRO A 200 12.65 20.00 32.54
N MET A 201 13.51 20.77 31.85
CA MET A 201 13.94 20.69 30.46
C MET A 201 12.82 21.11 29.51
N GLU A 202 11.64 21.42 30.04
CA GLU A 202 10.59 22.10 29.31
C GLU A 202 10.45 23.54 29.75
N ILE A 203 10.63 23.83 31.05
CA ILE A 203 10.68 25.21 31.49
C ILE A 203 11.95 25.87 31.02
N GLU A 204 13.01 25.11 30.74
CA GLU A 204 14.19 25.67 30.09
C GLU A 204 13.85 26.17 28.70
N ASP A 205 13.08 25.40 27.93
CA ASP A 205 12.66 25.84 26.61
C ASP A 205 11.72 27.03 26.71
N ARG A 206 10.83 27.03 27.70
CA ARG A 206 9.93 28.17 27.88
C ARG A 206 10.69 29.43 28.24
N LEU A 207 11.68 29.33 29.12
CA LEU A 207 12.48 30.48 29.50
C LEU A 207 13.34 30.98 28.35
N ARG A 208 13.92 30.06 27.58
CA ARG A 208 14.72 30.46 26.43
C ARG A 208 13.87 31.15 25.37
N GLU A 209 12.66 30.64 25.14
CA GLU A 209 11.74 31.28 24.20
C GLU A 209 11.30 32.64 24.69
N GLU A 210 11.05 32.78 26.00
CA GLU A 210 10.63 34.08 26.53
C GLU A 210 11.76 35.10 26.48
N ILE A 211 13.00 34.68 26.76
CA ILE A 211 14.13 35.61 26.64
C ILE A 211 14.32 36.04 25.19
N ARG A 212 14.22 35.10 24.25
CA ARG A 212 14.36 35.43 22.84
C ARG A 212 13.24 36.36 22.37
N ARG A 213 12.02 36.14 22.84
CA ARG A 213 10.91 37.00 22.46
C ARG A 213 11.03 38.38 23.07
N ALA A 214 11.55 38.48 24.30
CA ALA A 214 11.75 39.80 24.89
C ALA A 214 12.88 40.55 24.19
N GLN A 215 13.91 39.82 23.75
CA GLN A 215 14.99 40.44 22.97
C GLN A 215 14.48 40.96 21.64
N LEU A 216 13.63 40.18 20.97
CA LEU A 216 13.00 40.64 19.74
C LEU A 216 12.06 41.81 19.99
N GLY A 217 11.40 41.84 21.14
CA GLY A 217 10.55 42.98 21.47
C GLY A 217 11.30 44.27 21.65
N ILE A 218 12.44 44.21 22.36
CA ILE A 218 13.31 45.38 22.51
C ILE A 218 13.85 45.82 21.15
N ALA A 219 14.25 44.85 20.33
CA ALA A 219 14.82 45.14 19.04
C ALA A 219 13.79 45.77 18.08
N ALA A 220 12.53 45.31 18.15
CA ALA A 220 11.50 45.95 17.36
C ALA A 220 11.11 47.30 17.92
N TYR A 221 11.22 47.47 19.23
CA TYR A 221 10.90 48.75 19.83
C TYR A 221 11.92 49.82 19.49
N GLU A 222 13.16 49.43 19.15
CA GLU A 222 14.14 50.39 18.65
C GLU A 222 13.66 51.09 17.36
N SER A 223 13.27 50.30 16.36
CA SER A 223 12.81 50.90 15.11
C SER A 223 11.45 51.56 15.26
N ARG A 224 10.59 51.01 16.14
CA ARG A 224 9.31 51.67 16.40
C ARG A 224 9.53 53.03 17.05
N THR A 225 10.53 53.14 17.93
CA THR A 225 10.87 54.41 18.54
C THR A 225 11.40 55.38 17.50
N PHE A 226 12.20 54.89 16.55
CA PHE A 226 12.67 55.75 15.46
C PHE A 226 11.51 56.29 14.62
N SER A 227 10.58 55.41 14.24
CA SER A 227 9.46 55.81 13.40
C SER A 227 8.52 56.76 14.12
N GLU A 228 8.29 56.54 15.41
CA GLU A 228 7.42 57.44 16.17
C GLU A 228 8.10 58.78 16.42
N SER A 229 9.40 58.76 16.71
CA SER A 229 10.11 59.98 17.02
C SER A 229 10.32 60.86 15.80
N PHE A 230 10.35 60.28 14.61
CA PHE A 230 10.38 61.06 13.37
C PHE A 230 9.14 61.95 13.27
N VAL A 231 7.96 61.35 13.44
CA VAL A 231 6.70 62.08 13.41
C VAL A 231 6.63 63.10 14.55
N LYS A 232 7.08 62.72 15.74
CA LYS A 232 6.94 63.61 16.89
C LYS A 232 7.90 64.80 16.80
N VAL A 233 9.10 64.60 16.27
CA VAL A 233 10.03 65.71 16.06
C VAL A 233 9.50 66.63 14.97
N PHE A 234 8.89 66.06 13.91
CA PHE A 234 8.24 66.90 12.92
C PHE A 234 7.04 67.64 13.47
N SER A 235 6.37 67.05 14.48
CA SER A 235 5.25 67.72 15.12
C SER A 235 5.72 68.85 16.03
N ALA A 236 6.93 68.71 16.57
CA ALA A 236 7.45 69.72 17.49
C ALA A 236 7.83 71.02 16.82
N LEU A 237 7.93 71.05 15.50
CA LEU A 237 8.30 72.27 14.79
C LEU A 237 7.11 72.84 14.02
N THR A 248 17.03 74.13 27.21
CA THR A 248 17.88 74.28 28.38
C THR A 248 19.06 73.30 28.34
N GLY A 249 20.15 73.67 29.01
CA GLY A 249 21.31 72.80 29.06
C GLY A 249 21.15 71.60 29.96
N GLU A 250 20.22 71.67 30.92
CA GLU A 250 19.96 70.53 31.79
C GLU A 250 19.34 69.37 31.03
N LEU A 251 18.45 69.68 30.07
CA LEU A 251 17.87 68.64 29.22
C LEU A 251 18.92 68.00 28.33
N LEU A 252 19.85 68.80 27.81
CA LEU A 252 20.94 68.25 27.01
C LEU A 252 21.87 67.39 27.85
N LYS A 253 22.13 67.80 29.08
CA LYS A 253 22.95 66.99 29.99
C LYS A 253 22.25 65.67 30.34
N GLU A 254 20.93 65.72 30.54
CA GLU A 254 20.16 64.50 30.81
C GLU A 254 20.14 63.57 29.60
N ILE A 255 20.08 64.15 28.39
CA ILE A 255 20.10 63.34 27.18
C ILE A 255 21.48 62.71 26.99
N GLU A 256 22.53 63.45 27.34
CA GLU A 256 23.87 62.88 27.24
C GLU A 256 24.10 61.78 28.27
N GLY A 257 23.57 61.96 29.48
CA GLY A 257 23.67 60.92 30.48
C GLY A 257 22.86 59.68 30.15
N LEU A 258 21.68 59.88 29.55
CA LEU A 258 20.79 58.78 29.23
C LEU A 258 21.23 57.99 28.00
N ALA A 259 22.25 58.46 27.27
CA ALA A 259 22.69 57.78 26.06
C ALA A 259 23.41 56.49 26.40
N ILE A 260 22.96 55.38 25.80
CA ILE A 260 23.55 54.06 26.01
C ILE A 260 23.22 53.21 24.80
N ALA A 261 23.97 52.12 24.63
CA ALA A 261 23.79 51.23 23.50
C ALA A 261 23.30 49.87 23.96
N GLN A 262 22.44 49.25 23.18
CA GLN A 262 21.86 47.95 23.52
C GLN A 262 22.34 46.86 22.58
N SER A 275 21.39 51.08 14.79
CA SER A 275 22.13 50.29 15.77
C SER A 275 22.92 51.18 16.71
N LYS A 276 24.05 51.70 16.24
CA LYS A 276 24.92 52.56 17.03
C LYS A 276 24.65 54.04 16.79
N VAL A 277 23.41 54.40 16.45
CA VAL A 277 23.07 55.80 16.22
C VAL A 277 23.08 56.58 17.52
N TYR A 278 22.81 55.90 18.64
CA TYR A 278 22.84 56.56 19.94
C TYR A 278 24.26 56.97 20.32
N GLU A 279 25.26 56.19 19.88
CA GLU A 279 26.65 56.58 20.10
C GLU A 279 27.01 57.84 19.32
N GLU A 280 26.51 57.97 18.09
CA GLU A 280 26.73 59.18 17.31
C GLU A 280 25.98 60.36 17.91
N ILE A 281 24.80 60.11 18.48
CA ILE A 281 24.05 61.17 19.15
C ILE A 281 24.79 61.65 20.39
N ARG A 282 25.39 60.71 21.14
CA ARG A 282 26.19 61.09 22.31
C ARG A 282 27.45 61.85 21.89
N SER A 283 28.05 61.46 20.76
CA SER A 283 29.23 62.18 20.26
C SER A 283 28.86 63.58 19.81
N LEU A 284 27.68 63.75 19.21
CA LEU A 284 27.23 65.08 18.82
C LEU A 284 26.84 65.92 20.03
N ILE A 285 26.30 65.28 21.07
CA ILE A 285 25.96 66.00 22.29
C ILE A 285 27.21 66.41 23.05
N ASN A 286 28.30 65.64 22.92
CA ASN A 286 29.55 66.01 23.56
C ASN A 286 30.17 67.25 22.91
N ARG A 287 29.99 67.41 21.61
CA ARG A 287 30.51 68.59 20.91
C ARG A 287 29.68 69.82 21.23
N SER A 296 13.17 77.58 21.59
CA SER A 296 13.61 77.52 20.21
C SER A 296 13.61 76.08 19.69
N VAL A 297 14.62 75.32 20.06
CA VAL A 297 14.77 73.93 19.64
C VAL A 297 14.50 73.04 20.85
N SER A 298 13.70 73.54 21.78
CA SER A 298 13.47 72.84 23.03
C SER A 298 12.56 71.63 22.85
N GLY A 299 11.57 71.74 21.96
CA GLY A 299 10.58 70.68 21.83
C GLY A 299 11.14 69.40 21.27
N ALA A 300 12.00 69.49 20.26
CA ALA A 300 12.63 68.29 19.71
C ALA A 300 13.57 67.64 20.72
N LEU A 301 14.26 68.44 21.53
CA LEU A 301 15.11 67.88 22.58
C LEU A 301 14.28 67.18 23.65
N VAL A 302 13.11 67.74 23.97
CA VAL A 302 12.19 67.11 24.91
C VAL A 302 11.69 65.78 24.35
N VAL A 303 11.38 65.74 23.04
CA VAL A 303 10.96 64.51 22.39
C VAL A 303 12.08 63.47 22.42
N TYR A 304 13.32 63.91 22.20
CA TYR A 304 14.48 63.02 22.27
C TYR A 304 14.64 62.41 23.66
N ARG A 305 14.51 63.25 24.69
CA ARG A 305 14.65 62.80 26.06
C ARG A 305 13.55 61.81 26.44
N ASP A 306 12.32 62.10 26.01
CA ASP A 306 11.20 61.20 26.29
C ASP A 306 11.36 59.88 25.57
N ALA A 307 11.87 59.90 24.34
CA ALA A 307 12.09 58.67 23.60
C ALA A 307 13.18 57.82 24.23
N LEU A 308 14.27 58.44 24.67
CA LEU A 308 15.34 57.68 25.32
C LEU A 308 14.90 57.10 26.66
N ARG A 309 14.15 57.89 27.45
CA ARG A 309 13.67 57.40 28.74
C ARG A 309 12.66 56.27 28.57
N ASP A 310 11.78 56.38 27.57
CA ASP A 310 10.81 55.32 27.32
C ASP A 310 11.49 54.07 26.79
N ARG A 311 12.56 54.23 25.99
CA ARG A 311 13.33 53.08 25.52
C ARG A 311 13.98 52.34 26.69
N GLN A 312 14.56 53.10 27.63
CA GLN A 312 15.17 52.46 28.79
C GLN A 312 14.14 51.77 29.68
N ASP A 313 12.97 52.39 29.86
CA ASP A 313 11.93 51.79 30.67
C ASP A 313 11.37 50.53 30.03
N TYR A 314 11.22 50.51 28.70
CA TYR A 314 10.77 49.30 28.05
C TYR A 314 11.84 48.22 28.10
N GLN A 315 13.12 48.61 28.07
CA GLN A 315 14.21 47.64 28.22
C GLN A 315 14.16 46.96 29.58
N GLU A 316 13.86 47.72 30.64
CA GLU A 316 13.72 47.08 31.96
C GLU A 316 12.45 46.24 32.04
N LYS A 317 11.35 46.73 31.46
CA LYS A 317 10.06 46.06 31.61
C LYS A 317 10.02 44.75 30.82
N ALA A 318 10.81 44.64 29.75
CA ALA A 318 10.82 43.42 28.96
C ALA A 318 11.41 42.25 29.74
N PHE A 319 12.43 42.50 30.55
CA PHE A 319 13.09 41.44 31.30
C PHE A 319 12.61 41.33 32.74
N SER A 320 11.71 42.22 33.18
CA SER A 320 11.18 42.13 34.54
C SER A 320 10.40 40.84 34.79
N GLU A 321 9.69 40.34 33.76
CA GLU A 321 8.87 39.13 33.93
C GLU A 321 9.70 37.90 34.23
N ILE A 322 10.90 37.81 33.67
CA ILE A 322 11.77 36.68 33.96
C ILE A 322 12.67 36.96 35.15
N ASP A 323 13.00 38.23 35.41
CA ASP A 323 13.82 38.54 36.57
C ASP A 323 13.08 38.31 37.88
N ASN A 324 11.75 38.47 37.88
CA ASN A 324 10.96 38.12 39.08
C ASN A 324 11.06 36.64 39.39
N TYR A 325 10.95 35.79 38.37
CA TYR A 325 11.06 34.35 38.57
C TYR A 325 12.48 33.95 38.97
N MET A 326 13.48 34.61 38.40
CA MET A 326 14.87 34.33 38.78
C MET A 326 15.14 34.70 40.23
N SER A 327 14.61 35.84 40.68
CA SER A 327 14.76 36.22 42.09
C SER A 327 14.00 35.26 43.01
N SER A 328 12.82 34.81 42.57
CA SER A 328 12.04 33.86 43.35
C SER A 328 12.76 32.54 43.52
N VAL A 329 13.41 32.05 42.47
CA VAL A 329 14.19 30.83 42.59
C VAL A 329 15.43 31.06 43.45
N ASN A 330 16.20 32.12 43.16
CA ASN A 330 17.43 32.40 43.90
C ASN A 330 17.22 32.82 45.34
N SER A 331 15.96 33.01 45.77
CA SER A 331 15.73 33.26 47.19
C SER A 331 15.97 32.00 48.00
N PHE A 332 15.59 30.84 47.46
CA PHE A 332 15.78 29.57 48.17
C PHE A 332 17.20 29.06 48.04
N LEU A 333 17.67 28.90 46.79
CA LEU A 333 18.97 28.33 46.47
C LEU A 333 20.13 29.04 47.17
N GLU A 334 21.09 28.25 47.63
CA GLU A 334 22.26 28.75 48.32
C GLU A 334 23.50 28.27 47.59
N ASP A 335 24.52 29.12 47.57
CA ASP A 335 25.82 28.91 46.90
C ASP A 335 25.68 28.63 45.40
N LYS A 336 24.59 29.07 44.79
CA LYS A 336 24.35 28.90 43.36
C LYS A 336 23.26 29.88 42.94
N GLU A 337 23.49 30.63 41.87
CA GLU A 337 22.51 31.60 41.40
C GLU A 337 22.02 31.14 40.03
N MET A 338 20.70 31.13 39.83
CA MET A 338 20.16 30.75 38.53
C MET A 338 19.95 32.00 37.70
N ALA A 339 20.58 32.06 36.52
CA ALA A 339 20.49 33.26 35.71
C ALA A 339 20.71 32.94 34.24
N TYR A 340 20.54 33.97 33.42
CA TYR A 340 20.68 33.93 31.98
C TYR A 340 21.85 34.79 31.54
N ASP A 341 22.52 34.36 30.47
CA ASP A 341 23.61 35.12 29.88
C ASP A 341 23.54 35.01 28.36
N PHE A 342 24.08 35.99 27.68
CA PHE A 342 24.13 35.98 26.23
C PHE A 342 25.56 35.74 25.78
N ASP A 343 25.72 34.90 24.76
CA ASP A 343 27.03 34.52 24.29
C ASP A 343 27.73 35.69 23.61
N LEU A 344 29.06 35.69 23.71
CA LEU A 344 29.84 36.79 23.14
C LEU A 344 29.85 36.76 21.62
N ARG A 345 29.75 35.56 21.03
CA ARG A 345 29.84 35.43 19.59
C ARG A 345 28.46 35.44 18.92
N ARG A 346 27.60 34.48 19.31
CA ARG A 346 26.34 34.28 18.62
C ARG A 346 25.17 35.05 19.24
N LYS A 347 25.36 35.61 20.45
CA LYS A 347 24.33 36.34 21.20
C LYS A 347 23.07 35.51 21.40
N TYR A 348 23.26 34.23 21.74
CA TYR A 348 22.08 33.43 22.02
C TYR A 348 21.94 33.23 23.52
N PRO A 349 20.72 33.22 24.06
CA PRO A 349 20.57 33.13 25.52
C PRO A 349 20.84 31.73 26.05
N LYS A 350 21.65 31.68 27.11
CA LYS A 350 21.88 30.51 27.92
C LYS A 350 21.18 30.74 29.25
N VAL A 351 20.40 29.75 29.69
CA VAL A 351 19.71 29.81 30.97
C VAL A 351 20.22 28.65 31.81
N GLY A 352 20.71 28.95 33.01
CA GLY A 352 21.24 27.87 33.83
C GLY A 352 21.83 28.38 35.12
N LEU A 353 22.58 27.50 35.77
CA LEU A 353 23.18 27.89 37.02
C LEU A 353 24.46 28.68 36.80
N LYS A 354 24.80 29.47 37.81
CA LYS A 354 25.99 30.29 37.86
C LYS A 354 26.55 30.17 39.26
N PHE A 355 27.59 29.36 39.41
CA PHE A 355 28.23 29.19 40.69
C PHE A 355 29.04 30.44 41.01
N PRO A 356 29.34 30.69 42.30
CA PRO A 356 30.19 31.85 42.64
C PRO A 356 31.61 31.77 42.09
N ASP A 357 32.08 30.60 41.68
CA ASP A 357 33.36 30.49 41.00
C ASP A 357 33.32 31.02 39.58
N GLY A 358 32.13 31.33 39.04
CA GLY A 358 32.00 31.77 37.67
C GLY A 358 31.78 30.67 36.66
N SER A 359 31.81 29.41 37.09
CA SER A 359 31.55 28.30 36.19
C SER A 359 30.06 28.18 35.91
N TRP A 360 29.73 27.76 34.71
CA TRP A 360 28.35 27.56 34.31
C TRP A 360 28.04 26.08 34.18
N SER A 361 26.78 25.74 34.40
CA SER A 361 26.36 24.35 34.36
C SER A 361 24.91 24.27 33.90
N PRO A 362 24.52 23.20 33.22
CA PRO A 362 23.13 23.05 32.78
C PRO A 362 22.19 22.85 33.97
N ILE A 363 20.89 22.92 33.68
CA ILE A 363 19.85 22.81 34.70
C ILE A 363 19.63 21.35 35.09
N ARG A 364 20.43 20.43 34.57
CA ARG A 364 20.32 19.03 34.97
C ARG A 364 21.13 18.71 36.22
N VAL A 365 22.03 19.61 36.64
CA VAL A 365 22.83 19.36 37.83
C VAL A 365 22.00 19.56 39.09
N LEU A 366 20.85 20.23 38.98
CA LEU A 366 19.99 20.52 40.11
C LEU A 366 19.47 19.25 40.77
N SER A 367 19.35 19.31 42.09
CA SER A 367 18.88 18.21 42.90
C SER A 367 17.36 18.16 42.82
N SER A 368 16.78 17.01 43.19
CA SER A 368 15.33 16.82 43.24
C SER A 368 14.59 17.91 44.01
N GLY A 369 15.23 18.51 45.01
CA GLY A 369 14.63 19.51 45.86
C GLY A 369 14.45 20.77 45.05
N GLU A 370 15.60 21.22 44.54
CA GLU A 370 15.65 22.35 43.63
C GLU A 370 14.78 22.16 42.39
N ARG A 371 14.63 20.92 41.91
CA ARG A 371 13.73 20.70 40.79
C ARG A 371 12.27 20.85 41.19
N GLN A 372 11.91 20.44 42.41
CA GLN A 372 10.55 20.70 42.89
C GLN A 372 10.31 22.20 43.02
N LEU A 373 11.32 22.94 43.47
CA LEU A 373 11.20 24.39 43.55
C LEU A 373 11.08 25.03 42.17
N LEU A 374 11.79 24.49 41.17
CA LEU A 374 11.66 24.98 39.81
C LEU A 374 10.26 24.72 39.25
N THR A 375 9.73 23.53 39.49
CA THR A 375 8.41 23.23 38.96
C THR A 375 7.30 23.90 39.74
N MET A 376 7.55 24.32 40.98
CA MET A 376 6.48 24.95 41.75
C MET A 376 6.51 26.46 41.67
N LEU A 377 7.68 27.08 41.61
CA LEU A 377 7.72 28.54 41.46
C LEU A 377 7.35 28.94 40.04
N TYR A 378 7.83 28.19 39.06
CA TYR A 378 7.20 28.29 37.75
C TYR A 378 5.86 27.58 37.82
N ALA A 379 4.95 27.99 36.92
CA ALA A 379 3.53 27.62 36.83
C ALA A 379 2.71 28.15 38.00
N ALA A 380 3.32 28.85 38.95
CA ALA A 380 2.59 29.69 39.88
C ALA A 380 2.52 31.11 39.36
N SER A 381 3.60 31.60 38.74
CA SER A 381 3.56 32.88 38.04
C SER A 381 2.66 32.79 36.80
N LYS A 382 2.70 31.67 36.09
CA LYS A 382 1.89 31.48 34.88
C LYS A 382 0.48 31.02 35.27
N MET A 383 -0.27 31.94 35.86
CA MET A 383 -1.61 31.64 36.31
C MET A 383 -2.66 32.37 35.47
N VAL A 389 -6.70 27.16 42.83
CA VAL A 389 -5.38 26.55 42.75
C VAL A 389 -5.25 25.37 43.68
N LEU A 390 -4.99 24.20 43.13
CA LEU A 390 -4.88 22.97 43.91
C LEU A 390 -3.45 22.46 43.82
N ILE A 391 -2.74 22.46 44.94
CA ILE A 391 -1.39 21.93 45.02
C ILE A 391 -1.43 20.70 45.89
N ASP A 392 -0.91 19.59 45.37
CA ASP A 392 -0.91 18.33 46.10
C ASP A 392 0.53 17.99 46.49
N GLU A 393 0.77 17.86 47.80
CA GLU A 393 2.02 17.46 48.43
C GLU A 393 3.19 18.33 47.98
N PRO A 394 3.33 19.56 48.48
CA PRO A 394 4.51 20.37 48.15
C PRO A 394 5.72 20.12 49.02
N GLU A 395 5.69 19.12 49.90
CA GLU A 395 6.79 18.85 50.81
C GLU A 395 7.71 17.75 50.30
N ILE A 396 7.52 17.31 49.06
CA ILE A 396 8.28 16.18 48.53
C ILE A 396 9.71 16.61 48.27
N SER A 397 10.66 15.84 48.85
CA SER A 397 12.10 15.98 48.67
C SER A 397 12.61 17.35 49.08
N LEU A 398 12.05 17.92 50.14
CA LEU A 398 12.42 19.27 50.51
C LEU A 398 13.06 19.30 51.89
N HIS A 399 14.00 20.21 52.05
CA HIS A 399 14.60 20.52 53.32
C HIS A 399 13.57 21.13 54.26
N ILE A 400 13.81 20.99 55.56
CA ILE A 400 12.86 21.45 56.58
C ILE A 400 12.70 22.97 56.55
N ASP A 401 13.79 23.69 56.26
CA ASP A 401 13.71 25.15 56.12
C ASP A 401 12.93 25.54 54.88
N TRP A 402 13.11 24.80 53.78
CA TRP A 402 12.37 25.08 52.57
C TRP A 402 10.90 24.74 52.75
N GLN A 403 10.61 23.69 53.52
CA GLN A 403 9.22 23.39 53.88
C GLN A 403 8.61 24.48 54.73
N GLU A 404 9.42 25.11 55.59
CA GLU A 404 8.92 26.23 56.38
C GLU A 404 8.65 27.46 55.51
N ASP A 405 9.47 27.72 54.50
CA ASP A 405 9.40 28.99 53.79
C ASP A 405 8.68 28.91 52.45
N LEU A 406 8.23 27.73 52.03
CA LEU A 406 7.65 27.57 50.70
C LEU A 406 6.33 28.32 50.56
N LEU A 407 5.46 28.23 51.57
CA LEU A 407 4.18 28.92 51.50
C LEU A 407 4.36 30.43 51.56
N LYS A 408 5.33 30.91 52.35
CA LYS A 408 5.59 32.33 52.43
C LYS A 408 6.14 32.88 51.10
N ARG A 409 6.94 32.08 50.40
CA ARG A 409 7.39 32.54 49.08
C ARG A 409 6.26 32.49 48.05
N MET A 410 5.40 31.47 48.10
CA MET A 410 4.41 31.33 47.04
C MET A 410 3.18 32.22 47.24
N LEU A 411 2.90 32.63 48.48
CA LEU A 411 1.71 33.43 48.73
C LEU A 411 1.82 34.85 48.18
N SER A 412 3.05 35.33 47.94
CA SER A 412 3.20 36.64 47.32
C SER A 412 2.94 36.59 45.83
N GLN A 413 3.17 35.44 45.21
CA GLN A 413 3.04 35.30 43.77
C GLN A 413 1.70 34.71 43.37
N LEU A 414 0.94 34.18 44.32
CA LEU A 414 -0.32 33.52 43.99
C LEU A 414 -1.50 34.15 44.70
N SER A 415 -1.31 35.33 45.30
CA SER A 415 -2.35 36.04 46.02
C SER A 415 -3.54 36.37 45.12
N GLY A 416 -4.73 36.31 45.67
CA GLY A 416 -5.95 36.63 44.96
C GLY A 416 -6.69 35.44 44.40
N ARG A 417 -6.30 34.22 44.77
CA ARG A 417 -6.96 33.02 44.30
C ARG A 417 -7.08 32.04 45.46
N GLN A 418 -7.99 31.08 45.33
CA GLN A 418 -8.19 30.08 46.37
C GLN A 418 -7.08 29.04 46.26
N ILE A 419 -6.15 29.06 47.21
CA ILE A 419 -4.99 28.19 47.20
C ILE A 419 -5.24 27.05 48.18
N ILE A 420 -5.56 25.87 47.67
CA ILE A 420 -5.75 24.68 48.48
C ILE A 420 -4.49 23.82 48.39
N VAL A 421 -3.88 23.52 49.53
CA VAL A 421 -2.70 22.67 49.59
C VAL A 421 -3.01 21.50 50.52
N CYS A 422 -2.44 20.34 50.23
CA CYS A 422 -2.60 19.16 51.06
C CYS A 422 -1.22 18.61 51.40
N THR A 423 -0.83 18.72 52.66
CA THR A 423 0.50 18.30 53.07
C THR A 423 0.45 17.28 54.21
N HIS A 424 1.44 16.39 54.21
CA HIS A 424 1.59 15.41 55.27
C HIS A 424 2.43 15.92 56.42
N SER A 425 3.32 16.85 56.16
CA SER A 425 4.18 17.41 57.18
C SER A 425 3.62 18.74 57.65
N PRO A 426 3.42 18.94 58.96
CA PRO A 426 2.85 20.20 59.43
C PRO A 426 3.79 21.39 59.31
N SER A 427 5.07 21.13 59.01
CA SER A 427 6.06 22.18 58.83
C SER A 427 5.70 23.14 57.70
N ILE A 428 4.91 22.68 56.73
CA ILE A 428 4.46 23.54 55.64
C ILE A 428 3.52 24.61 56.17
N ALA A 429 2.73 24.29 57.19
CA ALA A 429 1.70 25.20 57.67
C ALA A 429 2.17 26.10 58.81
N THR A 430 3.46 26.39 58.92
CA THR A 430 3.91 27.31 59.94
C THR A 430 3.50 28.74 59.58
N GLY A 431 3.09 29.49 60.60
CA GLY A 431 2.61 30.84 60.40
C GLY A 431 1.19 30.97 59.88
N TYR A 432 0.53 29.87 59.52
CA TYR A 432 -0.84 29.88 59.04
C TYR A 432 -1.62 28.77 59.72
N GLU A 433 -1.44 28.65 61.03
CA GLU A 433 -2.04 27.55 61.78
C GLU A 433 -3.55 27.69 61.94
N ASP A 434 -4.08 28.90 61.79
CA ASP A 434 -5.52 29.09 61.84
C ASP A 434 -6.21 28.55 60.60
N PHE A 435 -5.47 28.37 59.51
CA PHE A 435 -6.00 27.83 58.27
C PHE A 435 -5.85 26.32 58.16
N MET A 436 -5.25 25.68 59.16
CA MET A 436 -4.96 24.25 59.10
C MET A 436 -6.24 23.48 59.42
N ILE A 437 -6.92 22.99 58.40
CA ILE A 437 -8.12 22.18 58.55
C ILE A 437 -7.72 20.72 58.48
N ASN A 438 -7.94 19.99 59.56
CA ASN A 438 -7.53 18.59 59.65
C ASN A 438 -8.64 17.70 59.10
N ILE A 439 -8.33 16.96 58.07
CA ILE A 439 -9.28 16.06 57.43
C ILE A 439 -9.40 14.79 58.25
N SER A 440 -10.59 14.17 58.23
CA SER A 440 -10.81 12.93 58.95
C SER A 440 -11.91 12.11 58.27
N PRO A 441 -11.57 10.94 57.71
CA PRO A 441 -12.57 10.14 57.00
C PRO A 441 -13.41 9.30 57.95
N GLU A 442 -14.72 9.57 57.96
CA GLU A 442 -15.65 8.82 58.79
C GLU A 442 -16.06 7.57 58.02
N PHE A 443 -15.31 6.48 58.24
CA PHE A 443 -15.59 5.20 57.59
C PHE A 443 -16.94 4.65 58.03
N ILE A 444 -17.79 4.33 57.04
CA ILE A 444 -19.15 3.78 57.22
C ILE A 444 -19.28 2.65 58.25
N ILE B 3 30.96 42.14 -28.58
CA ILE B 3 31.89 41.11 -28.14
C ILE B 3 32.07 40.11 -29.28
N ARG B 4 31.40 38.97 -29.22
CA ARG B 4 31.53 37.92 -30.23
C ARG B 4 30.16 37.66 -30.86
N THR B 5 30.07 37.94 -32.16
CA THR B 5 28.86 37.78 -32.95
C THR B 5 29.13 36.85 -34.12
N ILE B 6 28.30 35.81 -34.27
CA ILE B 6 28.43 34.88 -35.39
C ILE B 6 28.31 35.65 -36.69
N SER B 7 29.25 35.44 -37.61
CA SER B 7 29.25 36.14 -38.89
C SER B 7 29.08 35.17 -40.04
N LYS B 8 30.05 34.30 -40.30
CA LYS B 8 29.99 33.33 -41.38
C LYS B 8 29.64 31.97 -40.79
N ILE B 9 28.50 31.41 -41.18
CA ILE B 9 28.14 30.07 -40.74
C ILE B 9 27.90 29.21 -41.97
N GLU B 10 28.63 28.10 -42.05
CA GLU B 10 28.59 27.18 -43.19
C GLU B 10 28.01 25.85 -42.75
N LEU B 11 27.01 25.38 -43.49
CA LEU B 11 26.31 24.13 -43.24
C LEU B 11 26.51 23.24 -44.46
N SER B 12 27.03 22.04 -44.24
CA SER B 12 27.31 21.11 -45.33
C SER B 12 26.51 19.84 -45.11
N LYS B 13 25.56 19.60 -46.02
CA LYS B 13 24.77 18.36 -46.09
C LYS B 13 23.99 18.10 -44.81
N ILE B 14 23.34 19.15 -44.29
CA ILE B 14 22.46 18.98 -43.14
C ILE B 14 21.19 18.28 -43.59
N HIS B 15 20.75 17.32 -42.77
CA HIS B 15 19.67 16.37 -43.06
C HIS B 15 19.94 15.54 -44.32
N ASN B 16 21.21 15.42 -44.71
CA ASN B 16 21.70 14.63 -45.84
C ASN B 16 21.08 15.07 -47.17
N ARG B 17 20.61 16.31 -47.27
CA ARG B 17 19.94 16.73 -48.49
C ARG B 17 20.30 18.12 -49.00
N TYR B 18 20.79 19.05 -48.17
CA TYR B 18 21.05 20.38 -48.68
C TYR B 18 22.16 21.06 -47.89
N ASN B 19 22.81 22.03 -48.54
CA ASN B 19 23.86 22.85 -47.96
C ASN B 19 23.39 24.30 -47.85
N LEU B 20 24.09 25.07 -47.03
CA LEU B 20 23.71 26.45 -46.75
C LEU B 20 24.93 27.24 -46.30
N THR B 21 24.96 28.52 -46.63
CA THR B 21 26.03 29.41 -46.16
C THR B 21 25.45 30.78 -45.91
N VAL B 22 25.50 31.24 -44.66
CA VAL B 22 24.88 32.51 -44.28
C VAL B 22 25.95 33.46 -43.74
N ASP B 23 25.94 34.69 -44.28
CA ASP B 23 26.82 35.77 -43.83
C ASP B 23 26.00 36.69 -42.94
N PHE B 24 26.31 36.72 -41.66
CA PHE B 24 25.55 37.49 -40.69
C PHE B 24 26.18 38.84 -40.41
N PHE B 25 25.38 39.72 -39.80
CA PHE B 25 25.84 41.00 -39.29
C PHE B 25 25.82 40.93 -37.77
N ASN B 26 26.50 41.90 -37.15
CA ASN B 26 26.42 42.01 -35.69
C ASN B 26 25.12 42.63 -35.23
N ASP B 27 24.43 43.32 -36.13
CA ASP B 27 23.17 43.99 -35.83
C ASP B 27 22.00 43.06 -36.10
N LEU B 28 20.79 43.62 -36.18
CA LEU B 28 19.59 42.89 -36.51
C LEU B 28 19.67 42.22 -37.87
N ASN B 29 19.25 40.95 -37.93
CA ASN B 29 19.22 40.13 -39.14
C ASN B 29 17.80 39.65 -39.32
N VAL B 30 17.14 40.08 -40.39
CA VAL B 30 15.77 39.69 -40.66
C VAL B 30 15.82 38.65 -41.78
N ILE B 31 15.84 37.38 -41.41
CA ILE B 31 15.88 36.31 -42.40
C ILE B 31 14.48 36.10 -42.94
N HIS B 32 14.32 36.30 -44.25
CA HIS B 32 13.04 36.17 -44.92
C HIS B 32 13.10 34.97 -45.85
N GLY B 33 12.21 34.02 -45.64
CA GLY B 33 12.14 32.85 -46.50
C GLY B 33 10.81 32.15 -46.32
N LYS B 34 10.36 31.50 -47.38
CA LYS B 34 9.13 30.74 -47.33
C LYS B 34 9.38 29.43 -46.57
N ASN B 35 8.33 28.65 -46.36
CA ASN B 35 8.49 27.39 -45.63
C ASN B 35 9.35 26.42 -46.43
N GLY B 36 10.34 25.85 -45.76
CA GLY B 36 11.21 24.89 -46.39
C GLY B 36 12.62 25.38 -46.60
N ALA B 37 12.87 26.67 -46.38
CA ALA B 37 14.20 27.24 -46.54
C ALA B 37 15.16 26.95 -45.39
N GLY B 38 14.82 26.06 -44.46
CA GLY B 38 15.70 25.78 -43.34
C GLY B 38 15.90 26.90 -42.33
N LYS B 39 14.89 27.76 -42.14
CA LYS B 39 15.03 28.88 -41.21
C LYS B 39 15.24 28.40 -39.79
N SER B 40 14.39 27.49 -39.31
CA SER B 40 14.48 27.13 -37.90
C SER B 40 15.59 26.11 -37.63
N THR B 41 16.15 25.50 -38.67
CA THR B 41 17.29 24.64 -38.44
C THR B 41 18.53 25.48 -38.27
N LEU B 42 18.53 26.65 -38.90
CA LEU B 42 19.64 27.57 -38.72
C LEU B 42 19.62 28.16 -37.32
N ILE B 43 18.43 28.31 -36.75
CA ILE B 43 18.32 28.87 -35.41
C ILE B 43 18.66 27.82 -34.37
N HIS B 44 18.26 26.56 -34.61
CA HIS B 44 18.65 25.49 -33.69
C HIS B 44 20.15 25.26 -33.71
N VAL B 45 20.76 25.34 -34.89
CA VAL B 45 22.22 25.19 -35.02
C VAL B 45 22.94 26.33 -34.33
N ILE B 46 22.48 27.57 -34.52
CA ILE B 46 23.11 28.72 -33.90
C ILE B 46 22.97 28.68 -32.38
N ALA B 47 21.79 28.32 -31.88
CA ALA B 47 21.58 28.23 -30.44
C ALA B 47 22.43 27.13 -29.81
N ASN B 48 22.54 25.97 -30.47
CA ASN B 48 23.36 24.91 -29.92
C ASN B 48 24.85 25.21 -29.99
N ILE B 49 25.28 25.97 -31.00
CA ILE B 49 26.69 26.36 -31.08
C ILE B 49 27.02 27.39 -30.02
N VAL B 50 26.20 28.45 -29.92
CA VAL B 50 26.52 29.56 -29.03
C VAL B 50 26.36 29.16 -27.57
N ASN B 51 25.28 28.46 -27.24
CA ASN B 51 25.05 28.11 -25.84
C ASN B 51 25.96 26.98 -25.36
N GLY B 52 26.66 26.31 -26.28
CA GLY B 52 27.61 25.29 -25.90
C GLY B 52 27.03 23.89 -25.77
N ASP B 53 25.79 23.69 -26.20
CA ASP B 53 25.17 22.36 -26.14
C ASP B 53 25.51 21.60 -27.42
N PHE B 54 26.77 21.15 -27.47
CA PHE B 54 27.23 20.40 -28.64
C PHE B 54 26.78 18.95 -28.62
N ILE B 55 26.29 18.47 -27.48
CA ILE B 55 25.80 17.10 -27.36
C ILE B 55 24.58 16.89 -28.24
N ARG B 56 23.79 17.95 -28.44
CA ARG B 56 22.59 17.88 -29.26
C ARG B 56 22.95 17.63 -30.72
N PHE B 57 24.18 17.93 -31.11
CA PHE B 57 24.62 17.70 -32.48
C PHE B 57 24.76 16.23 -32.81
N ALA B 58 24.70 15.35 -31.81
CA ALA B 58 24.68 13.93 -32.11
C ALA B 58 23.35 13.50 -32.71
N PHE B 59 22.28 14.28 -32.50
CA PHE B 59 20.97 13.93 -33.02
C PHE B 59 20.66 14.53 -34.37
N LEU B 60 21.61 15.22 -35.00
CA LEU B 60 21.43 15.78 -36.33
C LEU B 60 22.33 15.06 -37.33
N ILE B 61 21.77 14.73 -38.49
CA ILE B 61 22.51 14.05 -39.55
C ILE B 61 23.09 15.12 -40.47
N PHE B 62 24.37 15.43 -40.28
CA PHE B 62 25.06 16.44 -41.07
C PHE B 62 26.43 15.90 -41.43
N GLU B 63 27.22 16.74 -42.10
CA GLU B 63 28.60 16.38 -42.38
C GLU B 63 29.58 17.37 -41.76
N GLU B 64 29.52 18.65 -42.12
CA GLU B 64 30.42 19.65 -41.55
C GLU B 64 29.64 20.93 -41.28
N ILE B 65 29.64 21.37 -40.04
CA ILE B 65 28.98 22.60 -39.60
C ILE B 65 30.05 23.50 -38.98
N LYS B 66 30.61 24.39 -39.78
CA LYS B 66 31.65 25.29 -39.32
C LYS B 66 31.08 26.71 -39.26
N ALA B 67 31.22 27.33 -38.09
CA ALA B 67 30.73 28.68 -37.85
C ALA B 67 31.85 29.57 -37.32
N THR B 68 32.03 30.71 -37.98
CA THR B 68 33.02 31.71 -37.61
C THR B 68 32.37 32.88 -36.87
N TYR B 69 32.91 33.20 -35.69
CA TYR B 69 32.45 34.33 -34.90
C TYR B 69 32.97 35.64 -35.50
N SER B 70 32.85 36.73 -34.74
CA SER B 70 33.36 38.03 -35.19
C SER B 70 34.82 38.23 -34.85
N ASP B 71 35.31 37.58 -33.80
CA ASP B 71 36.68 37.78 -33.33
C ASP B 71 37.68 36.82 -33.98
N GLY B 72 37.26 36.08 -35.02
CA GLY B 72 38.13 35.14 -35.70
C GLY B 72 37.94 33.70 -35.30
N LEU B 73 37.56 33.45 -34.04
CA LEU B 73 37.35 32.10 -33.52
C LEU B 73 36.32 31.35 -34.37
N LYS B 74 36.62 30.09 -34.66
CA LYS B 74 35.80 29.29 -35.56
C LYS B 74 35.63 27.90 -34.96
N ILE B 75 34.38 27.43 -34.90
CA ILE B 75 34.07 26.10 -34.40
C ILE B 75 33.61 25.24 -35.56
N VAL B 76 34.27 24.11 -35.78
CA VAL B 76 33.95 23.20 -36.87
C VAL B 76 33.49 21.90 -36.25
N ILE B 77 32.27 21.47 -36.58
CA ILE B 77 31.74 20.21 -36.08
C ILE B 77 31.63 19.24 -37.24
N ARG B 78 32.27 18.08 -37.11
CA ARG B 78 32.30 17.11 -38.18
C ARG B 78 31.69 15.80 -37.71
N ARG B 79 30.96 15.15 -38.61
CA ARG B 79 30.29 13.87 -38.37
C ARG B 79 30.82 12.87 -39.39
N ASP B 80 31.39 11.78 -38.91
CA ASP B 80 31.94 10.74 -39.77
C ASP B 80 31.39 9.40 -39.33
N LYS B 81 31.40 8.44 -40.25
CA LYS B 81 31.00 7.08 -39.94
C LYS B 81 32.23 6.19 -40.09
N ILE B 82 32.76 5.73 -38.96
CA ILE B 82 33.95 4.89 -38.94
C ILE B 82 33.57 3.61 -38.22
N ASP B 83 33.78 2.48 -38.90
CA ASP B 83 33.53 1.12 -38.38
C ASP B 83 32.09 0.96 -37.91
N GLU B 84 31.15 1.49 -38.71
CA GLU B 84 29.71 1.51 -38.43
C GLU B 84 29.39 2.26 -37.13
N GLN B 85 30.25 3.19 -36.73
CA GLN B 85 30.01 4.02 -35.57
C GLN B 85 30.11 5.49 -35.96
N SER B 86 29.08 6.25 -35.61
CA SER B 86 29.04 7.69 -35.89
C SER B 86 29.91 8.43 -34.89
N PHE B 87 31.02 8.98 -35.37
CA PHE B 87 32.01 9.67 -34.56
C PHE B 87 31.96 11.15 -34.92
N ILE B 88 31.68 12.00 -33.94
CA ILE B 88 31.52 13.44 -34.17
C ILE B 88 32.58 14.19 -33.38
N SER B 89 33.25 15.14 -34.04
CA SER B 89 34.35 15.88 -33.44
C SER B 89 34.13 17.38 -33.55
N VAL B 90 34.41 18.06 -32.45
CA VAL B 90 34.32 19.52 -32.34
C VAL B 90 35.76 20.04 -32.39
N THR B 91 36.16 20.50 -33.58
CA THR B 91 37.48 21.04 -33.84
C THR B 91 37.46 22.55 -33.71
N LEU B 92 38.25 23.09 -32.79
CA LEU B 92 38.34 24.53 -32.65
C LEU B 92 39.46 25.04 -33.56
N SER B 93 39.71 26.35 -33.51
CA SER B 93 40.81 26.94 -34.26
C SER B 93 42.13 26.91 -33.51
N ASN B 94 42.13 26.54 -32.23
CA ASN B 94 43.35 26.42 -31.45
C ASN B 94 44.02 25.06 -31.61
N GLY B 95 43.42 24.15 -32.37
CA GLY B 95 43.92 22.80 -32.50
C GLY B 95 43.42 21.82 -31.46
N LYS B 96 42.70 22.28 -30.44
CA LYS B 96 42.16 21.40 -29.41
C LYS B 96 40.78 20.94 -29.86
N TYR B 97 40.65 19.65 -30.17
CA TYR B 97 39.41 19.11 -30.68
C TYR B 97 38.92 18.01 -29.75
N ILE B 98 37.65 18.05 -29.40
CA ILE B 98 37.03 17.01 -28.60
C ILE B 98 36.22 16.08 -29.50
N LYS B 99 36.50 14.78 -29.45
CA LYS B 99 35.76 13.82 -30.25
C LYS B 99 34.93 12.92 -29.34
N PHE B 100 33.73 12.57 -29.79
CA PHE B 100 32.85 11.71 -29.00
C PHE B 100 31.93 10.92 -29.90
N ALA B 101 31.39 9.84 -29.36
CA ALA B 101 30.49 8.95 -30.08
C ALA B 101 29.05 9.41 -29.94
N VAL B 102 28.27 9.17 -31.00
CA VAL B 102 26.86 9.52 -31.00
C VAL B 102 26.06 8.62 -30.06
N GLY B 103 26.35 7.31 -30.06
CA GLY B 103 25.66 6.40 -29.15
C GLY B 103 25.96 6.68 -27.70
N GLU B 104 27.16 7.18 -27.40
CA GLU B 104 27.50 7.57 -26.04
C GLU B 104 26.68 8.79 -25.62
N ALA B 105 26.52 9.75 -26.52
CA ALA B 105 25.69 10.92 -26.26
C ALA B 105 24.23 10.53 -26.05
N MET B 106 23.72 9.60 -26.86
CA MET B 106 22.36 9.10 -26.71
C MET B 106 22.16 8.46 -25.35
N ALA B 107 23.12 7.63 -24.93
CA ALA B 107 23.09 7.02 -23.61
C ALA B 107 23.12 8.07 -22.51
N THR B 108 23.95 9.11 -22.68
CA THR B 108 24.02 10.22 -21.71
C THR B 108 22.67 10.93 -21.58
N VAL B 109 22.06 11.28 -22.72
CA VAL B 109 20.77 11.98 -22.74
C VAL B 109 19.71 11.14 -22.04
N ARG B 110 19.63 9.85 -22.38
CA ARG B 110 18.70 8.94 -21.71
C ARG B 110 18.99 8.84 -20.22
N GLU B 111 20.28 8.83 -19.85
CA GLU B 111 20.71 8.75 -18.45
C GLU B 111 20.20 9.93 -17.61
N ILE B 112 20.31 11.16 -18.13
CA ILE B 112 19.90 12.34 -17.36
C ILE B 112 18.40 12.32 -17.05
N GLU B 113 17.57 11.97 -18.04
CA GLU B 113 16.10 11.84 -17.88
C GLU B 113 15.63 11.00 -16.70
N SER B 125 26.79 11.07 -18.12
CA SER B 125 27.14 12.18 -17.26
C SER B 125 28.58 12.62 -17.49
N MET B 126 29.49 11.64 -17.46
CA MET B 126 30.91 11.89 -17.62
C MET B 126 31.22 12.52 -18.98
N LEU B 127 30.52 12.07 -20.03
CA LEU B 127 30.66 12.68 -21.35
C LEU B 127 30.26 14.15 -21.31
N ALA B 128 29.12 14.44 -20.68
CA ALA B 128 28.65 15.82 -20.52
C ALA B 128 29.65 16.65 -19.72
N MET B 129 30.24 16.06 -18.68
CA MET B 129 31.32 16.72 -17.93
C MET B 129 32.51 17.02 -18.82
N ASP B 130 32.86 16.09 -19.71
CA ASP B 130 33.97 16.31 -20.65
C ASP B 130 33.67 17.48 -21.58
N ILE B 131 32.45 17.53 -22.14
CA ILE B 131 32.04 18.64 -23.01
C ILE B 131 32.08 19.96 -22.24
N ASP B 132 31.56 19.94 -21.00
CA ASP B 132 31.52 21.13 -20.16
C ASP B 132 32.92 21.64 -19.85
N LYS B 133 33.81 20.74 -19.43
CA LYS B 133 35.22 21.05 -19.20
C LYS B 133 35.87 21.65 -20.44
N PHE B 134 35.62 21.05 -21.61
CA PHE B 134 36.14 21.52 -22.89
C PHE B 134 35.72 22.96 -23.15
N VAL B 135 34.40 23.22 -23.22
CA VAL B 135 33.90 24.56 -23.51
C VAL B 135 34.32 25.56 -22.43
N LYS B 136 34.38 25.14 -21.17
CA LYS B 136 34.77 26.01 -20.08
C LYS B 136 36.22 26.47 -20.20
N GLU B 137 37.14 25.52 -20.41
CA GLU B 137 38.55 25.86 -20.52
C GLU B 137 38.85 26.69 -21.77
N ASN B 138 38.07 26.53 -22.83
CA ASN B 138 38.25 27.28 -24.06
C ASN B 138 37.39 28.53 -24.12
N GLU B 139 36.60 28.79 -23.07
CA GLU B 139 35.65 29.92 -22.96
C GLU B 139 34.74 30.03 -24.18
N LEU B 140 34.00 28.96 -24.44
CA LEU B 140 33.09 28.90 -25.58
C LEU B 140 31.66 29.26 -25.21
N GLN B 141 31.39 29.61 -23.96
CA GLN B 141 30.05 29.96 -23.50
C GLN B 141 29.99 31.33 -22.87
N LYS B 142 30.92 32.22 -23.23
CA LYS B 142 30.96 33.57 -22.65
C LYS B 142 29.70 34.35 -22.97
N VAL B 143 29.31 34.38 -24.24
CA VAL B 143 28.09 35.04 -24.66
C VAL B 143 27.03 33.98 -24.90
N ARG B 144 25.88 34.14 -24.26
CA ARG B 144 24.79 33.19 -24.37
C ARG B 144 23.77 33.66 -25.41
N ALA B 145 22.93 32.73 -25.83
CA ALA B 145 21.87 33.00 -26.80
C ALA B 145 20.54 32.58 -26.21
N SER B 146 19.57 33.48 -26.28
CA SER B 146 18.21 33.18 -25.85
C SER B 146 17.36 32.89 -27.08
N TYR B 147 16.62 31.79 -27.03
CA TYR B 147 15.84 31.29 -28.14
C TYR B 147 14.37 31.56 -27.88
N PHE B 148 13.73 32.32 -28.76
CA PHE B 148 12.31 32.59 -28.71
C PHE B 148 11.67 31.65 -29.71
N PRO B 149 11.08 30.55 -29.27
CA PRO B 149 10.64 29.51 -30.21
C PRO B 149 9.38 29.92 -30.96
N ALA B 150 9.21 29.29 -32.13
CA ALA B 150 8.02 29.50 -32.93
C ALA B 150 6.82 28.72 -32.41
N PHE B 151 7.03 27.74 -31.54
CA PHE B 151 5.94 26.97 -30.94
C PHE B 151 5.59 27.48 -29.56
N ARG B 152 5.70 28.79 -29.31
CA ARG B 152 5.48 29.31 -27.97
C ARG B 152 4.02 29.29 -27.54
N THR B 153 3.10 29.02 -28.46
CA THR B 153 1.71 28.80 -28.05
C THR B 153 1.58 27.49 -27.29
N MET B 154 2.45 26.52 -27.53
CA MET B 154 2.42 25.27 -26.77
C MET B 154 2.87 25.49 -25.34
N LEU B 155 3.71 26.50 -25.10
CA LEU B 155 4.24 26.73 -23.76
C LEU B 155 3.15 27.22 -22.82
N GLU B 156 2.13 27.88 -23.36
CA GLU B 156 0.95 28.18 -22.56
C GLU B 156 0.20 26.90 -22.22
N ALA B 157 0.18 25.94 -23.14
CA ALA B 157 -0.57 24.71 -22.91
C ALA B 157 0.14 23.79 -21.92
N TRP B 158 1.45 23.89 -21.82
CA TRP B 158 2.19 23.03 -20.89
C TRP B 158 2.23 23.57 -19.47
N SER B 159 1.58 24.70 -19.19
CA SER B 159 1.56 25.23 -17.83
C SER B 159 0.41 24.65 -17.04
N TYR B 176 10.29 30.46 -15.90
CA TYR B 176 10.59 29.42 -16.86
C TYR B 176 10.50 28.04 -16.22
N ASN B 177 9.94 27.09 -16.95
CA ASN B 177 9.85 25.69 -16.51
C ASN B 177 10.85 24.85 -17.29
N ARG B 178 11.04 23.61 -16.83
CA ARG B 178 12.05 22.74 -17.41
C ARG B 178 11.49 21.51 -18.12
N LYS B 179 10.26 21.11 -17.82
CA LYS B 179 9.66 19.95 -18.49
C LYS B 179 9.22 20.27 -19.92
N ALA B 180 9.09 21.57 -20.23
CA ALA B 180 8.68 21.99 -21.56
C ALA B 180 9.72 21.63 -22.60
N SER B 181 11.00 21.71 -22.24
CA SER B 181 12.06 21.30 -23.16
C SER B 181 11.98 19.82 -23.47
N ALA B 182 11.67 18.99 -22.46
CA ALA B 182 11.52 17.56 -22.68
C ALA B 182 10.33 17.25 -23.58
N PHE B 183 9.20 17.95 -23.37
CA PHE B 183 8.02 17.71 -24.20
C PHE B 183 8.25 18.16 -25.65
N ALA B 184 8.90 19.31 -25.82
CA ALA B 184 9.17 19.81 -27.16
C ALA B 184 10.20 18.96 -27.88
N ARG B 185 11.15 18.39 -27.16
CA ARG B 185 12.07 17.45 -27.78
C ARG B 185 11.39 16.14 -28.09
N GLU B 186 10.38 15.75 -27.32
CA GLU B 186 9.62 14.55 -27.63
C GLU B 186 8.84 14.70 -28.93
N LEU B 187 8.20 15.85 -29.14
CA LEU B 187 7.42 16.02 -30.35
C LEU B 187 8.13 16.84 -31.42
N PHE B 188 9.43 17.06 -31.29
CA PHE B 188 10.21 17.74 -32.32
C PHE B 188 11.55 17.09 -32.62
N GLY B 189 12.00 16.13 -31.82
CA GLY B 189 13.33 15.58 -31.97
C GLY B 189 14.29 16.14 -30.92
N GLN B 190 15.33 15.37 -30.64
CA GLN B 190 16.21 15.72 -29.54
C GLN B 190 17.23 16.78 -29.90
N PHE B 191 17.25 17.25 -31.16
CA PHE B 191 18.14 18.33 -31.56
C PHE B 191 17.74 19.68 -30.99
N LEU B 192 16.52 19.81 -30.46
CA LEU B 192 16.00 21.10 -30.02
C LEU B 192 16.78 21.64 -28.83
N PRO B 193 17.14 22.93 -28.83
CA PRO B 193 17.88 23.51 -27.71
C PRO B 193 16.99 23.67 -26.49
N SER B 194 17.61 24.05 -25.39
CA SER B 194 16.89 24.24 -24.14
C SER B 194 15.94 25.42 -24.24
N ILE B 195 14.75 25.25 -23.67
CA ILE B 195 13.68 26.22 -23.78
C ILE B 195 13.49 26.90 -22.44
N ASN B 196 13.67 28.22 -22.42
CA ASN B 196 13.39 29.04 -21.24
C ASN B 196 12.58 30.23 -21.76
N TYR B 197 11.27 30.05 -21.84
CA TYR B 197 10.41 31.07 -22.40
C TYR B 197 9.12 31.06 -21.58
N PRO B 198 8.67 32.23 -21.14
CA PRO B 198 7.53 32.27 -20.23
C PRO B 198 6.21 32.06 -20.97
N SER B 199 5.20 31.76 -20.18
CA SER B 199 3.83 31.54 -20.60
C SER B 199 2.96 32.70 -20.13
N PRO B 200 1.82 32.97 -20.77
CA PRO B 200 0.96 34.09 -20.33
C PRO B 200 0.33 33.92 -18.96
N MET B 201 0.60 32.84 -18.26
CA MET B 201 0.20 32.64 -16.89
C MET B 201 1.37 32.80 -15.93
N GLU B 202 2.58 32.42 -16.37
CA GLU B 202 3.76 32.60 -15.54
C GLU B 202 4.16 34.07 -15.41
N ILE B 203 3.96 34.87 -16.46
CA ILE B 203 4.29 36.29 -16.39
C ILE B 203 3.43 37.00 -15.34
N GLU B 204 2.17 36.58 -15.19
CA GLU B 204 1.30 37.14 -14.16
C GLU B 204 1.88 36.91 -12.76
N ASP B 205 2.28 35.67 -12.48
CA ASP B 205 2.89 35.33 -11.20
C ASP B 205 4.18 36.10 -10.99
N ARG B 206 5.02 36.15 -12.03
CA ARG B 206 6.29 36.87 -11.95
C ARG B 206 6.09 38.35 -11.67
N LEU B 207 5.10 38.97 -12.33
CA LEU B 207 4.79 40.37 -12.09
C LEU B 207 4.31 40.59 -10.66
N ARG B 208 3.48 39.67 -10.16
CA ARG B 208 3.02 39.77 -8.78
C ARG B 208 4.18 39.70 -7.79
N GLU B 209 5.13 38.78 -8.04
CA GLU B 209 6.34 38.70 -7.23
C GLU B 209 7.14 39.99 -7.29
N GLU B 210 7.30 40.56 -8.49
CA GLU B 210 8.04 41.80 -8.64
C GLU B 210 7.40 42.95 -7.87
N ILE B 211 6.07 43.04 -7.92
CA ILE B 211 5.36 44.08 -7.17
C ILE B 211 5.58 43.91 -5.67
N ARG B 212 5.40 42.69 -5.16
CA ARG B 212 5.58 42.44 -3.73
C ARG B 212 7.02 42.73 -3.29
N ARG B 213 8.01 42.22 -4.04
CA ARG B 213 9.42 42.49 -3.73
C ARG B 213 9.74 43.99 -3.80
N ALA B 214 9.16 44.71 -4.75
CA ALA B 214 9.35 46.16 -4.83
C ALA B 214 8.81 46.86 -3.58
N GLN B 215 7.60 46.46 -3.15
CA GLN B 215 7.04 46.99 -1.89
C GLN B 215 7.95 46.71 -0.71
N LEU B 216 8.49 45.49 -0.63
CA LEU B 216 9.40 45.12 0.46
C LEU B 216 10.66 45.96 0.43
N GLY B 217 11.21 46.21 -0.76
CA GLY B 217 12.37 47.08 -0.87
C GLY B 217 12.09 48.52 -0.50
N ILE B 218 10.89 49.01 -0.85
CA ILE B 218 10.49 50.37 -0.46
C ILE B 218 10.35 50.47 1.06
N ALA B 219 9.78 49.44 1.69
CA ALA B 219 9.69 49.44 3.14
C ALA B 219 11.06 49.36 3.81
N ALA B 220 11.99 48.59 3.22
CA ALA B 220 13.35 48.54 3.72
C ALA B 220 14.04 49.88 3.62
N TYR B 221 13.83 50.58 2.51
CA TYR B 221 14.39 51.92 2.36
C TYR B 221 13.77 52.90 3.32
N GLU B 222 12.48 52.75 3.62
CA GLU B 222 11.84 53.62 4.60
C GLU B 222 12.39 53.40 6.00
N SER B 223 12.63 52.14 6.38
CA SER B 223 13.19 51.85 7.70
C SER B 223 14.63 52.37 7.82
N ARG B 224 15.42 52.18 6.76
CA ARG B 224 16.79 52.71 6.76
C ARG B 224 16.79 54.23 6.74
N THR B 225 15.83 54.84 6.05
CA THR B 225 15.69 56.28 6.02
C THR B 225 15.35 56.82 7.41
N PHE B 226 14.48 56.14 8.13
CA PHE B 226 14.15 56.57 9.50
C PHE B 226 15.35 56.43 10.43
N SER B 227 16.09 55.32 10.31
CA SER B 227 17.25 55.10 11.17
C SER B 227 18.35 56.12 10.91
N GLU B 228 18.59 56.47 9.65
CA GLU B 228 19.58 57.50 9.39
C GLU B 228 19.06 58.90 9.70
N SER B 229 17.76 59.13 9.48
CA SER B 229 17.21 60.46 9.64
C SER B 229 17.18 60.87 11.09
N PHE B 230 16.84 59.94 12.00
CA PHE B 230 16.76 60.24 13.43
C PHE B 230 18.06 60.85 13.97
N VAL B 231 19.19 60.19 13.70
CA VAL B 231 20.47 60.74 14.12
C VAL B 231 20.83 61.98 13.30
N LYS B 232 20.49 62.00 12.01
CA LYS B 232 20.86 63.12 11.14
C LYS B 232 20.16 64.43 11.52
N VAL B 233 18.84 64.39 11.74
CA VAL B 233 18.00 65.55 12.05
C VAL B 233 18.42 66.26 13.34
N PHE B 234 19.18 65.57 14.21
CA PHE B 234 19.69 66.14 15.45
C PHE B 234 20.51 67.41 15.19
N SER B 235 21.25 67.43 14.08
CA SER B 235 22.05 68.57 13.62
C SER B 235 22.96 69.23 14.66
N THR B 248 12.30 80.53 5.87
CA THR B 248 12.47 79.82 4.62
C THR B 248 11.20 79.06 4.25
N GLY B 249 10.16 79.81 3.91
CA GLY B 249 8.87 79.25 3.52
C GLY B 249 8.91 78.41 2.25
N GLU B 250 9.91 78.62 1.39
CA GLU B 250 10.08 77.82 0.19
C GLU B 250 10.31 76.34 0.53
N LEU B 251 11.07 76.08 1.61
CA LEU B 251 11.28 74.71 2.06
C LEU B 251 9.97 74.06 2.48
N LEU B 252 9.14 74.80 3.24
CA LEU B 252 7.82 74.31 3.63
C LEU B 252 6.93 74.05 2.42
N LYS B 253 6.96 74.96 1.45
CA LYS B 253 6.27 74.80 0.17
C LYS B 253 6.66 73.50 -0.52
N GLU B 254 7.97 73.33 -0.79
CA GLU B 254 8.51 72.11 -1.37
C GLU B 254 8.13 70.85 -0.60
N ILE B 255 8.12 70.94 0.74
CA ILE B 255 7.72 69.79 1.57
C ILE B 255 6.24 69.48 1.38
N GLU B 256 5.41 70.52 1.26
CA GLU B 256 3.98 70.33 1.00
C GLU B 256 3.76 69.69 -0.36
N GLY B 257 4.51 70.14 -1.37
CA GLY B 257 4.40 69.54 -2.69
C GLY B 257 4.87 68.11 -2.74
N LEU B 258 5.91 67.78 -1.96
CA LEU B 258 6.40 66.41 -1.91
C LEU B 258 5.42 65.50 -1.18
N ALA B 259 4.82 65.99 -0.10
CA ALA B 259 3.90 65.18 0.70
C ALA B 259 2.48 65.16 0.14
N ILE B 260 2.17 66.01 -0.84
CA ILE B 260 0.83 66.02 -1.41
C ILE B 260 0.57 64.75 -2.23
N ALA B 261 1.59 64.26 -2.92
CA ALA B 261 1.44 63.05 -3.73
C ALA B 261 1.37 61.79 -2.87
N ILE B 266 -1.76 53.87 -4.01
CA ILE B 266 -0.92 54.21 -5.15
C ILE B 266 0.32 53.31 -5.16
N LYS B 267 1.47 53.90 -4.84
CA LYS B 267 2.74 53.19 -4.75
C LYS B 267 3.22 53.33 -3.32
N ASN B 268 2.79 52.43 -2.46
CA ASN B 268 3.07 52.50 -1.03
C ASN B 268 3.92 51.33 -0.59
N GLY B 269 4.59 51.51 0.54
CA GLY B 269 5.43 50.47 1.08
C GLY B 269 4.63 49.34 1.68
N TYR B 270 5.35 48.28 2.05
CA TYR B 270 4.70 47.09 2.57
C TYR B 270 4.20 47.27 3.99
N TYR B 271 4.82 48.15 4.75
CA TYR B 271 4.42 48.40 6.13
C TYR B 271 3.44 49.56 6.17
N ALA B 272 2.22 49.31 6.65
CA ALA B 272 1.19 50.33 6.67
C ALA B 272 1.46 51.42 7.70
N GLU B 273 2.26 51.14 8.72
CA GLU B 273 2.58 52.14 9.72
C GLU B 273 3.41 53.28 9.13
N TYR B 274 4.26 52.98 8.15
CA TYR B 274 5.01 54.03 7.49
C TYR B 274 4.11 54.89 6.62
N SER B 275 3.08 54.29 6.01
CA SER B 275 2.09 55.07 5.28
C SER B 275 1.30 55.97 6.22
N LYS B 276 0.99 55.47 7.42
CA LYS B 276 0.35 56.31 8.43
C LYS B 276 1.28 57.44 8.89
N VAL B 277 2.57 57.16 8.95
CA VAL B 277 3.57 58.18 9.28
C VAL B 277 3.57 59.29 8.24
N TYR B 278 3.56 58.92 6.96
CA TYR B 278 3.58 59.93 5.90
C TYR B 278 2.26 60.69 5.81
N GLU B 279 1.14 60.03 6.09
CA GLU B 279 -0.13 60.73 6.15
C GLU B 279 -0.18 61.71 7.32
N GLU B 280 0.42 61.33 8.45
CA GLU B 280 0.53 62.25 9.57
C GLU B 280 1.42 63.44 9.24
N ILE B 281 2.48 63.20 8.45
CA ILE B 281 3.34 64.29 7.99
C ILE B 281 2.55 65.25 7.11
N ARG B 282 1.72 64.71 6.21
CA ARG B 282 0.89 65.57 5.35
C ARG B 282 -0.13 66.34 6.15
N SER B 283 -0.71 65.72 7.18
CA SER B 283 -1.68 66.40 8.03
C SER B 283 -1.02 67.50 8.86
N LEU B 284 0.21 67.26 9.32
CA LEU B 284 0.93 68.28 10.06
C LEU B 284 1.36 69.42 9.15
N ILE B 285 1.61 69.13 7.87
CA ILE B 285 1.87 70.18 6.90
C ILE B 285 0.61 71.03 6.70
N ASN B 286 -0.56 70.38 6.62
CA ASN B 286 -1.81 71.12 6.54
C ASN B 286 -2.11 71.86 7.83
N ARG B 287 -1.69 71.32 8.97
CA ARG B 287 -1.88 71.99 10.25
C ARG B 287 -0.73 72.95 10.53
N SER B 296 17.14 79.63 11.59
CA SER B 296 16.13 79.33 12.59
C SER B 296 16.04 77.82 12.84
N VAL B 297 15.01 77.20 12.27
CA VAL B 297 14.79 75.77 12.41
C VAL B 297 14.88 75.06 11.05
N SER B 298 15.54 75.70 10.08
CA SER B 298 15.60 75.15 8.73
C SER B 298 16.54 73.95 8.61
N GLY B 299 17.42 73.75 9.60
CA GLY B 299 18.34 72.63 9.53
C GLY B 299 17.65 71.29 9.60
N ALA B 300 16.60 71.19 10.42
CA ALA B 300 15.79 69.98 10.42
C ALA B 300 14.94 69.87 9.17
N LEU B 301 14.48 71.00 8.65
CA LEU B 301 13.60 71.00 7.50
C LEU B 301 14.32 70.57 6.23
N VAL B 302 15.62 70.86 6.14
CA VAL B 302 16.43 70.38 5.02
C VAL B 302 16.48 68.85 5.02
N VAL B 303 16.67 68.25 6.19
CA VAL B 303 16.72 66.80 6.30
C VAL B 303 15.37 66.19 6.00
N TYR B 304 14.28 66.85 6.44
CA TYR B 304 12.94 66.36 6.14
C TYR B 304 12.65 66.40 4.63
N ARG B 305 13.03 67.50 3.97
CA ARG B 305 12.85 67.63 2.53
C ARG B 305 13.66 66.59 1.77
N ASP B 306 14.91 66.37 2.20
CA ASP B 306 15.76 65.39 1.54
C ASP B 306 15.24 63.97 1.74
N ALA B 307 14.70 63.67 2.92
CA ALA B 307 14.13 62.37 3.18
C ALA B 307 12.90 62.11 2.33
N LEU B 308 12.03 63.11 2.19
CA LEU B 308 10.84 62.95 1.35
C LEU B 308 11.20 62.81 -0.12
N ARG B 309 12.17 63.62 -0.59
CA ARG B 309 12.60 63.54 -1.99
C ARG B 309 13.26 62.20 -2.29
N ASP B 310 14.08 61.69 -1.37
CA ASP B 310 14.71 60.41 -1.59
C ASP B 310 13.72 59.26 -1.48
N ARG B 311 12.69 59.41 -0.64
CA ARG B 311 11.62 58.42 -0.58
C ARG B 311 10.88 58.34 -1.91
N GLN B 312 10.56 59.49 -2.51
CA GLN B 312 9.87 59.47 -3.79
C GLN B 312 10.77 58.96 -4.91
N ASP B 313 12.06 59.31 -4.87
CA ASP B 313 12.98 58.84 -5.90
C ASP B 313 13.22 57.34 -5.82
N TYR B 314 13.33 56.79 -4.61
CA TYR B 314 13.48 55.34 -4.50
C TYR B 314 12.19 54.62 -4.85
N GLN B 315 11.04 55.27 -4.60
CA GLN B 315 9.77 54.70 -5.03
C GLN B 315 9.69 54.62 -6.55
N GLU B 316 10.17 55.66 -7.24
CA GLU B 316 10.17 55.63 -8.69
C GLU B 316 11.22 54.68 -9.25
N LYS B 317 12.35 54.53 -8.55
CA LYS B 317 13.41 53.66 -9.05
C LYS B 317 13.07 52.19 -8.86
N ALA B 318 12.38 51.84 -7.77
CA ALA B 318 12.05 50.44 -7.53
C ALA B 318 10.98 49.94 -8.48
N PHE B 319 10.15 50.82 -9.01
CA PHE B 319 9.11 50.48 -9.97
C PHE B 319 9.52 50.75 -11.41
N SER B 320 10.82 50.80 -11.70
CA SER B 320 11.25 51.21 -13.03
C SER B 320 10.98 50.11 -14.07
N GLU B 321 11.31 48.86 -13.73
CA GLU B 321 11.17 47.78 -14.71
C GLU B 321 9.71 47.47 -14.99
N ILE B 322 8.87 47.47 -13.96
CA ILE B 322 7.46 47.17 -14.16
C ILE B 322 6.78 48.27 -14.95
N ASP B 323 7.12 49.53 -14.67
CA ASP B 323 6.53 50.63 -15.43
C ASP B 323 7.03 50.65 -16.87
N ASN B 324 8.30 50.29 -17.10
CA ASN B 324 8.79 50.20 -18.47
C ASN B 324 8.12 49.08 -19.25
N TYR B 325 7.91 47.93 -18.61
CA TYR B 325 7.21 46.83 -19.27
C TYR B 325 5.75 47.16 -19.53
N MET B 326 5.09 47.81 -18.57
CA MET B 326 3.69 48.21 -18.76
C MET B 326 3.55 49.26 -19.84
N SER B 327 4.51 50.20 -19.93
CA SER B 327 4.46 51.19 -20.99
C SER B 327 4.70 50.56 -22.35
N SER B 328 5.63 49.60 -22.43
CA SER B 328 5.90 48.92 -23.70
C SER B 328 4.71 48.10 -24.17
N VAL B 329 4.00 47.45 -23.24
CA VAL B 329 2.80 46.71 -23.63
C VAL B 329 1.68 47.66 -24.02
N ASN B 330 1.45 48.70 -23.20
CA ASN B 330 0.33 49.60 -23.43
C ASN B 330 0.54 50.53 -24.60
N SER B 331 1.75 50.63 -25.14
CA SER B 331 1.93 51.33 -26.41
C SER B 331 1.24 50.57 -27.55
N PHE B 332 1.27 49.23 -27.49
CA PHE B 332 0.64 48.43 -28.53
C PHE B 332 -0.88 48.45 -28.44
N LEU B 333 -1.42 48.32 -27.24
CA LEU B 333 -2.84 48.03 -27.07
C LEU B 333 -3.69 49.25 -27.37
N GLU B 334 -4.86 49.00 -27.95
CA GLU B 334 -5.82 50.04 -28.29
C GLU B 334 -7.17 49.75 -27.65
N ASP B 335 -7.78 50.78 -27.09
CA ASP B 335 -9.05 50.73 -26.34
C ASP B 335 -8.99 49.76 -25.16
N LYS B 336 -7.81 49.58 -24.58
CA LYS B 336 -7.55 48.65 -23.51
C LYS B 336 -6.21 49.01 -22.89
N GLU B 337 -6.07 48.84 -21.58
CA GLU B 337 -4.85 49.26 -20.93
C GLU B 337 -4.47 48.20 -19.90
N MET B 338 -3.18 47.93 -19.75
CA MET B 338 -2.73 46.96 -18.76
C MET B 338 -2.16 47.71 -17.57
N ALA B 339 -2.57 47.31 -16.36
CA ALA B 339 -2.10 48.00 -15.17
C ALA B 339 -2.03 47.02 -14.00
N TYR B 340 -1.68 47.57 -12.84
CA TYR B 340 -1.46 46.76 -11.65
C TYR B 340 -2.05 47.42 -10.40
N ASP B 341 -3.15 48.14 -10.56
CA ASP B 341 -3.75 48.86 -9.44
C ASP B 341 -4.33 47.88 -8.41
N PHE B 342 -4.18 48.23 -7.14
CA PHE B 342 -4.58 47.34 -6.05
C PHE B 342 -6.07 47.39 -5.80
N TYR B 348 -2.96 43.54 -1.11
CA TYR B 348 -2.75 42.45 -2.07
C TYR B 348 -2.51 42.98 -3.48
N PRO B 349 -1.42 42.56 -4.10
CA PRO B 349 -1.16 42.97 -5.49
C PRO B 349 -2.09 42.24 -6.45
N LYS B 350 -2.41 42.92 -7.55
CA LYS B 350 -3.30 42.38 -8.57
C LYS B 350 -2.98 43.03 -9.91
N VAL B 351 -2.56 42.21 -10.87
CA VAL B 351 -2.19 42.67 -12.21
C VAL B 351 -3.29 42.30 -13.17
N GLY B 352 -3.77 43.26 -13.93
CA GLY B 352 -4.83 42.98 -14.85
C GLY B 352 -4.98 44.04 -15.91
N LEU B 353 -6.16 44.09 -16.52
CA LEU B 353 -6.45 45.03 -17.59
C LEU B 353 -7.54 45.99 -17.16
N LYS B 354 -7.27 47.26 -17.35
CA LYS B 354 -8.17 48.37 -17.06
C LYS B 354 -8.69 48.89 -18.38
N PHE B 355 -9.99 48.72 -18.60
CA PHE B 355 -10.64 49.31 -19.74
C PHE B 355 -10.79 50.81 -19.50
N PRO B 356 -10.93 51.61 -20.56
CA PRO B 356 -11.20 53.05 -20.36
C PRO B 356 -12.54 53.35 -19.71
N ASP B 357 -13.49 52.40 -19.70
CA ASP B 357 -14.72 52.57 -18.95
C ASP B 357 -14.55 52.38 -17.45
N GLY B 358 -13.37 51.95 -16.99
CA GLY B 358 -13.10 51.78 -15.58
C GLY B 358 -13.31 50.38 -15.05
N SER B 359 -13.81 49.46 -15.85
CA SER B 359 -13.98 48.09 -15.39
C SER B 359 -12.63 47.39 -15.30
N TRP B 360 -12.58 46.35 -14.49
CA TRP B 360 -11.35 45.62 -14.23
C TRP B 360 -11.56 44.16 -14.60
N SER B 361 -10.67 43.63 -15.44
CA SER B 361 -10.79 42.27 -15.95
C SER B 361 -9.46 41.55 -15.82
N PRO B 362 -9.48 40.22 -15.67
CA PRO B 362 -8.21 39.50 -15.56
C PRO B 362 -7.48 39.37 -16.88
N ILE B 363 -6.34 38.67 -16.83
CA ILE B 363 -5.46 38.56 -18.00
C ILE B 363 -5.86 37.40 -18.92
N ARG B 364 -6.93 36.70 -18.58
CA ARG B 364 -7.46 35.64 -19.44
C ARG B 364 -8.11 36.19 -20.70
N VAL B 365 -8.58 37.44 -20.65
CA VAL B 365 -9.41 38.00 -21.70
C VAL B 365 -8.63 38.50 -22.90
N LEU B 366 -7.31 38.41 -22.89
CA LEU B 366 -6.54 38.89 -24.02
C LEU B 366 -6.66 37.94 -25.19
N SER B 367 -6.57 38.49 -26.39
CA SER B 367 -6.66 37.70 -27.62
C SER B 367 -5.33 37.02 -27.90
N SER B 368 -5.21 36.41 -29.07
CA SER B 368 -3.98 35.70 -29.42
C SER B 368 -2.82 36.66 -29.65
N GLY B 369 -3.07 37.80 -30.31
CA GLY B 369 -2.01 38.75 -30.54
C GLY B 369 -1.53 39.41 -29.27
N GLU B 370 -2.44 39.71 -28.36
CA GLU B 370 -2.05 40.30 -27.10
C GLU B 370 -1.30 39.29 -26.23
N ARG B 371 -1.66 38.01 -26.30
CA ARG B 371 -0.89 36.98 -25.62
C ARG B 371 0.51 36.86 -26.20
N GLN B 372 0.62 36.97 -27.52
CA GLN B 372 1.93 36.91 -28.16
C GLN B 372 2.79 38.11 -27.77
N LEU B 373 2.17 39.29 -27.66
CA LEU B 373 2.90 40.47 -27.24
C LEU B 373 3.31 40.38 -25.77
N LEU B 374 2.48 39.76 -24.93
CA LEU B 374 2.86 39.62 -23.53
C LEU B 374 4.00 38.63 -23.37
N THR B 375 3.95 37.51 -24.07
CA THR B 375 5.06 36.56 -23.98
C THR B 375 6.30 37.06 -24.68
N MET B 376 6.16 37.97 -25.64
CA MET B 376 7.34 38.40 -26.38
C MET B 376 8.01 39.61 -25.75
N LEU B 377 7.23 40.56 -25.24
CA LEU B 377 7.83 41.74 -24.65
C LEU B 377 8.32 41.49 -23.23
N TYR B 378 7.92 40.39 -22.59
CA TYR B 378 8.41 40.15 -21.25
C TYR B 378 9.76 39.46 -21.27
N ALA B 379 9.93 38.45 -22.13
CA ALA B 379 11.21 37.78 -22.23
C ALA B 379 12.26 38.65 -22.89
N ALA B 380 11.84 39.65 -23.67
CA ALA B 380 12.80 40.60 -24.22
C ALA B 380 13.38 41.49 -23.13
N SER B 381 12.57 41.84 -22.12
CA SER B 381 13.08 42.68 -21.04
C SER B 381 14.03 41.92 -20.14
N LYS B 382 13.68 40.68 -19.77
CA LYS B 382 14.51 39.89 -18.86
C LYS B 382 15.59 39.15 -19.65
N MET B 383 16.54 39.93 -20.16
CA MET B 383 17.65 39.37 -20.92
C MET B 383 18.98 39.61 -20.24
N ALA B 387 24.22 39.35 -24.88
CA ALA B 387 23.67 38.08 -25.34
C ALA B 387 23.17 38.20 -26.77
N ILE B 388 22.75 37.08 -27.35
CA ILE B 388 22.23 37.03 -28.72
C ILE B 388 20.80 36.54 -28.65
N VAL B 389 19.88 37.31 -29.20
CA VAL B 389 18.46 36.96 -29.21
C VAL B 389 18.11 36.35 -30.55
N LEU B 390 17.65 35.11 -30.53
CA LEU B 390 17.23 34.36 -31.71
C LEU B 390 15.72 34.23 -31.67
N ILE B 391 15.01 34.99 -32.48
CA ILE B 391 13.55 34.98 -32.49
C ILE B 391 13.08 34.21 -33.71
N ASP B 392 12.19 33.26 -33.50
CA ASP B 392 11.63 32.46 -34.56
C ASP B 392 10.16 32.80 -34.72
N GLU B 393 9.81 33.33 -35.89
CA GLU B 393 8.46 33.69 -36.33
C GLU B 393 7.73 34.61 -35.37
N PRO B 394 8.07 35.90 -35.32
CA PRO B 394 7.35 36.82 -34.43
C PRO B 394 6.04 37.33 -35.01
N GLU B 395 5.60 36.86 -36.17
CA GLU B 395 4.41 37.39 -36.81
C GLU B 395 3.17 36.53 -36.57
N ILE B 396 3.22 35.62 -35.61
CA ILE B 396 2.10 34.72 -35.38
C ILE B 396 0.94 35.49 -34.78
N SER B 397 -0.18 35.51 -35.48
CA SER B 397 -1.45 36.11 -35.05
C SER B 397 -1.32 37.60 -34.76
N LEU B 398 -0.63 38.33 -35.63
CA LEU B 398 -0.51 39.77 -35.50
C LEU B 398 -0.94 40.41 -36.81
N HIS B 399 -1.70 41.50 -36.72
CA HIS B 399 -2.09 42.18 -37.94
C HIS B 399 -0.94 43.07 -38.42
N ILE B 400 -1.19 43.81 -39.52
CA ILE B 400 -0.13 44.47 -40.26
C ILE B 400 0.44 45.64 -39.45
N ASP B 401 -0.40 46.37 -38.73
CA ASP B 401 0.04 47.55 -38.00
C ASP B 401 1.00 47.19 -36.87
N TRP B 402 0.73 46.09 -36.18
CA TRP B 402 1.65 45.66 -35.13
C TRP B 402 2.89 45.01 -35.71
N GLN B 403 2.76 44.38 -36.88
CA GLN B 403 3.93 43.76 -37.51
C GLN B 403 4.91 44.81 -38.02
N GLU B 404 4.41 45.98 -38.40
CA GLU B 404 5.29 47.04 -38.87
C GLU B 404 6.03 47.75 -37.74
N ASP B 405 5.67 47.51 -36.49
CA ASP B 405 6.28 48.22 -35.38
C ASP B 405 6.89 47.32 -34.32
N LEU B 406 6.64 46.00 -34.37
CA LEU B 406 7.12 45.09 -33.34
C LEU B 406 8.63 45.03 -33.28
N LEU B 407 9.29 45.04 -34.44
CA LEU B 407 10.74 45.01 -34.45
C LEU B 407 11.34 46.30 -33.90
N LYS B 408 10.71 47.44 -34.18
CA LYS B 408 11.17 48.71 -33.62
C LYS B 408 11.00 48.75 -32.11
N ARG B 409 9.87 48.27 -31.60
CA ARG B 409 9.65 48.25 -30.15
C ARG B 409 10.61 47.30 -29.44
N MET B 410 10.87 46.15 -30.04
CA MET B 410 11.79 45.21 -29.40
C MET B 410 13.23 45.66 -29.52
N LEU B 411 13.56 46.44 -30.58
CA LEU B 411 14.88 47.03 -30.64
C LEU B 411 15.04 48.15 -29.61
N SER B 412 13.94 48.83 -29.28
CA SER B 412 13.97 49.74 -28.14
C SER B 412 14.17 48.96 -26.84
N GLN B 413 13.59 47.77 -26.75
CA GLN B 413 13.82 46.93 -25.58
C GLN B 413 15.22 46.33 -25.58
N LEU B 414 15.71 45.90 -26.73
CA LEU B 414 16.99 45.19 -26.83
C LEU B 414 17.98 46.04 -27.58
N SER B 415 18.91 46.65 -26.85
CA SER B 415 19.98 47.44 -27.44
C SER B 415 21.33 46.83 -27.05
N GLY B 416 22.28 46.92 -27.98
CA GLY B 416 23.59 46.37 -27.73
C GLY B 416 23.66 44.86 -27.78
N ARG B 417 22.70 44.21 -28.43
CA ARG B 417 22.65 42.76 -28.54
C ARG B 417 22.36 42.37 -29.98
N GLN B 418 22.94 41.24 -30.40
CA GLN B 418 22.72 40.75 -31.75
C GLN B 418 21.36 40.10 -31.84
N ILE B 419 20.57 40.52 -32.83
CA ILE B 419 19.21 40.05 -33.03
C ILE B 419 19.17 39.29 -34.34
N ILE B 420 18.69 38.05 -34.29
CA ILE B 420 18.46 37.25 -35.49
C ILE B 420 17.02 36.79 -35.44
N VAL B 421 16.20 37.28 -36.37
CA VAL B 421 14.80 36.88 -36.43
C VAL B 421 14.57 36.17 -37.74
N CYS B 422 13.57 35.29 -37.74
CA CYS B 422 13.16 34.60 -38.97
C CYS B 422 11.67 34.82 -39.18
N THR B 423 11.29 35.31 -40.35
CA THR B 423 9.90 35.64 -40.61
C THR B 423 9.44 35.11 -41.95
N HIS B 424 8.14 34.90 -42.07
CA HIS B 424 7.51 34.58 -43.35
C HIS B 424 6.83 35.78 -43.99
N SER B 425 6.31 36.68 -43.20
CA SER B 425 5.74 37.91 -43.73
C SER B 425 6.81 38.99 -43.78
N PRO B 426 6.92 39.77 -44.86
CA PRO B 426 7.93 40.83 -44.91
C PRO B 426 7.54 42.09 -44.16
N SER B 427 6.38 42.11 -43.52
CA SER B 427 5.98 43.28 -42.75
C SER B 427 6.78 43.44 -41.48
N ILE B 428 7.43 42.37 -41.02
CA ILE B 428 8.40 42.51 -39.93
C ILE B 428 9.61 43.28 -40.41
N ALA B 429 9.98 43.10 -41.68
CA ALA B 429 11.25 43.64 -42.17
C ALA B 429 11.20 45.13 -42.46
N THR B 430 10.03 45.77 -42.37
CA THR B 430 9.94 47.19 -42.68
C THR B 430 10.59 48.03 -41.60
N GLY B 431 11.05 49.22 -42.00
CA GLY B 431 11.83 50.09 -41.14
C GLY B 431 13.30 49.74 -41.01
N TYR B 432 13.66 48.48 -41.24
CA TYR B 432 15.04 48.01 -41.20
C TYR B 432 15.30 47.11 -42.39
N GLU B 433 14.86 47.58 -43.56
CA GLU B 433 14.84 46.77 -44.78
C GLU B 433 16.22 46.51 -45.36
N ASP B 434 17.24 47.25 -44.92
CA ASP B 434 18.60 47.03 -45.40
C ASP B 434 19.27 45.83 -44.74
N PHE B 435 18.66 45.26 -43.71
CA PHE B 435 19.22 44.12 -43.00
C PHE B 435 18.60 42.79 -43.42
N MET B 436 17.79 42.78 -44.48
CA MET B 436 17.15 41.54 -44.91
C MET B 436 18.17 40.59 -45.53
N ILE B 437 18.08 39.32 -45.17
CA ILE B 437 18.92 38.27 -45.73
C ILE B 437 17.99 37.23 -46.31
N ASN B 438 17.79 37.27 -47.63
CA ASN B 438 17.02 36.23 -48.28
C ASN B 438 17.80 34.93 -48.27
N ILE B 439 17.11 33.83 -48.02
CA ILE B 439 17.75 32.54 -47.83
C ILE B 439 17.19 31.55 -48.85
N SER B 440 18.06 30.79 -49.47
CA SER B 440 17.66 29.76 -50.41
C SER B 440 18.56 28.55 -50.21
N PRO B 441 17.99 27.39 -49.90
CA PRO B 441 18.81 26.20 -49.65
C PRO B 441 19.42 25.68 -50.94
N GLU B 442 20.60 25.09 -50.81
CA GLU B 442 21.34 24.51 -51.93
C GLU B 442 21.11 23.00 -51.89
N PHE B 443 20.11 22.55 -52.65
CA PHE B 443 19.78 21.12 -52.69
C PHE B 443 20.82 20.34 -53.47
N ILE B 444 21.10 19.13 -53.02
CA ILE B 444 22.03 18.25 -53.71
C ILE B 444 21.32 16.94 -54.05
N ALA C 2 -33.25 24.15 -47.53
CA ALA C 2 -32.47 22.92 -47.54
C ALA C 2 -31.62 22.80 -46.27
N ILE C 3 -30.91 23.88 -45.96
CA ILE C 3 -30.05 23.93 -44.79
C ILE C 3 -30.26 25.28 -44.12
N ARG C 4 -30.29 25.30 -42.79
CA ARG C 4 -30.55 26.53 -42.05
C ARG C 4 -29.24 27.27 -41.82
N THR C 5 -28.80 28.01 -42.82
CA THR C 5 -27.60 28.79 -42.68
C THR C 5 -27.87 30.05 -41.85
N ILE C 6 -26.84 30.53 -41.17
CA ILE C 6 -26.95 31.73 -40.35
C ILE C 6 -26.89 32.98 -41.24
N SER C 7 -27.87 33.86 -41.07
CA SER C 7 -27.97 35.07 -41.89
C SER C 7 -27.42 36.31 -41.21
N LYS C 8 -27.84 36.59 -39.98
CA LYS C 8 -27.38 37.80 -39.29
C LYS C 8 -27.40 37.55 -37.79
N ILE C 9 -26.29 37.88 -37.14
CA ILE C 9 -26.13 37.74 -35.69
C ILE C 9 -25.95 39.12 -35.06
N GLU C 10 -26.79 39.41 -34.06
CA GLU C 10 -26.74 40.67 -33.32
C GLU C 10 -26.40 40.41 -31.86
N LEU C 11 -25.25 40.92 -31.42
CA LEU C 11 -24.78 40.87 -30.05
C LEU C 11 -24.91 42.27 -29.44
N SER C 12 -25.65 42.38 -28.34
CA SER C 12 -25.84 43.66 -27.68
C SER C 12 -25.16 43.66 -26.33
N LYS C 13 -24.21 44.59 -26.14
CA LYS C 13 -23.48 44.82 -24.89
C LYS C 13 -22.74 43.56 -24.41
N ILE C 14 -22.01 42.93 -25.31
CA ILE C 14 -21.26 41.74 -24.96
C ILE C 14 -20.05 42.15 -24.13
N HIS C 15 -19.85 41.45 -23.00
CA HIS C 15 -18.87 41.76 -21.94
C HIS C 15 -19.05 43.15 -21.34
N ASN C 16 -20.25 43.73 -21.49
CA ASN C 16 -20.55 45.13 -21.14
C ASN C 16 -19.59 46.09 -21.82
N ARG C 17 -19.22 45.79 -23.06
CA ARG C 17 -18.24 46.59 -23.77
C ARG C 17 -18.75 47.16 -25.08
N TYR C 18 -19.37 46.36 -25.93
CA TYR C 18 -19.67 46.83 -27.27
C TYR C 18 -20.88 46.11 -27.86
N ASN C 19 -21.44 46.72 -28.90
CA ASN C 19 -22.52 46.15 -29.68
C ASN C 19 -22.00 45.79 -31.05
N LEU C 20 -22.51 44.69 -31.61
CA LEU C 20 -22.05 44.18 -32.89
C LEU C 20 -23.21 43.57 -33.66
N THR C 21 -23.37 43.95 -34.92
CA THR C 21 -24.41 43.36 -35.77
C THR C 21 -23.77 42.98 -37.10
N VAL C 22 -23.73 41.68 -37.40
CA VAL C 22 -23.05 41.18 -38.59
C VAL C 22 -24.05 40.43 -39.46
N ASP C 23 -24.11 40.83 -40.73
CA ASP C 23 -24.90 40.15 -41.75
C ASP C 23 -24.01 39.21 -42.56
N PHE C 24 -24.46 37.97 -42.72
CA PHE C 24 -23.71 36.93 -43.40
C PHE C 24 -24.29 36.60 -44.77
N PHE C 25 -23.41 36.23 -45.69
CA PHE C 25 -23.85 35.69 -46.96
C PHE C 25 -24.23 34.23 -46.77
N ASN C 26 -24.71 33.60 -47.85
CA ASN C 26 -25.05 32.18 -47.78
C ASN C 26 -23.81 31.30 -47.77
N ASP C 27 -22.67 31.83 -48.24
CA ASP C 27 -21.44 31.07 -48.28
C ASP C 27 -20.26 32.05 -48.22
N LEU C 28 -19.14 31.56 -47.68
CA LEU C 28 -17.85 32.25 -47.65
C LEU C 28 -17.93 33.60 -46.93
N ASN C 29 -18.16 33.54 -45.63
CA ASN C 29 -18.18 34.75 -44.81
C ASN C 29 -16.76 34.99 -44.32
N VAL C 30 -16.04 35.87 -45.00
CA VAL C 30 -14.66 36.19 -44.70
C VAL C 30 -14.62 37.45 -43.84
N ILE C 31 -14.56 37.27 -42.52
CA ILE C 31 -14.49 38.38 -41.59
C ILE C 31 -13.05 38.81 -41.41
N HIS C 32 -12.79 40.09 -41.68
CA HIS C 32 -11.46 40.67 -41.61
C HIS C 32 -11.46 41.80 -40.59
N GLY C 33 -10.55 41.75 -39.63
CA GLY C 33 -10.45 42.80 -38.65
C GLY C 33 -9.24 42.62 -37.77
N LYS C 34 -8.80 43.72 -37.18
CA LYS C 34 -7.61 43.73 -36.35
C LYS C 34 -7.88 43.01 -35.03
N ASN C 35 -6.80 42.72 -34.30
CA ASN C 35 -6.92 42.06 -33.01
C ASN C 35 -7.68 42.94 -32.02
N GLY C 36 -8.58 42.31 -31.29
CA GLY C 36 -9.38 43.02 -30.31
C GLY C 36 -10.72 43.46 -30.84
N ALA C 37 -11.10 43.01 -32.03
CA ALA C 37 -12.38 43.33 -32.62
C ALA C 37 -13.48 42.35 -32.26
N GLY C 38 -13.15 41.27 -31.56
CA GLY C 38 -14.16 40.33 -31.12
C GLY C 38 -14.54 39.24 -32.09
N LYS C 39 -13.65 38.91 -33.05
CA LYS C 39 -13.94 37.87 -34.03
C LYS C 39 -14.21 36.54 -33.36
N SER C 40 -13.31 36.12 -32.46
CA SER C 40 -13.50 34.83 -31.81
C SER C 40 -14.66 34.89 -30.82
N THR C 41 -15.01 36.10 -30.36
CA THR C 41 -16.18 36.28 -29.51
C THR C 41 -17.46 36.04 -30.30
N LEU C 42 -17.36 36.06 -31.62
CA LEU C 42 -18.49 35.83 -32.51
C LEU C 42 -18.52 34.38 -32.97
N ILE C 43 -17.34 33.80 -33.19
CA ILE C 43 -17.26 32.40 -33.59
C ILE C 43 -17.69 31.49 -32.45
N HIS C 44 -17.28 31.82 -31.22
CA HIS C 44 -17.69 31.01 -30.07
C HIS C 44 -19.19 31.10 -29.83
N VAL C 45 -19.78 32.28 -30.07
CA VAL C 45 -21.23 32.45 -29.96
C VAL C 45 -21.96 31.61 -30.99
N ILE C 46 -21.47 31.63 -32.24
CA ILE C 46 -22.11 30.84 -33.29
C ILE C 46 -21.99 29.34 -33.01
N ALA C 47 -20.81 28.90 -32.58
CA ALA C 47 -20.62 27.50 -32.24
C ALA C 47 -21.37 27.08 -30.98
N ASN C 48 -21.71 28.02 -30.10
CA ASN C 48 -22.52 27.69 -28.94
C ASN C 48 -24.01 27.85 -29.18
N ILE C 49 -24.39 28.37 -30.34
CA ILE C 49 -25.80 28.46 -30.71
C ILE C 49 -26.19 27.31 -31.61
N VAL C 50 -25.41 27.07 -32.66
CA VAL C 50 -25.79 26.11 -33.69
C VAL C 50 -25.72 24.68 -33.15
N ASN C 51 -24.69 24.34 -32.41
CA ASN C 51 -24.52 22.96 -31.99
C ASN C 51 -25.27 22.60 -30.70
N GLY C 52 -26.26 23.39 -30.31
CA GLY C 52 -27.00 23.06 -29.09
C GLY C 52 -26.29 23.22 -27.77
N ASP C 53 -25.13 23.87 -27.74
CA ASP C 53 -24.42 24.09 -26.48
C ASP C 53 -24.85 25.41 -25.84
N PHE C 54 -26.11 25.45 -25.41
CA PHE C 54 -26.61 26.67 -24.79
C PHE C 54 -26.19 26.82 -23.33
N ILE C 55 -25.62 25.79 -22.73
CA ILE C 55 -25.24 25.87 -21.32
C ILE C 55 -24.01 26.74 -21.15
N ARG C 56 -23.24 26.93 -22.23
CA ARG C 56 -22.05 27.75 -22.18
C ARG C 56 -22.43 29.21 -22.08
N PHE C 57 -23.69 29.53 -22.43
CA PHE C 57 -24.12 30.91 -22.33
C PHE C 57 -24.32 31.34 -20.89
N ALA C 58 -24.33 30.39 -19.95
CA ALA C 58 -24.38 30.79 -18.56
C ALA C 58 -23.04 31.36 -18.09
N PHE C 59 -21.96 31.06 -18.81
CA PHE C 59 -20.64 31.58 -18.47
C PHE C 59 -20.28 32.84 -19.21
N LEU C 60 -21.22 33.47 -19.90
CA LEU C 60 -20.94 34.64 -20.71
C LEU C 60 -21.73 35.82 -20.16
N ILE C 61 -21.08 36.97 -20.11
CA ILE C 61 -21.71 38.20 -19.63
C ILE C 61 -22.16 39.00 -20.86
N PHE C 62 -23.46 39.21 -20.98
CA PHE C 62 -24.01 39.90 -22.14
C PHE C 62 -25.35 40.48 -21.77
N GLU C 63 -25.95 41.21 -22.70
CA GLU C 63 -27.26 41.78 -22.51
C GLU C 63 -28.30 41.17 -23.44
N GLU C 64 -28.04 41.14 -24.74
CA GLU C 64 -28.99 40.61 -25.71
C GLU C 64 -28.25 40.02 -26.88
N ILE C 65 -28.57 38.76 -27.21
CA ILE C 65 -27.95 38.06 -28.33
C ILE C 65 -29.06 37.56 -29.25
N LYS C 66 -29.07 38.01 -30.49
CA LYS C 66 -30.08 37.60 -31.45
C LYS C 66 -29.42 36.87 -32.61
N ALA C 67 -29.94 35.69 -32.93
CA ALA C 67 -29.41 34.85 -33.99
C ALA C 67 -30.52 34.57 -34.99
N THR C 68 -30.31 34.95 -36.23
CA THR C 68 -31.28 34.77 -37.30
C THR C 68 -30.74 33.77 -38.31
N TYR C 69 -31.52 32.73 -38.60
CA TYR C 69 -31.15 31.78 -39.63
C TYR C 69 -31.63 32.25 -41.01
N SER C 70 -31.39 31.40 -42.01
CA SER C 70 -31.78 31.74 -43.38
C SER C 70 -33.27 31.58 -43.60
N ASP C 71 -33.90 30.58 -42.97
CA ASP C 71 -35.32 30.36 -43.17
C ASP C 71 -36.16 31.40 -42.45
N GLY C 72 -35.62 31.97 -41.37
CA GLY C 72 -36.32 32.99 -40.64
C GLY C 72 -36.48 32.67 -39.16
N LEU C 73 -35.83 31.60 -38.72
CA LEU C 73 -35.89 31.23 -37.32
C LEU C 73 -34.99 32.16 -36.51
N LYS C 74 -35.56 32.76 -35.48
CA LYS C 74 -34.85 33.70 -34.62
C LYS C 74 -34.73 33.12 -33.21
N ILE C 75 -33.52 33.16 -32.67
CA ILE C 75 -33.26 32.74 -31.30
C ILE C 75 -32.72 33.95 -30.56
N VAL C 76 -33.40 34.34 -29.49
CA VAL C 76 -33.03 35.51 -28.70
C VAL C 76 -32.65 35.03 -27.32
N ILE C 77 -31.45 35.36 -26.88
CA ILE C 77 -30.93 34.94 -25.59
C ILE C 77 -30.70 36.19 -24.75
N ARG C 78 -31.22 36.19 -23.54
CA ARG C 78 -31.07 37.32 -22.65
C ARG C 78 -30.55 36.84 -21.31
N ARG C 79 -29.69 37.65 -20.70
CA ARG C 79 -29.15 37.38 -19.38
C ARG C 79 -29.67 38.46 -18.44
N ASP C 80 -30.65 38.11 -17.61
CA ASP C 80 -31.31 39.05 -16.74
C ASP C 80 -31.17 38.53 -15.32
N LYS C 81 -30.79 39.38 -14.37
CA LYS C 81 -30.69 38.92 -13.00
C LYS C 81 -31.74 39.61 -12.15
N ILE C 82 -32.44 38.81 -11.36
CA ILE C 82 -33.48 39.26 -10.44
C ILE C 82 -33.14 38.72 -9.06
N ASP C 83 -33.22 39.58 -8.04
CA ASP C 83 -33.00 39.27 -6.63
C ASP C 83 -31.69 38.51 -6.39
N GLU C 84 -30.61 39.07 -6.90
CA GLU C 84 -29.24 38.54 -6.83
C GLU C 84 -29.09 37.17 -7.50
N GLN C 85 -30.02 36.75 -8.36
CA GLN C 85 -29.87 35.49 -9.06
C GLN C 85 -30.06 35.71 -10.55
N SER C 86 -29.08 35.29 -11.34
CA SER C 86 -29.11 35.46 -12.79
C SER C 86 -29.86 34.34 -13.47
N PHE C 87 -30.72 34.71 -14.43
CA PHE C 87 -31.48 33.78 -15.24
C PHE C 87 -31.22 34.05 -16.71
N ILE C 88 -30.93 33.00 -17.46
CA ILE C 88 -30.77 33.07 -18.90
C ILE C 88 -32.07 32.62 -19.54
N SER C 89 -32.64 33.49 -20.36
CA SER C 89 -33.90 33.24 -21.07
C SER C 89 -33.58 33.02 -22.55
N VAL C 90 -33.78 31.79 -23.01
CA VAL C 90 -33.59 31.39 -24.39
C VAL C 90 -34.96 31.34 -25.03
N THR C 91 -35.33 32.42 -25.72
CA THR C 91 -36.66 32.60 -26.31
C THR C 91 -36.57 32.41 -27.82
N LEU C 92 -37.23 31.37 -28.32
CA LEU C 92 -37.25 31.13 -29.75
C LEU C 92 -38.33 31.98 -30.40
N SER C 93 -38.23 32.17 -31.71
CA SER C 93 -39.26 32.90 -32.45
C SER C 93 -40.57 32.13 -32.60
N ASN C 94 -40.58 30.81 -32.42
CA ASN C 94 -41.83 30.09 -32.68
C ASN C 94 -42.84 30.24 -31.55
N GLY C 95 -42.39 30.64 -30.36
CA GLY C 95 -43.28 30.78 -29.23
C GLY C 95 -42.74 30.11 -27.99
N LYS C 96 -42.06 28.98 -28.16
CA LYS C 96 -41.49 28.27 -27.02
C LYS C 96 -40.27 29.02 -26.49
N TYR C 97 -39.98 28.81 -25.21
CA TYR C 97 -38.87 29.46 -24.55
C TYR C 97 -38.50 28.70 -23.29
N ILE C 98 -37.19 28.58 -23.04
CA ILE C 98 -36.70 27.93 -21.82
C ILE C 98 -35.93 28.96 -21.02
N LYS C 99 -35.99 28.84 -19.70
CA LYS C 99 -35.23 29.74 -18.83
C LYS C 99 -34.57 28.92 -17.75
N PHE C 100 -33.40 29.37 -17.29
CA PHE C 100 -32.74 28.62 -16.22
C PHE C 100 -31.78 29.54 -15.47
N ALA C 101 -31.50 29.15 -14.22
CA ALA C 101 -30.56 29.90 -13.40
C ALA C 101 -29.12 29.65 -13.82
N VAL C 102 -28.31 30.72 -13.74
CA VAL C 102 -26.89 30.64 -14.09
C VAL C 102 -26.13 29.78 -13.08
N GLY C 103 -26.41 29.96 -11.79
CA GLY C 103 -25.72 29.20 -10.75
C GLY C 103 -26.01 27.71 -10.80
N GLU C 104 -27.21 27.34 -11.26
CA GLU C 104 -27.54 25.94 -11.45
C GLU C 104 -26.67 25.32 -12.55
N ALA C 105 -26.45 26.06 -13.63
CA ALA C 105 -25.58 25.57 -14.70
C ALA C 105 -24.13 25.51 -14.26
N MET C 106 -23.69 26.47 -13.45
CA MET C 106 -22.34 26.44 -12.91
C MET C 106 -22.13 25.24 -11.98
N ALA C 107 -23.15 24.94 -11.17
CA ALA C 107 -23.09 23.76 -10.31
C ALA C 107 -23.09 22.48 -11.13
N THR C 108 -23.85 22.46 -12.24
CA THR C 108 -23.86 21.29 -13.11
C THR C 108 -22.49 21.08 -13.78
N VAL C 109 -21.84 22.17 -14.19
CA VAL C 109 -20.52 22.07 -14.81
C VAL C 109 -19.49 21.61 -13.80
N ARG C 110 -19.56 22.13 -12.56
CA ARG C 110 -18.64 21.64 -11.54
C ARG C 110 -18.98 20.21 -11.12
N GLU C 111 -20.23 19.77 -11.32
CA GLU C 111 -20.58 18.37 -11.13
C GLU C 111 -19.90 17.47 -12.16
N ILE C 112 -19.73 17.96 -13.40
CA ILE C 112 -19.04 17.12 -14.39
C ILE C 112 -17.55 17.01 -14.08
N GLU C 113 -17.00 17.96 -13.34
CA GLU C 113 -15.60 17.95 -12.94
C GLU C 113 -15.31 16.81 -11.96
N SER C 125 -27.15 16.68 -13.73
CA SER C 125 -27.35 16.43 -15.15
C SER C 125 -28.80 16.65 -15.55
N MET C 126 -29.62 17.09 -14.58
CA MET C 126 -31.02 17.36 -14.86
C MET C 126 -31.18 18.56 -15.78
N LEU C 127 -30.39 19.61 -15.57
CA LEU C 127 -30.46 20.77 -16.45
C LEU C 127 -29.93 20.44 -17.84
N ALA C 128 -28.91 19.58 -17.92
CA ALA C 128 -28.40 19.13 -19.21
C ALA C 128 -29.46 18.34 -19.97
N MET C 129 -30.18 17.46 -19.27
CA MET C 129 -31.26 16.70 -19.92
C MET C 129 -32.40 17.62 -20.32
N ASP C 130 -32.69 18.66 -19.53
CA ASP C 130 -33.72 19.62 -19.89
C ASP C 130 -33.33 20.41 -21.14
N ILE C 131 -32.07 20.82 -21.23
CA ILE C 131 -31.58 21.54 -22.40
C ILE C 131 -31.60 20.64 -23.63
N ASP C 132 -31.23 19.36 -23.45
CA ASP C 132 -31.26 18.40 -24.55
C ASP C 132 -32.69 18.16 -25.04
N LYS C 133 -33.64 18.06 -24.11
CA LYS C 133 -35.04 17.91 -24.48
C LYS C 133 -35.56 19.15 -25.20
N PHE C 134 -35.14 20.34 -24.75
CA PHE C 134 -35.56 21.57 -25.40
C PHE C 134 -35.01 21.68 -26.82
N VAL C 135 -33.75 21.30 -27.03
CA VAL C 135 -33.18 21.42 -28.37
C VAL C 135 -33.59 20.25 -29.26
N LYS C 136 -34.08 19.16 -28.68
CA LYS C 136 -34.53 18.04 -29.49
C LYS C 136 -35.98 18.22 -29.92
N GLU C 137 -36.83 18.75 -29.04
CA GLU C 137 -38.23 18.93 -29.38
C GLU C 137 -38.43 20.10 -30.35
N ASN C 138 -37.47 21.00 -30.45
CA ASN C 138 -37.53 22.11 -31.39
C ASN C 138 -36.72 21.86 -32.65
N GLU C 139 -35.95 20.77 -32.69
CA GLU C 139 -35.10 20.36 -33.81
C GLU C 139 -34.08 21.45 -34.15
N LEU C 140 -33.25 21.76 -33.16
CA LEU C 140 -32.21 22.78 -33.31
C LEU C 140 -30.88 22.20 -33.75
N GLN C 141 -30.77 20.88 -33.88
CA GLN C 141 -29.51 20.23 -34.23
C GLN C 141 -29.59 19.59 -35.62
N LYS C 142 -30.24 20.28 -36.55
CA LYS C 142 -30.30 19.80 -37.93
C LYS C 142 -28.94 19.96 -38.59
N VAL C 143 -28.30 21.11 -38.36
CA VAL C 143 -27.00 21.42 -38.92
C VAL C 143 -26.03 21.52 -37.75
N ARG C 144 -24.95 20.77 -37.82
CA ARG C 144 -23.91 20.79 -36.81
C ARG C 144 -22.70 21.52 -37.37
N ALA C 145 -22.17 22.47 -36.61
CA ALA C 145 -21.04 23.28 -37.06
C ALA C 145 -19.73 22.79 -36.46
N SER C 146 -18.73 22.66 -37.31
CA SER C 146 -17.38 22.27 -36.90
C SER C 146 -16.57 23.52 -36.63
N TYR C 147 -15.79 23.50 -35.56
CA TYR C 147 -15.01 24.64 -35.12
C TYR C 147 -13.52 24.34 -35.29
N PHE C 148 -12.83 25.19 -36.04
CA PHE C 148 -11.39 25.08 -36.20
C PHE C 148 -10.76 26.15 -35.33
N PRO C 149 -10.17 25.79 -34.21
CA PRO C 149 -9.67 26.81 -33.27
C PRO C 149 -8.41 27.47 -33.77
N ALA C 150 -8.14 28.64 -33.21
CA ALA C 150 -6.92 29.37 -33.49
C ALA C 150 -5.74 28.90 -32.65
N PHE C 151 -5.96 27.98 -31.74
CA PHE C 151 -4.91 27.44 -30.88
C PHE C 151 -4.66 25.96 -31.16
N ARG C 152 -4.61 25.57 -32.43
CA ARG C 152 -4.43 24.16 -32.76
C ARG C 152 -3.04 23.63 -32.43
N THR C 153 -2.07 24.52 -32.21
CA THR C 153 -0.79 24.07 -31.69
C THR C 153 -0.92 23.53 -30.27
N MET C 154 -1.83 24.10 -29.48
CA MET C 154 -2.13 23.54 -28.16
C MET C 154 -2.76 22.16 -28.30
N LEU C 155 -3.58 21.94 -29.33
CA LEU C 155 -4.10 20.62 -29.57
C LEU C 155 -3.00 19.65 -30.00
N GLU C 156 -1.96 20.16 -30.65
CA GLU C 156 -0.80 19.32 -30.92
C GLU C 156 -0.08 18.99 -29.63
N ALA C 157 -0.12 19.89 -28.65
CA ALA C 157 0.58 19.66 -27.39
C ALA C 157 -0.07 18.52 -26.59
N TRP C 158 -1.38 18.51 -26.49
CA TRP C 158 -2.05 17.40 -25.82
C TRP C 158 -2.61 16.43 -26.84
N TYR C 176 -10.06 11.97 -32.25
CA TYR C 176 -10.07 13.28 -31.63
C TYR C 176 -9.92 13.17 -30.12
N ASN C 177 -9.03 13.99 -29.56
CA ASN C 177 -8.82 14.03 -28.11
C ASN C 177 -10.03 14.62 -27.41
N ARG C 178 -10.36 14.06 -26.25
CA ARG C 178 -11.55 14.46 -25.52
C ARG C 178 -11.23 15.30 -24.29
N LYS C 179 -10.03 15.20 -23.74
CA LYS C 179 -9.58 16.03 -22.63
C LYS C 179 -9.20 17.43 -23.08
N ALA C 180 -9.04 17.64 -24.39
CA ALA C 180 -8.62 18.94 -24.91
C ALA C 180 -9.69 20.00 -24.67
N SER C 181 -10.95 19.59 -24.63
CA SER C 181 -12.03 20.53 -24.33
C SER C 181 -11.90 21.07 -22.93
N ALA C 182 -11.63 20.20 -21.96
CA ALA C 182 -11.43 20.65 -20.58
C ALA C 182 -10.17 21.49 -20.42
N PHE C 183 -9.08 21.12 -21.10
CA PHE C 183 -7.85 21.92 -21.01
C PHE C 183 -8.02 23.31 -21.62
N ALA C 184 -8.68 23.38 -22.76
CA ALA C 184 -8.86 24.66 -23.42
C ALA C 184 -9.89 25.51 -22.71
N ARG C 185 -10.90 24.89 -22.09
CA ARG C 185 -11.81 25.68 -21.28
C ARG C 185 -11.18 26.10 -19.97
N GLU C 186 -10.19 25.35 -19.50
CA GLU C 186 -9.44 25.76 -18.30
C GLU C 186 -8.64 27.03 -18.56
N LEU C 187 -8.01 27.14 -19.71
CA LEU C 187 -7.17 28.32 -19.93
C LEU C 187 -7.75 29.36 -20.88
N PHE C 188 -8.96 29.16 -21.41
CA PHE C 188 -9.62 30.18 -22.20
C PHE C 188 -10.99 30.57 -21.66
N GLY C 189 -11.39 30.05 -20.50
CA GLY C 189 -12.70 30.31 -19.94
C GLY C 189 -13.70 29.24 -20.34
N GLN C 190 -14.78 29.16 -19.59
CA GLN C 190 -15.78 28.12 -19.80
C GLN C 190 -16.78 28.44 -20.91
N PHE C 191 -16.75 29.62 -21.51
CA PHE C 191 -17.61 29.89 -22.64
C PHE C 191 -17.16 29.17 -23.91
N LEU C 192 -15.91 28.70 -23.93
CA LEU C 192 -15.31 28.11 -25.11
C LEU C 192 -16.03 26.83 -25.55
N PRO C 193 -16.35 26.68 -26.84
CA PRO C 193 -17.12 25.52 -27.28
C PRO C 193 -16.35 24.21 -27.28
N SER C 194 -17.00 23.14 -27.74
CA SER C 194 -16.37 21.83 -27.79
C SER C 194 -15.28 21.82 -28.85
N ILE C 195 -14.09 21.32 -28.47
CA ILE C 195 -12.92 21.33 -29.32
C ILE C 195 -12.73 19.93 -29.91
N ASN C 196 -12.93 19.79 -31.21
CA ASN C 196 -12.73 18.51 -31.91
C ASN C 196 -11.83 18.77 -33.11
N TYR C 197 -10.52 18.67 -32.91
CA TYR C 197 -9.58 19.01 -33.96
C TYR C 197 -8.40 18.05 -33.92
N PRO C 198 -7.97 17.56 -35.07
CA PRO C 198 -6.92 16.53 -35.11
C PRO C 198 -5.49 17.06 -35.12
N SER C 199 -4.66 16.42 -34.32
CA SER C 199 -3.24 16.71 -34.20
C SER C 199 -2.52 16.00 -35.35
N PRO C 200 -1.25 16.32 -35.63
CA PRO C 200 -0.50 15.51 -36.61
C PRO C 200 -0.35 14.05 -36.23
N MET C 201 -0.22 13.70 -34.95
CA MET C 201 0.06 12.31 -34.67
C MET C 201 -1.22 11.49 -34.65
N GLU C 202 -2.34 12.17 -34.77
CA GLU C 202 -3.62 11.51 -34.89
C GLU C 202 -4.05 11.42 -36.33
N ILE C 203 -3.72 12.39 -37.18
CA ILE C 203 -3.95 12.14 -38.59
C ILE C 203 -2.98 11.08 -39.10
N GLU C 204 -1.79 10.94 -38.47
CA GLU C 204 -0.93 9.81 -38.82
C GLU C 204 -1.54 8.48 -38.40
N ASP C 205 -2.09 8.39 -37.19
CA ASP C 205 -2.75 7.14 -36.79
C ASP C 205 -4.00 6.87 -37.61
N ARG C 206 -4.76 7.91 -37.92
CA ARG C 206 -5.97 7.77 -38.74
C ARG C 206 -5.64 7.29 -40.15
N LEU C 207 -4.59 7.83 -40.76
CA LEU C 207 -4.20 7.39 -42.09
C LEU C 207 -3.71 5.95 -42.09
N ARG C 208 -2.95 5.56 -41.05
CA ARG C 208 -2.51 4.17 -40.97
C ARG C 208 -3.69 3.22 -40.79
N GLU C 209 -4.67 3.60 -39.96
CA GLU C 209 -5.86 2.78 -39.78
C GLU C 209 -6.68 2.69 -41.06
N GLU C 210 -6.79 3.78 -41.81
CA GLU C 210 -7.55 3.75 -43.05
C GLU C 210 -6.88 2.91 -44.12
N ILE C 211 -5.54 2.95 -44.19
CA ILE C 211 -4.83 2.09 -45.13
C ILE C 211 -5.01 0.62 -44.78
N ARG C 212 -4.91 0.28 -43.49
CA ARG C 212 -5.12 -1.11 -43.08
C ARG C 212 -6.55 -1.57 -43.36
N ARG C 213 -7.53 -0.69 -43.13
CA ARG C 213 -8.92 -1.03 -43.39
C ARG C 213 -9.18 -1.18 -44.88
N ALA C 214 -8.54 -0.37 -45.71
CA ALA C 214 -8.70 -0.51 -47.14
C ALA C 214 -8.07 -1.79 -47.67
N GLN C 215 -6.93 -2.19 -47.09
CA GLN C 215 -6.32 -3.46 -47.48
C GLN C 215 -7.21 -4.65 -47.09
N LEU C 216 -7.82 -4.58 -45.90
CA LEU C 216 -8.75 -5.62 -45.50
C LEU C 216 -10.00 -5.64 -46.38
N GLY C 217 -10.44 -4.47 -46.82
CA GLY C 217 -11.57 -4.40 -47.74
C GLY C 217 -11.26 -5.02 -49.09
N ILE C 218 -10.05 -4.74 -49.60
CA ILE C 218 -9.61 -5.35 -50.86
C ILE C 218 -9.54 -6.87 -50.74
N ALA C 219 -9.02 -7.37 -49.62
CA ALA C 219 -8.90 -8.82 -49.45
C ALA C 219 -10.27 -9.50 -49.34
N ALA C 220 -11.22 -8.83 -48.70
CA ALA C 220 -12.57 -9.39 -48.65
C ALA C 220 -13.25 -9.31 -50.00
N TYR C 221 -12.95 -8.28 -50.79
CA TYR C 221 -13.51 -8.24 -52.13
C TYR C 221 -12.87 -9.27 -53.03
N GLU C 222 -11.61 -9.65 -52.75
CA GLU C 222 -10.98 -10.77 -53.44
C GLU C 222 -11.73 -12.06 -53.19
N SER C 223 -12.02 -12.37 -51.92
CA SER C 223 -12.71 -13.64 -51.65
C SER C 223 -14.16 -13.64 -52.15
N ARG C 224 -14.83 -12.49 -52.08
CA ARG C 224 -16.18 -12.39 -52.63
C ARG C 224 -16.17 -12.52 -54.14
N THR C 225 -15.16 -11.93 -54.79
CA THR C 225 -14.99 -12.05 -56.23
C THR C 225 -14.69 -13.48 -56.63
N PHE C 226 -13.88 -14.19 -55.82
CA PHE C 226 -13.59 -15.59 -56.10
C PHE C 226 -14.84 -16.44 -56.06
N SER C 227 -15.68 -16.26 -55.03
CA SER C 227 -16.89 -17.08 -54.92
C SER C 227 -17.91 -16.74 -56.00
N GLU C 228 -18.08 -15.45 -56.31
CA GLU C 228 -19.05 -15.08 -57.34
C GLU C 228 -18.56 -15.47 -58.73
N SER C 229 -17.26 -15.33 -58.99
CA SER C 229 -16.75 -15.69 -60.31
C SER C 229 -16.72 -17.19 -60.49
N PHE C 230 -16.57 -17.95 -59.40
CA PHE C 230 -16.74 -19.39 -59.42
C PHE C 230 -18.14 -19.77 -59.86
N VAL C 231 -19.14 -19.14 -59.22
CA VAL C 231 -20.54 -19.39 -59.57
C VAL C 231 -20.84 -18.98 -61.01
N LYS C 232 -20.31 -17.83 -61.44
CA LYS C 232 -20.63 -17.34 -62.79
C LYS C 232 -19.95 -18.14 -63.88
N VAL C 233 -18.72 -18.62 -63.63
CA VAL C 233 -18.05 -19.48 -64.61
C VAL C 233 -18.77 -20.83 -64.68
N PHE C 234 -19.27 -21.32 -63.54
CA PHE C 234 -20.11 -22.51 -63.56
C PHE C 234 -21.43 -22.26 -64.28
N SER C 235 -21.93 -21.02 -64.23
CA SER C 235 -23.14 -20.64 -64.93
C SER C 235 -22.91 -20.48 -66.43
N ALA C 236 -21.66 -20.27 -66.85
CA ALA C 236 -21.36 -19.99 -68.25
C ALA C 236 -21.69 -21.17 -69.15
N LEU C 237 -21.38 -22.40 -68.72
CA LEU C 237 -21.71 -23.56 -69.52
C LEU C 237 -23.09 -24.09 -69.12
N THR C 248 -13.60 -13.62 -78.14
CA THR C 248 -12.74 -12.89 -79.06
C THR C 248 -11.35 -12.69 -78.46
N GLY C 249 -10.35 -12.55 -79.35
CA GLY C 249 -8.98 -12.33 -78.90
C GLY C 249 -8.74 -10.94 -78.36
N GLU C 250 -9.57 -9.97 -78.75
CA GLU C 250 -9.45 -8.61 -78.23
C GLU C 250 -9.76 -8.55 -76.75
N LEU C 251 -10.76 -9.32 -76.30
CA LEU C 251 -11.08 -9.39 -74.88
C LEU C 251 -9.96 -10.03 -74.08
N LEU C 252 -9.32 -11.07 -74.64
CA LEU C 252 -8.18 -11.69 -73.97
C LEU C 252 -6.98 -10.75 -73.91
N LYS C 253 -6.77 -9.98 -74.98
CA LYS C 253 -5.69 -8.99 -74.99
C LYS C 253 -5.95 -7.88 -73.97
N GLU C 254 -7.22 -7.45 -73.86
CA GLU C 254 -7.58 -6.44 -72.87
C GLU C 254 -7.44 -6.97 -71.45
N ILE C 255 -7.76 -8.25 -71.23
CA ILE C 255 -7.60 -8.84 -69.91
C ILE C 255 -6.13 -8.98 -69.56
N GLU C 256 -5.29 -9.31 -70.55
CA GLU C 256 -3.86 -9.40 -70.31
C GLU C 256 -3.24 -8.02 -70.05
N GLY C 257 -3.72 -7.00 -70.77
CA GLY C 257 -3.25 -5.65 -70.54
C GLY C 257 -3.68 -5.09 -69.20
N LEU C 258 -4.89 -5.42 -68.77
CA LEU C 258 -5.41 -4.89 -67.51
C LEU C 258 -4.82 -5.57 -66.28
N ALA C 259 -4.09 -6.67 -66.46
CA ALA C 259 -3.49 -7.38 -65.34
C ALA C 259 -2.32 -6.57 -64.78
N ILE C 260 -2.35 -6.30 -63.48
CA ILE C 260 -1.29 -5.54 -62.83
C ILE C 260 -1.28 -5.91 -61.36
N ALA C 261 -0.09 -5.91 -60.77
CA ALA C 261 0.08 -6.24 -59.36
C ALA C 261 1.29 -5.52 -58.78
N SER C 275 -3.82 -11.44 -54.04
CA SER C 275 -2.92 -10.81 -55.00
C SER C 275 -1.91 -11.79 -55.56
N LYS C 276 -1.94 -13.03 -55.07
CA LYS C 276 -1.01 -14.05 -55.54
C LYS C 276 -1.61 -14.88 -56.67
N VAL C 277 -2.90 -15.19 -56.57
CA VAL C 277 -3.56 -15.96 -57.62
C VAL C 277 -3.73 -15.10 -58.86
N TYR C 278 -3.86 -13.77 -58.70
CA TYR C 278 -3.96 -12.89 -59.85
C TYR C 278 -2.64 -12.82 -60.60
N GLU C 279 -1.51 -12.94 -59.89
CA GLU C 279 -0.21 -13.01 -60.55
C GLU C 279 -0.08 -14.28 -61.37
N GLU C 280 -0.60 -15.40 -60.86
CA GLU C 280 -0.60 -16.64 -61.61
C GLU C 280 -1.56 -16.57 -62.79
N ILE C 281 -2.67 -15.84 -62.65
CA ILE C 281 -3.58 -15.64 -63.76
C ILE C 281 -2.94 -14.80 -64.85
N ARG C 282 -2.19 -13.77 -64.47
CA ARG C 282 -1.47 -12.96 -65.45
C ARG C 282 -0.36 -13.76 -66.13
N SER C 283 0.31 -14.64 -65.38
CA SER C 283 1.33 -15.51 -65.96
C SER C 283 0.72 -16.52 -66.92
N LEU C 284 -0.46 -17.04 -66.60
CA LEU C 284 -1.14 -17.96 -67.50
C LEU C 284 -1.68 -17.24 -68.73
N ILE C 285 -2.11 -16.00 -68.57
CA ILE C 285 -2.58 -15.21 -69.71
C ILE C 285 -1.43 -14.83 -70.62
N ASN C 286 -0.23 -14.65 -70.06
CA ASN C 286 0.95 -14.35 -70.87
C ASN C 286 1.37 -15.55 -71.71
N ARG C 287 1.17 -16.75 -71.19
CA ARG C 287 1.51 -17.96 -71.93
C ARG C 287 0.49 -18.25 -73.04
N SER C 296 -18.39 -19.76 -77.91
CA SER C 296 -17.78 -20.91 -77.26
C SER C 296 -17.25 -20.54 -75.87
N VAL C 297 -15.98 -20.13 -75.83
CA VAL C 297 -15.33 -19.75 -74.58
C VAL C 297 -15.34 -18.23 -74.39
N SER C 298 -16.21 -17.53 -75.12
CA SER C 298 -16.23 -16.06 -75.05
C SER C 298 -16.87 -15.56 -73.77
N GLY C 299 -17.91 -16.26 -73.29
CA GLY C 299 -18.62 -15.81 -72.10
C GLY C 299 -17.77 -15.88 -70.84
N ALA C 300 -16.99 -16.95 -70.69
CA ALA C 300 -16.10 -17.07 -69.54
C ALA C 300 -14.99 -16.03 -69.59
N LEU C 301 -14.50 -15.70 -70.80
CA LEU C 301 -13.50 -14.65 -70.94
C LEU C 301 -14.09 -13.29 -70.60
N VAL C 302 -15.36 -13.07 -70.96
CA VAL C 302 -16.05 -11.83 -70.59
C VAL C 302 -16.21 -11.74 -69.07
N VAL C 303 -16.54 -12.87 -68.42
CA VAL C 303 -16.65 -12.91 -66.96
C VAL C 303 -15.30 -12.62 -66.30
N TYR C 304 -14.22 -13.18 -66.86
CA TYR C 304 -12.86 -12.94 -66.35
C TYR C 304 -12.48 -11.48 -66.45
N ARG C 305 -12.76 -10.87 -67.61
CA ARG C 305 -12.44 -9.47 -67.85
C ARG C 305 -13.25 -8.55 -66.94
N ASP C 306 -14.53 -8.87 -66.75
CA ASP C 306 -15.38 -8.09 -65.86
C ASP C 306 -14.92 -8.19 -64.41
N ALA C 307 -14.49 -9.38 -64.01
CA ALA C 307 -13.98 -9.57 -62.64
C ALA C 307 -12.70 -8.79 -62.41
N LEU C 308 -11.79 -8.80 -63.40
CA LEU C 308 -10.55 -8.05 -63.27
C LEU C 308 -10.82 -6.54 -63.25
N ARG C 309 -11.75 -6.08 -64.09
CA ARG C 309 -12.12 -4.67 -64.12
C ARG C 309 -12.77 -4.23 -62.82
N ASP C 310 -13.62 -5.09 -62.25
CA ASP C 310 -14.26 -4.77 -60.98
C ASP C 310 -13.25 -4.79 -59.83
N ARG C 311 -12.24 -5.66 -59.90
CA ARG C 311 -11.18 -5.65 -58.90
C ARG C 311 -10.38 -4.35 -58.96
N GLN C 312 -10.06 -3.89 -60.17
CA GLN C 312 -9.33 -2.62 -60.32
C GLN C 312 -10.18 -1.44 -59.85
N ASP C 313 -11.48 -1.47 -60.17
CA ASP C 313 -12.37 -0.40 -59.76
C ASP C 313 -12.56 -0.37 -58.26
N TYR C 314 -12.62 -1.54 -57.62
CA TYR C 314 -12.72 -1.57 -56.16
C TYR C 314 -11.43 -1.09 -55.50
N GLN C 315 -10.27 -1.38 -56.09
CA GLN C 315 -9.02 -0.86 -55.54
C GLN C 315 -8.97 0.67 -55.62
N GLU C 316 -9.45 1.22 -56.75
CA GLU C 316 -9.49 2.67 -56.89
C GLU C 316 -10.51 3.28 -55.93
N LYS C 317 -11.66 2.63 -55.76
CA LYS C 317 -12.67 3.20 -54.89
C LYS C 317 -12.26 3.11 -53.42
N ALA C 318 -11.48 2.08 -53.07
CA ALA C 318 -10.99 1.95 -51.71
C ALA C 318 -9.95 3.01 -51.38
N PHE C 319 -9.09 3.34 -52.34
CA PHE C 319 -8.01 4.29 -52.09
C PHE C 319 -8.30 5.71 -52.56
N SER C 320 -9.47 5.97 -53.15
CA SER C 320 -9.77 7.31 -53.68
C SER C 320 -9.82 8.40 -52.61
N GLU C 321 -10.34 8.10 -51.41
CA GLU C 321 -10.41 9.14 -50.38
C GLU C 321 -9.03 9.56 -49.89
N ILE C 322 -8.10 8.61 -49.82
CA ILE C 322 -6.78 8.96 -49.36
C ILE C 322 -5.94 9.50 -50.50
N ASP C 323 -6.23 9.09 -51.75
CA ASP C 323 -5.52 9.70 -52.86
C ASP C 323 -5.95 11.14 -53.08
N ASN C 324 -7.23 11.46 -52.79
CA ASN C 324 -7.68 12.84 -52.82
C ASN C 324 -7.01 13.66 -51.73
N TYR C 325 -6.91 13.11 -50.50
CA TYR C 325 -6.24 13.88 -49.44
C TYR C 325 -4.76 14.05 -49.72
N MET C 326 -4.10 13.02 -50.26
CA MET C 326 -2.70 13.13 -50.63
C MET C 326 -2.48 14.14 -51.74
N SER C 327 -3.37 14.17 -52.74
CA SER C 327 -3.24 15.15 -53.81
C SER C 327 -3.47 16.57 -53.28
N SER C 328 -4.41 16.75 -52.36
CA SER C 328 -4.65 18.06 -51.76
C SER C 328 -3.45 18.53 -50.96
N VAL C 329 -2.81 17.63 -50.22
CA VAL C 329 -1.61 18.01 -49.47
C VAL C 329 -0.46 18.31 -50.41
N ASN C 330 -0.16 17.38 -51.35
CA ASN C 330 0.96 17.55 -52.27
C ASN C 330 0.74 18.67 -53.28
N SER C 331 -0.44 19.28 -53.33
CA SER C 331 -0.65 20.44 -54.17
C SER C 331 0.09 21.65 -53.62
N PHE C 332 0.14 21.80 -52.29
CA PHE C 332 0.83 22.92 -51.67
C PHE C 332 2.33 22.68 -51.62
N LEU C 333 2.74 21.56 -51.01
CA LEU C 333 4.13 21.15 -50.85
C LEU C 333 4.83 21.11 -52.21
N GLU C 334 6.09 21.54 -52.25
CA GLU C 334 6.78 21.58 -53.53
C GLU C 334 8.04 20.72 -53.59
N ASP C 335 8.97 20.89 -52.67
CA ASP C 335 10.21 20.11 -52.70
C ASP C 335 10.12 18.87 -51.82
N LYS C 336 8.92 18.39 -51.57
CA LYS C 336 8.68 17.22 -50.73
C LYS C 336 7.28 16.69 -51.05
N GLU C 337 7.17 15.39 -51.26
CA GLU C 337 5.91 14.75 -51.58
C GLU C 337 5.51 13.83 -50.44
N MET C 338 4.26 13.93 -50.02
CA MET C 338 3.71 13.07 -48.97
C MET C 338 3.02 11.88 -49.62
N ALA C 339 3.41 10.67 -49.24
CA ALA C 339 2.83 9.47 -49.84
C ALA C 339 2.87 8.31 -48.85
N TYR C 340 2.21 7.23 -49.24
CA TYR C 340 2.03 6.04 -48.41
C TYR C 340 2.68 4.76 -48.92
N ASP C 341 3.93 4.81 -49.38
CA ASP C 341 4.62 3.59 -49.82
C ASP C 341 4.78 2.58 -48.68
N PHE C 342 4.92 1.32 -49.08
CA PHE C 342 5.12 0.24 -48.13
C PHE C 342 6.56 -0.25 -48.12
N PRO C 349 2.20 -0.51 -42.81
CA PRO C 349 2.27 0.69 -43.67
C PRO C 349 2.88 1.87 -42.93
N LYS C 350 3.84 2.54 -43.59
CA LYS C 350 4.38 3.80 -43.12
C LYS C 350 3.90 4.95 -43.99
N VAL C 351 3.45 6.01 -43.33
CA VAL C 351 2.94 7.22 -43.98
C VAL C 351 3.87 8.37 -43.61
N GLY C 352 4.35 9.08 -44.61
CA GLY C 352 5.28 10.16 -44.36
C GLY C 352 5.72 10.82 -45.64
N LEU C 353 6.78 11.60 -45.52
CA LEU C 353 7.29 12.33 -46.67
C LEU C 353 8.11 11.45 -47.57
N LYS C 354 8.24 11.88 -48.82
CA LYS C 354 9.04 11.19 -49.83
C LYS C 354 9.85 12.24 -50.58
N PHE C 355 11.13 12.34 -50.23
CA PHE C 355 12.00 13.30 -50.85
C PHE C 355 12.28 12.88 -52.29
N PRO C 356 12.68 13.81 -53.17
CA PRO C 356 13.03 13.43 -54.54
C PRO C 356 14.23 12.50 -54.67
N ASP C 357 15.07 12.40 -53.65
CA ASP C 357 16.14 11.41 -53.63
C ASP C 357 15.63 10.00 -53.36
N GLY C 358 14.37 9.83 -52.99
CA GLY C 358 13.85 8.54 -52.62
C GLY C 358 13.97 8.23 -51.14
N SER C 359 14.56 9.13 -50.38
CA SER C 359 14.69 8.98 -48.94
C SER C 359 13.37 9.25 -48.24
N TRP C 360 13.15 8.55 -47.13
CA TRP C 360 11.96 8.68 -46.32
C TRP C 360 12.23 9.42 -45.02
N SER C 361 11.20 10.08 -44.52
CA SER C 361 11.31 10.84 -43.28
C SER C 361 9.96 10.82 -42.60
N PRO C 362 9.93 10.85 -41.27
CA PRO C 362 8.65 10.88 -40.54
C PRO C 362 7.93 12.21 -40.74
N ILE C 363 6.68 12.26 -40.27
CA ILE C 363 5.83 13.45 -40.37
C ILE C 363 6.21 14.46 -39.29
N ARG C 364 7.26 14.16 -38.54
CA ARG C 364 7.77 15.07 -37.52
C ARG C 364 8.75 16.09 -38.10
N VAL C 365 9.26 15.85 -39.30
CA VAL C 365 10.20 16.78 -39.90
C VAL C 365 9.51 18.03 -40.44
N LEU C 366 8.19 17.97 -40.61
CA LEU C 366 7.42 19.08 -41.17
C LEU C 366 7.47 20.33 -40.31
N SER C 367 7.48 21.48 -40.96
CA SER C 367 7.51 22.77 -40.30
C SER C 367 6.09 23.10 -39.84
N SER C 368 5.99 24.09 -38.93
CA SER C 368 4.69 24.57 -38.44
C SER C 368 3.69 24.91 -39.55
N GLY C 369 4.17 25.33 -40.72
CA GLY C 369 3.33 25.75 -41.80
C GLY C 369 2.64 24.55 -42.41
N GLU C 370 3.49 23.62 -42.87
CA GLU C 370 3.04 22.34 -43.38
C GLU C 370 2.22 21.55 -42.36
N ARG C 371 2.51 21.67 -41.06
CA ARG C 371 1.63 21.01 -40.09
C ARG C 371 0.27 21.67 -39.99
N GLN C 372 0.21 23.00 -40.12
CA GLN C 372 -1.09 23.65 -40.16
C GLN C 372 -1.88 23.24 -41.38
N LEU C 373 -1.20 23.07 -42.52
CA LEU C 373 -1.89 22.58 -43.72
C LEU C 373 -2.35 21.14 -43.55
N LEU C 374 -1.57 20.30 -42.88
CA LEU C 374 -2.00 18.92 -42.63
C LEU C 374 -3.22 18.87 -41.72
N THR C 375 -3.20 19.66 -40.66
CA THR C 375 -4.30 19.65 -39.70
C THR C 375 -5.52 20.35 -40.24
N MET C 376 -5.38 21.18 -41.26
CA MET C 376 -6.55 21.84 -41.81
C MET C 376 -7.14 21.07 -42.98
N LEU C 377 -6.30 20.46 -43.81
CA LEU C 377 -6.80 19.66 -44.91
C LEU C 377 -7.39 18.33 -44.47
N TYR C 378 -6.83 17.69 -43.42
CA TYR C 378 -7.54 16.53 -42.89
C TYR C 378 -8.85 16.89 -42.23
N ALA C 379 -8.91 18.02 -41.54
CA ALA C 379 -10.15 18.31 -40.84
C ALA C 379 -11.16 19.00 -41.76
N ALA C 380 -10.76 19.30 -42.99
CA ALA C 380 -11.70 19.65 -44.03
C ALA C 380 -12.15 18.45 -44.86
N SER C 381 -11.26 17.49 -45.12
CA SER C 381 -11.71 16.27 -45.80
C SER C 381 -12.64 15.44 -44.94
N LYS C 382 -12.36 15.31 -43.65
CA LYS C 382 -13.24 14.54 -42.77
C LYS C 382 -14.35 15.45 -42.22
N MET C 383 -15.24 15.86 -43.11
CA MET C 383 -16.29 16.77 -42.69
C MET C 383 -17.67 16.10 -42.75
N ALA C 387 -23.24 21.14 -43.78
CA ALA C 387 -23.02 21.63 -42.43
C ALA C 387 -22.50 23.07 -42.44
N ILE C 388 -21.90 23.49 -41.33
CA ILE C 388 -21.34 24.83 -41.18
C ILE C 388 -19.93 24.69 -40.63
N VAL C 389 -18.97 25.35 -41.27
CA VAL C 389 -17.56 25.26 -40.91
C VAL C 389 -17.08 26.63 -40.48
N LEU C 390 -16.58 26.73 -39.25
CA LEU C 390 -16.10 27.98 -38.68
C LEU C 390 -14.61 27.82 -38.49
N ILE C 391 -13.81 28.58 -39.22
CA ILE C 391 -12.36 28.53 -39.14
C ILE C 391 -11.86 29.82 -38.51
N ASP C 392 -11.04 29.71 -37.47
CA ASP C 392 -10.48 30.89 -36.83
C ASP C 392 -9.00 30.96 -37.14
N GLU C 393 -8.57 32.05 -37.78
CA GLU C 393 -7.20 32.38 -38.14
C GLU C 393 -6.52 31.25 -38.92
N PRO C 394 -6.80 31.10 -40.21
CA PRO C 394 -6.09 30.10 -41.01
C PRO C 394 -4.77 30.58 -41.59
N GLU C 395 -4.32 31.78 -41.23
CA GLU C 395 -3.10 32.35 -41.77
C GLU C 395 -1.90 32.13 -40.85
N ILE C 396 -2.05 31.29 -39.84
CA ILE C 396 -1.01 31.12 -38.83
C ILE C 396 0.17 30.38 -39.43
N SER C 397 1.36 31.00 -39.33
CA SER C 397 2.65 30.43 -39.74
C SER C 397 2.70 30.02 -41.20
N LEU C 398 2.07 30.79 -42.07
CA LEU C 398 2.02 30.41 -43.47
C LEU C 398 2.71 31.48 -44.31
N HIS C 399 3.42 31.05 -45.34
CA HIS C 399 3.95 31.99 -46.33
C HIS C 399 2.80 32.58 -47.15
N ILE C 400 3.07 33.73 -47.78
CA ILE C 400 2.06 34.52 -48.47
C ILE C 400 1.39 33.80 -49.64
N ASP C 401 2.12 32.96 -50.38
CA ASP C 401 1.49 32.22 -51.47
C ASP C 401 0.49 31.18 -50.98
N TRP C 402 0.81 30.50 -49.88
CA TRP C 402 -0.14 29.56 -49.31
C TRP C 402 -1.34 30.28 -48.72
N GLN C 403 -1.13 31.48 -48.17
CA GLN C 403 -2.24 32.31 -47.75
C GLN C 403 -3.10 32.72 -48.93
N GLU C 404 -2.48 32.92 -50.09
CA GLU C 404 -3.23 33.25 -51.29
C GLU C 404 -4.08 32.07 -51.77
N ASP C 405 -3.55 30.86 -51.67
CA ASP C 405 -4.21 29.72 -52.30
C ASP C 405 -5.01 28.84 -51.34
N LEU C 406 -5.00 29.14 -50.04
CA LEU C 406 -5.64 28.27 -49.06
C LEU C 406 -7.16 28.24 -49.21
N LEU C 407 -7.77 29.42 -49.39
CA LEU C 407 -9.22 29.46 -49.54
C LEU C 407 -9.68 28.81 -50.83
N LYS C 408 -8.93 28.98 -51.92
CA LYS C 408 -9.32 28.35 -53.18
C LYS C 408 -9.20 26.83 -53.11
N ARG C 409 -8.17 26.32 -52.41
CA ARG C 409 -8.05 24.88 -52.28
C ARG C 409 -9.11 24.31 -51.35
N MET C 410 -9.44 25.04 -50.30
CA MET C 410 -10.40 24.49 -49.35
C MET C 410 -11.81 24.65 -49.88
N LEU C 411 -12.05 25.67 -50.72
CA LEU C 411 -13.34 25.82 -51.33
C LEU C 411 -13.53 24.82 -52.46
N SER C 412 -12.42 24.33 -53.02
CA SER C 412 -12.53 23.27 -54.01
C SER C 412 -12.73 21.93 -53.34
N GLN C 413 -12.24 21.76 -52.12
CA GLN C 413 -12.36 20.47 -51.46
C GLN C 413 -13.53 20.40 -50.49
N LEU C 414 -14.09 21.54 -50.08
CA LEU C 414 -15.19 21.57 -49.12
C LEU C 414 -16.28 22.42 -49.77
N SER C 415 -17.13 21.80 -50.58
CA SER C 415 -18.19 22.52 -51.27
C SER C 415 -19.54 22.16 -50.69
N GLY C 416 -20.44 23.13 -50.65
CA GLY C 416 -21.78 22.89 -50.16
C GLY C 416 -22.02 23.26 -48.71
N ARG C 417 -21.09 23.97 -48.07
CA ARG C 417 -21.24 24.33 -46.67
C ARG C 417 -20.84 25.78 -46.48
N GLN C 418 -21.32 26.37 -45.38
CA GLN C 418 -21.05 27.75 -45.02
C GLN C 418 -19.66 27.86 -44.40
N ILE C 419 -18.73 28.48 -45.12
CA ILE C 419 -17.35 28.60 -44.68
C ILE C 419 -17.17 30.00 -44.12
N ILE C 420 -17.13 30.11 -42.80
CA ILE C 420 -16.87 31.37 -42.13
C ILE C 420 -15.42 31.36 -41.67
N VAL C 421 -14.64 32.35 -42.10
CA VAL C 421 -13.25 32.47 -41.70
C VAL C 421 -13.05 33.85 -41.08
N CYS C 422 -12.14 33.94 -40.12
CA CYS C 422 -11.80 35.20 -39.47
C CYS C 422 -10.29 35.36 -39.55
N THR C 423 -9.84 36.31 -40.35
CA THR C 423 -8.41 36.48 -40.58
C THR C 423 -7.92 37.87 -40.26
N HIS C 424 -6.67 37.94 -39.81
CA HIS C 424 -6.02 39.20 -39.55
C HIS C 424 -5.33 39.75 -40.79
N SER C 425 -4.91 38.86 -41.68
CA SER C 425 -4.21 39.17 -42.92
C SER C 425 -5.16 39.13 -44.11
N PRO C 426 -5.24 40.20 -44.91
CA PRO C 426 -6.14 40.19 -46.06
C PRO C 426 -5.70 39.29 -47.20
N SER C 427 -4.47 38.76 -47.15
CA SER C 427 -3.95 37.85 -48.17
C SER C 427 -4.79 36.58 -48.30
N ILE C 428 -5.48 36.18 -47.23
CA ILE C 428 -6.36 35.03 -47.29
C ILE C 428 -7.54 35.30 -48.21
N ALA C 429 -8.03 36.55 -48.23
CA ALA C 429 -9.24 36.88 -48.96
C ALA C 429 -8.99 37.36 -50.38
N THR C 430 -7.90 36.95 -51.01
CA THR C 430 -7.69 37.31 -52.40
C THR C 430 -8.63 36.53 -53.31
N GLY C 431 -9.15 37.22 -54.33
CA GLY C 431 -10.11 36.62 -55.22
C GLY C 431 -11.53 36.55 -54.71
N TYR C 432 -11.76 36.90 -53.45
CA TYR C 432 -13.10 36.89 -52.85
C TYR C 432 -13.32 38.18 -52.08
N GLU C 433 -12.95 39.29 -52.71
CA GLU C 433 -13.00 40.58 -52.04
C GLU C 433 -14.42 41.08 -51.82
N ASP C 434 -15.38 40.56 -52.59
CA ASP C 434 -16.78 40.91 -52.37
C ASP C 434 -17.33 40.27 -51.11
N PHE C 435 -16.68 39.21 -50.62
CA PHE C 435 -17.10 38.51 -49.42
C PHE C 435 -16.44 39.04 -48.15
N MET C 436 -15.61 40.06 -48.25
CA MET C 436 -14.86 40.56 -47.10
C MET C 436 -15.79 41.44 -46.26
N ILE C 437 -16.29 40.88 -45.17
CA ILE C 437 -17.14 41.60 -44.24
C ILE C 437 -16.25 42.14 -43.14
N ASN C 438 -16.18 43.46 -43.01
CA ASN C 438 -15.29 44.08 -42.04
C ASN C 438 -16.05 44.24 -40.73
N ILE C 439 -15.56 43.60 -39.70
CA ILE C 439 -16.19 43.66 -38.39
C ILE C 439 -15.79 44.98 -37.73
N SER C 440 -16.68 45.53 -36.90
CA SER C 440 -16.37 46.77 -36.21
C SER C 440 -17.13 46.86 -34.89
N PRO C 441 -16.42 46.84 -33.76
CA PRO C 441 -17.08 46.87 -32.46
C PRO C 441 -17.50 48.29 -32.06
N GLU C 442 -18.80 48.49 -31.91
CA GLU C 442 -19.34 49.78 -31.48
C GLU C 442 -19.31 49.81 -29.95
N PHE C 443 -18.20 50.30 -29.40
CA PHE C 443 -18.04 50.40 -27.95
C PHE C 443 -19.07 51.35 -27.35
N ILE C 444 -19.82 50.85 -26.37
CA ILE C 444 -20.88 51.58 -25.65
C ILE C 444 -20.49 53.01 -25.19
N ALA D 2 7.58 -47.80 -30.17
CA ALA D 2 8.79 -47.57 -29.40
C ALA D 2 10.00 -48.23 -30.06
N ILE D 3 11.18 -47.92 -29.55
CA ILE D 3 12.42 -48.54 -30.00
C ILE D 3 13.04 -49.39 -28.90
N ARG D 4 13.45 -48.76 -27.79
CA ARG D 4 14.09 -49.46 -26.69
C ARG D 4 13.02 -49.96 -25.72
N THR D 5 12.46 -51.11 -26.03
CA THR D 5 11.45 -51.68 -25.14
C THR D 5 12.13 -52.26 -23.90
N ILE D 6 11.39 -52.28 -22.80
CA ILE D 6 11.92 -52.79 -21.54
C ILE D 6 11.92 -54.31 -21.56
N SER D 7 13.07 -54.92 -21.27
CA SER D 7 13.20 -56.36 -21.26
C SER D 7 13.11 -56.94 -19.85
N LYS D 8 13.90 -56.43 -18.91
CA LYS D 8 13.92 -56.95 -17.55
C LYS D 8 14.30 -55.85 -16.56
N ILE D 9 13.49 -55.68 -15.51
CA ILE D 9 13.78 -54.72 -14.45
C ILE D 9 13.97 -55.46 -13.13
N GLU D 10 15.09 -55.18 -12.45
CA GLU D 10 15.43 -55.78 -11.17
C GLU D 10 15.48 -54.68 -10.10
N LEU D 11 14.57 -54.76 -9.14
CA LEU D 11 14.51 -53.87 -7.98
C LEU D 11 14.95 -54.65 -6.76
N SER D 12 15.98 -54.16 -6.08
CA SER D 12 16.51 -54.83 -4.90
C SER D 12 16.24 -54.00 -3.65
N LYS D 13 15.50 -54.59 -2.71
CA LYS D 13 15.18 -54.02 -1.39
C LYS D 13 14.51 -52.64 -1.46
N ILE D 14 13.51 -52.51 -2.32
CA ILE D 14 12.78 -51.25 -2.39
C ILE D 14 11.87 -51.13 -1.18
N HIS D 15 11.91 -49.95 -0.54
CA HIS D 15 11.27 -49.65 0.75
C HIS D 15 11.73 -50.56 1.90
N ASN D 16 12.90 -51.21 1.73
CA ASN D 16 13.46 -52.19 2.65
C ASN D 16 12.51 -53.35 3.00
N ARG D 17 11.74 -53.82 2.02
CA ARG D 17 10.81 -54.91 2.31
C ARG D 17 11.05 -56.14 1.46
N TYR D 18 11.22 -55.99 0.15
CA TYR D 18 11.26 -57.15 -0.72
C TYR D 18 12.07 -56.83 -1.97
N ASN D 19 12.46 -57.89 -2.68
CA ASN D 19 13.12 -57.79 -3.96
C ASN D 19 12.17 -58.28 -5.04
N LEU D 20 12.23 -57.64 -6.22
CA LEU D 20 11.32 -57.97 -7.29
C LEU D 20 12.04 -57.85 -8.63
N THR D 21 11.94 -58.88 -9.45
CA THR D 21 12.53 -58.88 -10.79
C THR D 21 11.48 -59.32 -11.78
N VAL D 22 11.09 -58.42 -12.68
CA VAL D 22 10.03 -58.67 -13.65
C VAL D 22 10.62 -58.54 -15.04
N ASP D 23 10.40 -59.57 -15.86
CA ASP D 23 10.80 -59.54 -17.26
C ASP D 23 9.62 -59.16 -18.14
N PHE D 24 9.81 -58.17 -19.00
CA PHE D 24 8.76 -57.65 -19.86
C PHE D 24 9.03 -58.06 -21.30
N PHE D 25 7.94 -58.32 -22.03
CA PHE D 25 8.02 -58.53 -23.46
C PHE D 25 8.06 -57.20 -24.19
N ASN D 26 8.25 -57.27 -25.50
CA ASN D 26 8.19 -56.07 -26.34
C ASN D 26 6.75 -55.67 -26.60
N ASP D 27 5.83 -56.62 -26.49
CA ASP D 27 4.40 -56.45 -26.71
C ASP D 27 3.71 -56.12 -25.40
N LEU D 28 2.38 -56.33 -25.36
CA LEU D 28 1.52 -56.25 -24.18
C LEU D 28 2.15 -56.87 -22.94
N ASN D 29 1.96 -56.21 -21.80
CA ASN D 29 2.44 -56.73 -20.52
C ASN D 29 1.31 -56.55 -19.50
N VAL D 30 0.55 -57.61 -19.27
CA VAL D 30 -0.58 -57.59 -18.36
C VAL D 30 -0.15 -58.11 -17.00
N ILE D 31 0.22 -57.22 -16.09
CA ILE D 31 0.61 -57.63 -14.75
C ILE D 31 -0.65 -57.75 -13.90
N HIS D 32 -0.83 -58.94 -13.32
CA HIS D 32 -2.00 -59.27 -12.51
C HIS D 32 -1.53 -59.62 -11.11
N GLY D 33 -2.06 -58.90 -10.12
CA GLY D 33 -1.71 -59.18 -8.74
C GLY D 33 -2.53 -58.35 -7.79
N LYS D 34 -2.66 -58.85 -6.57
CA LYS D 34 -3.46 -58.20 -5.55
C LYS D 34 -2.76 -56.95 -5.02
N ASN D 35 -3.56 -56.08 -4.39
CA ASN D 35 -3.07 -54.83 -3.82
C ASN D 35 -1.97 -55.08 -2.79
N GLY D 36 -1.10 -54.10 -2.62
CA GLY D 36 -0.01 -54.21 -1.67
C GLY D 36 1.23 -54.84 -2.26
N ALA D 37 1.16 -55.28 -3.53
CA ALA D 37 2.28 -55.87 -4.25
C ALA D 37 3.27 -54.84 -4.76
N GLY D 38 3.03 -53.54 -4.54
CA GLY D 38 3.95 -52.56 -5.06
C GLY D 38 3.86 -52.31 -6.54
N LYS D 39 2.77 -52.76 -7.17
CA LYS D 39 2.55 -52.57 -8.60
C LYS D 39 2.63 -51.10 -8.96
N SER D 40 1.95 -50.25 -8.17
CA SER D 40 1.95 -48.80 -8.36
C SER D 40 3.37 -48.27 -8.29
N THR D 41 4.14 -48.73 -7.29
CA THR D 41 5.54 -48.36 -7.14
C THR D 41 6.34 -48.74 -8.38
N LEU D 42 6.17 -49.98 -8.86
CA LEU D 42 6.84 -50.45 -10.07
C LEU D 42 6.53 -49.58 -11.28
N ILE D 43 5.27 -49.12 -11.38
CA ILE D 43 4.87 -48.26 -12.48
C ILE D 43 5.53 -46.90 -12.37
N HIS D 44 5.60 -46.36 -11.14
CA HIS D 44 6.26 -45.08 -10.92
C HIS D 44 7.77 -45.18 -11.17
N VAL D 45 8.37 -46.32 -10.84
CA VAL D 45 9.79 -46.55 -11.10
C VAL D 45 10.05 -46.57 -12.61
N ILE D 46 9.19 -47.26 -13.36
CA ILE D 46 9.34 -47.33 -14.81
C ILE D 46 9.12 -45.96 -15.44
N ALA D 47 8.10 -45.23 -14.98
CA ALA D 47 7.84 -43.89 -15.50
C ALA D 47 8.90 -42.87 -15.08
N ASN D 48 9.63 -43.13 -14.01
CA ASN D 48 10.72 -42.25 -13.61
C ASN D 48 12.07 -42.69 -14.18
N ILE D 49 12.11 -43.83 -14.86
CA ILE D 49 13.31 -44.28 -15.57
C ILE D 49 13.23 -43.93 -17.05
N VAL D 50 12.11 -44.28 -17.68
CA VAL D 50 11.98 -44.15 -19.13
C VAL D 50 11.93 -42.69 -19.57
N ASN D 51 11.18 -41.86 -18.84
CA ASN D 51 10.96 -40.48 -19.28
C ASN D 51 12.08 -39.52 -18.85
N GLY D 52 13.25 -40.03 -18.47
CA GLY D 52 14.35 -39.17 -18.07
C GLY D 52 14.23 -38.43 -16.76
N ASP D 53 13.22 -38.72 -15.94
CA ASP D 53 13.06 -38.06 -14.65
C ASP D 53 13.65 -38.91 -13.52
N PHE D 54 14.97 -39.07 -13.57
CA PHE D 54 15.65 -39.87 -12.54
C PHE D 54 15.85 -39.11 -11.23
N ILE D 55 15.57 -37.81 -11.21
CA ILE D 55 15.80 -37.03 -9.99
C ILE D 55 14.76 -37.37 -8.93
N ARG D 56 13.64 -37.98 -9.35
CA ARG D 56 12.60 -38.37 -8.41
C ARG D 56 13.07 -39.55 -7.58
N PHE D 57 14.11 -40.24 -8.06
CA PHE D 57 14.67 -41.38 -7.34
C PHE D 57 15.43 -40.92 -6.11
N ALA D 58 15.69 -39.62 -5.97
CA ALA D 58 16.30 -39.13 -4.74
C ALA D 58 15.31 -39.19 -3.58
N PHE D 59 14.01 -39.26 -3.88
CA PHE D 59 12.98 -39.38 -2.86
C PHE D 59 12.57 -40.82 -2.59
N LEU D 60 13.34 -41.79 -3.10
CA LEU D 60 12.99 -43.20 -2.99
C LEU D 60 14.08 -43.93 -2.20
N ILE D 61 13.64 -44.83 -1.32
CA ILE D 61 14.54 -45.65 -0.52
C ILE D 61 14.71 -46.99 -1.21
N PHE D 62 15.93 -47.31 -1.61
CA PHE D 62 16.20 -48.53 -2.35
C PHE D 62 17.66 -48.92 -2.13
N GLU D 63 18.04 -50.07 -2.68
CA GLU D 63 19.41 -50.55 -2.63
C GLU D 63 20.05 -50.61 -4.01
N GLU D 64 19.42 -51.30 -4.95
CA GLU D 64 19.97 -51.44 -6.30
C GLU D 64 18.80 -51.62 -7.27
N ILE D 65 18.78 -50.80 -8.31
CA ILE D 65 17.74 -50.85 -9.33
C ILE D 65 18.41 -51.02 -10.69
N LYS D 66 18.10 -52.12 -11.37
CA LYS D 66 18.68 -52.39 -12.67
C LYS D 66 17.58 -52.45 -13.72
N ALA D 67 17.75 -51.68 -14.79
CA ALA D 67 16.79 -51.58 -15.89
C ALA D 67 17.49 -51.94 -17.18
N THR D 68 17.00 -52.96 -17.87
CA THR D 68 17.56 -53.42 -19.13
C THR D 68 16.56 -53.19 -20.25
N TYR D 69 17.00 -52.48 -21.29
CA TYR D 69 16.17 -52.28 -22.46
C TYR D 69 16.33 -53.43 -23.45
N SER D 70 15.65 -53.33 -24.59
CA SER D 70 15.71 -54.36 -25.61
C SER D 70 17.02 -54.32 -26.39
N ASP D 71 17.54 -53.12 -26.65
CA ASP D 71 18.76 -53.00 -27.44
C ASP D 71 19.99 -53.43 -26.63
N GLY D 72 19.93 -53.32 -25.31
CA GLY D 72 21.03 -53.75 -24.47
C GLY D 72 21.55 -52.71 -23.52
N LEU D 73 20.87 -51.57 -23.42
CA LEU D 73 21.28 -50.53 -22.50
C LEU D 73 20.89 -50.92 -21.08
N LYS D 74 21.87 -50.87 -20.17
CA LYS D 74 21.70 -51.23 -18.78
C LYS D 74 21.84 -49.98 -17.94
N ILE D 75 20.88 -49.76 -17.05
CA ILE D 75 20.93 -48.64 -16.11
C ILE D 75 20.93 -49.21 -14.70
N VAL D 76 21.96 -48.88 -13.92
CA VAL D 76 22.11 -49.35 -12.56
C VAL D 76 22.05 -48.12 -11.66
N ILE D 77 21.11 -48.13 -10.72
CA ILE D 77 20.92 -47.02 -9.80
C ILE D 77 21.17 -47.53 -8.40
N ARG D 78 22.05 -46.85 -7.68
CA ARG D 78 22.38 -47.25 -6.32
C ARG D 78 22.26 -46.05 -5.40
N ARG D 79 21.85 -46.31 -4.17
CA ARG D 79 21.71 -45.29 -3.14
C ARG D 79 22.75 -45.56 -2.06
N ASP D 80 23.81 -44.76 -2.04
CA ASP D 80 24.93 -44.96 -1.14
C ASP D 80 25.11 -43.68 -0.34
N LYS D 81 25.29 -43.79 0.97
CA LYS D 81 25.47 -42.58 1.78
C LYS D 81 26.87 -42.53 2.36
N ILE D 82 27.46 -41.35 2.26
CA ILE D 82 28.78 -41.02 2.79
C ILE D 82 28.61 -39.81 3.69
N ASP D 83 29.18 -39.89 4.90
CA ASP D 83 29.19 -38.83 5.92
C ASP D 83 27.78 -38.27 6.17
N GLU D 84 26.85 -39.20 6.46
CA GLU D 84 25.43 -38.92 6.73
C GLU D 84 24.71 -38.24 5.55
N GLN D 85 25.26 -38.30 4.33
CA GLN D 85 24.57 -37.72 3.17
C GLN D 85 24.46 -38.76 2.07
N SER D 86 23.23 -38.96 1.59
CA SER D 86 22.96 -39.96 0.56
C SER D 86 23.21 -39.41 -0.84
N PHE D 87 23.85 -40.24 -1.67
CA PHE D 87 24.14 -39.94 -3.07
C PHE D 87 23.57 -41.06 -3.92
N ILE D 88 22.85 -40.69 -4.97
CA ILE D 88 22.29 -41.61 -5.94
C ILE D 88 23.22 -41.66 -7.13
N SER D 89 23.67 -42.88 -7.47
CA SER D 89 24.58 -43.14 -8.58
C SER D 89 23.79 -43.82 -9.70
N VAL D 90 23.60 -43.10 -10.80
CA VAL D 90 22.93 -43.59 -12.01
C VAL D 90 24.02 -43.92 -13.01
N THR D 91 24.39 -45.19 -13.09
CA THR D 91 25.48 -45.68 -13.93
C THR D 91 24.90 -46.41 -15.14
N LEU D 92 25.12 -45.83 -16.32
CA LEU D 92 24.65 -46.43 -17.55
C LEU D 92 25.67 -47.45 -18.06
N SER D 93 25.21 -48.34 -18.94
CA SER D 93 26.09 -49.30 -19.60
C SER D 93 27.01 -48.67 -20.64
N ASN D 94 26.77 -47.42 -21.06
CA ASN D 94 27.57 -46.83 -22.11
C ASN D 94 28.96 -46.38 -21.64
N GLY D 95 29.16 -46.29 -20.33
CA GLY D 95 30.43 -45.84 -19.78
C GLY D 95 30.26 -44.66 -18.85
N LYS D 96 29.41 -43.71 -19.25
CA LYS D 96 29.17 -42.54 -18.41
C LYS D 96 28.31 -42.91 -17.21
N TYR D 97 28.44 -42.11 -16.15
CA TYR D 97 27.68 -42.31 -14.94
C TYR D 97 27.57 -40.98 -14.21
N ILE D 98 26.40 -40.70 -13.66
CA ILE D 98 26.19 -39.46 -12.91
C ILE D 98 25.87 -39.83 -11.46
N LYS D 99 26.31 -38.97 -10.54
CA LYS D 99 25.99 -39.17 -9.14
C LYS D 99 25.59 -37.81 -8.56
N PHE D 100 24.66 -37.82 -7.61
CA PHE D 100 24.26 -36.55 -7.01
C PHE D 100 23.69 -36.77 -5.62
N ALA D 101 23.76 -35.72 -4.81
CA ALA D 101 23.23 -35.76 -3.45
C ALA D 101 21.71 -35.67 -3.42
N VAL D 102 21.12 -36.41 -2.48
CA VAL D 102 19.68 -36.41 -2.27
C VAL D 102 19.20 -35.07 -1.75
N GLY D 103 19.94 -34.48 -0.81
CA GLY D 103 19.58 -33.19 -0.24
C GLY D 103 19.62 -32.05 -1.23
N GLU D 104 20.52 -32.12 -2.21
CA GLU D 104 20.54 -31.13 -3.29
C GLU D 104 19.26 -31.18 -4.11
N ALA D 105 18.76 -32.39 -4.40
CA ALA D 105 17.51 -32.52 -5.13
C ALA D 105 16.32 -32.07 -4.28
N MET D 106 16.37 -32.33 -2.97
CA MET D 106 15.32 -31.84 -2.07
C MET D 106 15.30 -30.31 -2.01
N ALA D 107 16.49 -29.69 -1.98
CA ALA D 107 16.58 -28.24 -2.01
C ALA D 107 16.10 -27.67 -3.33
N THR D 108 16.38 -28.36 -4.43
CA THR D 108 15.88 -27.92 -5.75
C THR D 108 14.36 -28.01 -5.82
N VAL D 109 13.78 -29.07 -5.24
CA VAL D 109 12.32 -29.22 -5.24
C VAL D 109 11.69 -28.15 -4.36
N ARG D 110 12.29 -27.85 -3.22
CA ARG D 110 11.77 -26.76 -2.40
C ARG D 110 12.01 -25.40 -3.05
N GLU D 111 13.00 -25.29 -3.95
CA GLU D 111 13.15 -24.08 -4.76
C GLU D 111 11.99 -23.93 -5.74
N ILE D 112 11.46 -25.04 -6.26
CA ILE D 112 10.31 -24.91 -7.18
C ILE D 112 9.05 -24.50 -6.41
N GLU D 113 9.00 -24.77 -5.11
CA GLU D 113 7.86 -24.38 -4.27
C GLU D 113 7.75 -22.85 -4.15
N SER D 125 18.54 -24.90 -9.76
CA SER D 125 18.23 -25.45 -11.07
C SER D 125 19.47 -26.02 -11.73
N MET D 126 20.59 -25.99 -11.00
CA MET D 126 21.84 -26.54 -11.52
C MET D 126 21.77 -28.06 -11.65
N LEU D 127 21.17 -28.72 -10.66
CA LEU D 127 21.03 -30.17 -10.72
C LEU D 127 20.05 -30.59 -11.80
N ALA D 128 19.00 -29.80 -12.02
CA ALA D 128 18.05 -30.07 -13.11
C ALA D 128 18.74 -29.96 -14.46
N MET D 129 19.57 -28.93 -14.63
CA MET D 129 20.34 -28.78 -15.87
C MET D 129 21.36 -29.89 -16.03
N ASP D 130 21.95 -30.36 -14.92
CA ASP D 130 22.88 -31.48 -14.98
C ASP D 130 22.18 -32.77 -15.40
N ILE D 131 20.98 -33.02 -14.87
CA ILE D 131 20.20 -34.20 -15.25
C ILE D 131 19.77 -34.11 -16.72
N ASP D 132 19.36 -32.91 -17.15
CA ASP D 132 18.99 -32.71 -18.55
C ASP D 132 20.17 -32.90 -19.49
N LYS D 133 21.35 -32.41 -19.11
CA LYS D 133 22.55 -32.62 -19.90
C LYS D 133 22.95 -34.08 -19.95
N PHE D 134 22.80 -34.79 -18.82
CA PHE D 134 23.13 -36.21 -18.76
C PHE D 134 22.20 -37.04 -19.64
N VAL D 135 20.90 -36.74 -19.63
CA VAL D 135 19.97 -37.53 -20.43
C VAL D 135 19.97 -37.08 -21.88
N LYS D 136 20.50 -35.89 -22.18
CA LYS D 136 20.59 -35.42 -23.56
C LYS D 136 21.84 -35.91 -24.24
N GLU D 137 22.98 -35.92 -23.54
CA GLU D 137 24.22 -36.38 -24.14
C GLU D 137 24.29 -37.90 -24.25
N ASN D 138 23.48 -38.61 -23.48
CA ASN D 138 23.41 -40.06 -23.55
C ASN D 138 22.19 -40.54 -24.33
N GLU D 139 21.27 -39.64 -24.68
CA GLU D 139 20.04 -39.91 -25.43
C GLU D 139 19.18 -40.94 -24.71
N LEU D 140 18.79 -40.58 -23.48
CA LEU D 140 17.97 -41.44 -22.65
C LEU D 140 16.48 -41.16 -22.81
N GLN D 141 16.12 -40.14 -23.59
CA GLN D 141 14.73 -39.74 -23.77
C GLN D 141 14.27 -40.01 -25.20
N LYS D 142 14.70 -41.15 -25.75
CA LYS D 142 14.28 -41.55 -27.09
C LYS D 142 12.83 -42.00 -27.07
N VAL D 143 12.44 -42.78 -26.06
CA VAL D 143 11.09 -43.30 -25.90
C VAL D 143 10.49 -42.65 -24.67
N ARG D 144 9.32 -42.06 -24.82
CA ARG D 144 8.61 -41.41 -23.72
C ARG D 144 7.46 -42.30 -23.29
N ALA D 145 7.34 -42.55 -21.99
CA ALA D 145 6.29 -43.40 -21.45
C ALA D 145 5.18 -42.55 -20.85
N SER D 146 3.95 -42.87 -21.20
CA SER D 146 2.78 -42.18 -20.68
C SER D 146 2.28 -42.93 -19.45
N TYR D 147 1.91 -42.17 -18.42
CA TYR D 147 1.49 -42.74 -17.14
C TYR D 147 0.00 -42.50 -16.94
N PHE D 148 -0.76 -43.58 -16.77
CA PHE D 148 -2.18 -43.50 -16.45
C PHE D 148 -2.37 -43.89 -15.00
N PRO D 149 -2.62 -42.94 -14.10
CA PRO D 149 -2.70 -43.26 -12.67
C PRO D 149 -4.00 -43.96 -12.32
N ALA D 150 -3.98 -44.66 -11.20
CA ALA D 150 -5.16 -45.31 -10.66
C ALA D 150 -6.04 -44.37 -9.87
N PHE D 151 -5.63 -43.11 -9.69
CA PHE D 151 -6.40 -42.13 -8.94
C PHE D 151 -6.90 -41.00 -9.86
N ARG D 152 -7.41 -41.34 -11.04
CA ARG D 152 -7.86 -40.32 -11.99
C ARG D 152 -9.11 -39.60 -11.52
N THR D 153 -9.84 -40.17 -10.54
CA THR D 153 -10.93 -39.44 -9.91
C THR D 153 -10.41 -38.22 -9.15
N MET D 154 -9.21 -38.32 -8.58
CA MET D 154 -8.57 -37.14 -7.99
C MET D 154 -8.25 -36.10 -9.03
N LEU D 155 -7.88 -36.53 -10.24
CA LEU D 155 -7.68 -35.57 -11.33
C LEU D 155 -9.00 -34.94 -11.76
N GLU D 156 -10.10 -35.68 -11.63
CA GLU D 156 -11.41 -35.06 -11.84
C GLU D 156 -11.72 -34.09 -10.71
N ALA D 157 -11.21 -34.35 -9.50
CA ALA D 157 -11.49 -33.51 -8.34
C ALA D 157 -10.87 -32.13 -8.47
N TRP D 158 -9.62 -32.04 -8.93
CA TRP D 158 -8.98 -30.74 -9.14
C TRP D 158 -9.05 -30.31 -10.59
N SER D 159 -10.16 -30.60 -11.25
CA SER D 159 -10.41 -30.10 -12.60
C SER D 159 -10.65 -28.59 -12.56
N TYR D 176 -4.71 -30.81 -20.28
CA TYR D 176 -4.24 -31.53 -19.10
C TYR D 176 -3.80 -30.56 -18.02
N ASN D 177 -4.31 -30.78 -16.80
CA ASN D 177 -3.98 -29.95 -15.66
C ASN D 177 -2.54 -30.16 -15.20
N ARG D 178 -1.89 -29.07 -14.80
CA ARG D 178 -0.50 -29.09 -14.40
C ARG D 178 -0.30 -28.98 -12.90
N LYS D 179 -1.26 -28.40 -12.17
CA LYS D 179 -1.17 -28.38 -10.72
C LYS D 179 -1.52 -29.72 -10.10
N ALA D 180 -2.11 -30.63 -10.89
CA ALA D 180 -2.47 -31.96 -10.39
C ALA D 180 -1.23 -32.77 -10.07
N SER D 181 -0.14 -32.51 -10.80
CA SER D 181 1.13 -33.16 -10.53
C SER D 181 1.65 -32.77 -9.16
N ALA D 182 1.58 -31.47 -8.84
CA ALA D 182 2.00 -31.00 -7.53
C ALA D 182 1.09 -31.51 -6.42
N PHE D 183 -0.22 -31.59 -6.66
CA PHE D 183 -1.14 -32.13 -5.67
C PHE D 183 -0.87 -33.61 -5.39
N ALA D 184 -0.60 -34.38 -6.45
CA ALA D 184 -0.35 -35.81 -6.28
C ALA D 184 1.02 -36.05 -5.68
N ARG D 185 2.00 -35.19 -5.97
CA ARG D 185 3.28 -35.33 -5.30
C ARG D 185 3.22 -34.84 -3.87
N GLU D 186 2.29 -33.94 -3.56
CA GLU D 186 2.08 -33.51 -2.18
C GLU D 186 1.51 -34.63 -1.32
N LEU D 187 0.56 -35.39 -1.85
CA LEU D 187 -0.07 -36.42 -1.01
C LEU D 187 0.36 -37.85 -1.33
N PHE D 188 1.24 -38.07 -2.29
CA PHE D 188 1.79 -39.39 -2.56
C PHE D 188 3.31 -39.42 -2.50
N GLY D 189 3.95 -38.33 -2.12
CA GLY D 189 5.39 -38.25 -2.09
C GLY D 189 5.95 -37.69 -3.38
N GLN D 190 7.19 -37.22 -3.31
CA GLN D 190 7.80 -36.56 -4.47
C GLN D 190 8.39 -37.54 -5.48
N PHE D 191 8.33 -38.84 -5.22
CA PHE D 191 8.76 -39.81 -6.22
C PHE D 191 7.79 -39.90 -7.40
N LEU D 192 6.57 -39.41 -7.23
CA LEU D 192 5.54 -39.53 -8.26
C LEU D 192 5.90 -38.75 -9.52
N PRO D 193 5.76 -39.35 -10.71
CA PRO D 193 6.17 -38.68 -11.95
C PRO D 193 5.21 -37.56 -12.35
N SER D 194 5.47 -36.96 -13.51
CA SER D 194 4.63 -35.89 -14.02
C SER D 194 3.26 -36.43 -14.42
N ILE D 195 2.21 -35.76 -13.98
CA ILE D 195 0.84 -36.22 -14.20
C ILE D 195 0.25 -35.42 -15.33
N ASN D 196 -0.01 -36.08 -16.47
CA ASN D 196 -0.61 -35.47 -17.64
C ASN D 196 -1.78 -36.36 -18.07
N TYR D 197 -2.96 -36.09 -17.51
CA TYR D 197 -4.12 -36.93 -17.74
C TYR D 197 -5.37 -36.06 -17.85
N PRO D 198 -6.23 -36.34 -18.81
CA PRO D 198 -7.40 -35.48 -19.04
C PRO D 198 -8.61 -35.83 -18.20
N SER D 199 -9.22 -34.81 -17.63
CA SER D 199 -10.41 -34.92 -16.79
C SER D 199 -11.65 -34.98 -17.69
N PRO D 200 -12.79 -35.41 -17.15
CA PRO D 200 -14.05 -35.24 -17.90
C PRO D 200 -14.42 -33.80 -18.15
N MET D 201 -13.94 -32.87 -17.34
CA MET D 201 -14.37 -31.49 -17.39
C MET D 201 -13.41 -30.67 -18.25
N GLU D 202 -12.36 -31.30 -18.75
CA GLU D 202 -11.45 -30.74 -19.74
C GLU D 202 -11.63 -31.30 -21.14
N ILE D 203 -11.96 -32.58 -21.27
CA ILE D 203 -12.21 -33.15 -22.59
C ILE D 203 -13.44 -32.58 -23.27
N GLU D 204 -14.41 -32.06 -22.53
CA GLU D 204 -15.52 -31.36 -23.18
C GLU D 204 -15.05 -30.11 -23.90
N ASP D 205 -14.19 -29.33 -23.25
CA ASP D 205 -13.62 -28.15 -23.89
C ASP D 205 -12.67 -28.53 -25.03
N ARG D 206 -11.92 -29.60 -24.84
CA ARG D 206 -11.01 -30.08 -25.88
C ARG D 206 -11.77 -30.55 -27.12
N LEU D 207 -12.87 -31.27 -26.93
CA LEU D 207 -13.67 -31.73 -28.05
C LEU D 207 -14.35 -30.56 -28.76
N ARG D 208 -14.86 -29.58 -28.00
CA ARG D 208 -15.48 -28.42 -28.63
C ARG D 208 -14.48 -27.62 -29.44
N GLU D 209 -13.26 -27.45 -28.89
CA GLU D 209 -12.20 -26.74 -29.60
C GLU D 209 -11.77 -27.48 -30.85
N GLU D 210 -11.69 -28.81 -30.79
CA GLU D 210 -11.27 -29.57 -31.96
C GLU D 210 -12.33 -29.57 -33.05
N ILE D 211 -13.62 -29.65 -32.68
CA ILE D 211 -14.68 -29.59 -33.68
C ILE D 211 -14.74 -28.23 -34.36
N ARG D 212 -14.65 -27.13 -33.59
CA ARG D 212 -14.66 -25.81 -34.22
C ARG D 212 -13.40 -25.59 -35.08
N ARG D 213 -12.24 -26.10 -34.62
CA ARG D 213 -11.03 -25.97 -35.40
C ARG D 213 -11.10 -26.78 -36.69
N ALA D 214 -11.75 -27.95 -36.65
CA ALA D 214 -11.93 -28.74 -37.86
C ALA D 214 -12.90 -28.06 -38.83
N GLN D 215 -13.93 -27.40 -38.30
CA GLN D 215 -14.84 -26.64 -39.15
C GLN D 215 -14.13 -25.47 -39.82
N LEU D 216 -13.27 -24.78 -39.07
CA LEU D 216 -12.46 -23.71 -39.64
C LEU D 216 -11.47 -24.24 -40.67
N GLY D 217 -10.96 -25.46 -40.45
CA GLY D 217 -10.10 -26.09 -41.44
C GLY D 217 -10.83 -26.39 -42.73
N ILE D 218 -12.09 -26.83 -42.61
CA ILE D 218 -12.94 -27.04 -43.78
C ILE D 218 -13.14 -25.73 -44.52
N ALA D 219 -13.36 -24.64 -43.80
CA ALA D 219 -13.56 -23.34 -44.44
C ALA D 219 -12.28 -22.86 -45.15
N ALA D 220 -11.12 -23.17 -44.58
CA ALA D 220 -9.88 -22.80 -45.25
C ALA D 220 -9.62 -23.66 -46.48
N TYR D 221 -10.03 -24.93 -46.44
CA TYR D 221 -9.87 -25.73 -47.65
C TYR D 221 -10.87 -25.32 -48.73
N GLU D 222 -12.02 -24.79 -48.32
CA GLU D 222 -12.95 -24.18 -49.26
C GLU D 222 -12.33 -23.00 -49.97
N SER D 223 -11.71 -22.08 -49.22
CA SER D 223 -11.12 -20.91 -49.87
C SER D 223 -9.90 -21.26 -50.72
N ARG D 224 -9.10 -22.23 -50.28
CA ARG D 224 -7.98 -22.68 -51.11
C ARG D 224 -8.46 -23.39 -52.37
N THR D 225 -9.54 -24.17 -52.24
CA THR D 225 -10.12 -24.85 -53.39
C THR D 225 -10.70 -23.84 -54.37
N PHE D 226 -11.31 -22.76 -53.86
CA PHE D 226 -11.82 -21.71 -54.73
C PHE D 226 -10.70 -21.03 -55.51
N SER D 227 -9.61 -20.67 -54.85
CA SER D 227 -8.52 -19.99 -55.56
C SER D 227 -7.81 -20.92 -56.54
N GLU D 228 -7.61 -22.18 -56.16
CA GLU D 228 -6.95 -23.13 -57.04
C GLU D 228 -7.86 -23.50 -58.21
N SER D 229 -9.15 -23.66 -57.96
CA SER D 229 -10.07 -24.02 -59.02
C SER D 229 -10.30 -22.86 -59.96
N PHE D 230 -10.21 -21.62 -59.46
CA PHE D 230 -10.22 -20.44 -60.33
C PHE D 230 -9.04 -20.46 -61.28
N VAL D 231 -7.84 -20.72 -60.74
CA VAL D 231 -6.64 -20.80 -61.58
C VAL D 231 -6.75 -21.95 -62.57
N LYS D 232 -7.27 -23.10 -62.13
CA LYS D 232 -7.33 -24.29 -62.99
C LYS D 232 -8.40 -24.15 -64.07
N VAL D 233 -9.53 -23.52 -63.75
CA VAL D 233 -10.54 -23.26 -64.77
C VAL D 233 -10.02 -22.21 -65.76
N PHE D 234 -9.22 -21.24 -65.28
CA PHE D 234 -8.57 -20.31 -66.19
C PHE D 234 -7.54 -21.02 -67.07
N SER D 235 -6.96 -22.11 -66.57
CA SER D 235 -6.01 -22.98 -67.27
C SER D 235 -4.78 -22.24 -67.83
N THR D 248 -19.31 -34.45 -70.96
CA THR D 248 -20.09 -35.68 -70.91
C THR D 248 -21.20 -35.58 -69.87
N GLY D 249 -22.27 -36.35 -70.08
CA GLY D 249 -23.37 -36.37 -69.13
C GLY D 249 -23.07 -37.10 -67.85
N GLU D 250 -22.09 -38.01 -67.88
CA GLU D 250 -21.69 -38.73 -66.66
C GLU D 250 -21.06 -37.79 -65.64
N LEU D 251 -20.26 -36.82 -66.11
CA LEU D 251 -19.68 -35.83 -65.21
C LEU D 251 -20.76 -34.94 -64.59
N LEU D 252 -21.78 -34.58 -65.38
CA LEU D 252 -22.88 -33.80 -64.85
C LEU D 252 -23.70 -34.59 -63.83
N LYS D 253 -23.90 -35.89 -64.09
CA LYS D 253 -24.58 -36.76 -63.13
C LYS D 253 -23.78 -36.91 -61.85
N GLU D 254 -22.45 -37.02 -61.97
CA GLU D 254 -21.59 -37.12 -60.79
C GLU D 254 -21.60 -35.81 -60.00
N ILE D 255 -21.67 -34.67 -60.70
CA ILE D 255 -21.75 -33.38 -60.01
C ILE D 255 -23.09 -33.24 -59.31
N GLU D 256 -24.16 -33.77 -59.92
CA GLU D 256 -25.48 -33.74 -59.30
C GLU D 256 -25.52 -34.63 -58.06
N GLY D 257 -24.85 -35.78 -58.12
CA GLY D 257 -24.77 -36.64 -56.96
C GLY D 257 -23.92 -36.04 -55.85
N LEU D 258 -22.82 -35.38 -56.23
CA LEU D 258 -21.92 -34.77 -55.25
C LEU D 258 -22.43 -33.45 -54.71
N ALA D 259 -23.48 -32.89 -55.31
CA ALA D 259 -24.01 -31.61 -54.84
C ALA D 259 -24.74 -31.77 -53.51
N ILE D 260 -25.44 -32.90 -53.34
CA ILE D 260 -26.15 -33.13 -52.08
C ILE D 260 -25.17 -33.42 -50.95
N ALA D 261 -24.12 -34.17 -51.25
CA ALA D 261 -23.11 -34.50 -50.25
C ALA D 261 -22.20 -33.29 -49.98
N ILE D 266 -23.62 -31.77 -37.58
CA ILE D 266 -23.52 -32.00 -39.02
C ILE D 266 -22.14 -31.60 -39.52
N LYS D 267 -21.93 -31.72 -40.83
CA LYS D 267 -20.67 -31.38 -41.46
C LYS D 267 -20.75 -30.08 -42.26
N ASN D 268 -21.68 -29.20 -41.89
CA ASN D 268 -21.77 -27.89 -42.53
C ASN D 268 -20.62 -27.02 -42.05
N GLY D 269 -20.09 -26.20 -42.95
CA GLY D 269 -18.96 -25.35 -42.62
C GLY D 269 -19.36 -24.20 -41.72
N TYR D 270 -18.34 -23.65 -41.04
CA TYR D 270 -18.56 -22.48 -40.20
C TYR D 270 -18.89 -21.25 -41.02
N TYR D 271 -18.19 -21.06 -42.14
CA TYR D 271 -18.45 -19.94 -43.05
C TYR D 271 -19.61 -20.36 -43.94
N ALA D 272 -20.82 -19.98 -43.52
CA ALA D 272 -22.05 -20.41 -44.21
C ALA D 272 -22.22 -19.77 -45.58
N GLU D 273 -21.48 -18.71 -45.89
CA GLU D 273 -21.52 -18.11 -47.21
C GLU D 273 -20.98 -19.07 -48.27
N TYR D 274 -19.99 -19.88 -47.91
CA TYR D 274 -19.52 -20.91 -48.83
C TYR D 274 -20.53 -22.04 -48.94
N SER D 275 -21.26 -22.33 -47.86
CA SER D 275 -22.41 -23.24 -47.96
C SER D 275 -23.52 -22.66 -48.84
N LYS D 276 -23.56 -21.34 -49.01
CA LYS D 276 -24.59 -20.75 -49.85
C LYS D 276 -24.12 -20.71 -51.29
N VAL D 277 -22.80 -20.65 -51.49
CA VAL D 277 -22.26 -20.76 -52.83
C VAL D 277 -22.44 -22.20 -53.32
N TYR D 278 -22.36 -23.17 -52.39
CA TYR D 278 -22.64 -24.55 -52.73
C TYR D 278 -24.13 -24.76 -52.98
N GLU D 279 -24.99 -24.02 -52.27
CA GLU D 279 -26.42 -24.05 -52.54
C GLU D 279 -26.72 -23.49 -53.92
N GLU D 280 -26.01 -22.43 -54.31
CA GLU D 280 -26.17 -21.88 -55.64
C GLU D 280 -25.67 -22.84 -56.72
N ILE D 281 -24.62 -23.61 -56.41
CA ILE D 281 -24.14 -24.63 -57.35
C ILE D 281 -25.18 -25.73 -57.51
N ARG D 282 -25.82 -26.14 -56.42
CA ARG D 282 -26.88 -27.15 -56.49
C ARG D 282 -28.10 -26.61 -57.23
N SER D 283 -28.42 -25.33 -57.05
CA SER D 283 -29.53 -24.70 -57.78
C SER D 283 -29.23 -24.61 -59.28
N LEU D 284 -27.98 -24.34 -59.63
CA LEU D 284 -27.59 -24.31 -61.04
C LEU D 284 -27.61 -25.70 -61.65
N ILE D 285 -27.27 -26.72 -60.85
CA ILE D 285 -27.34 -28.09 -61.35
C ILE D 285 -28.81 -28.49 -61.53
N ASN D 286 -29.69 -27.96 -60.67
CA ASN D 286 -31.12 -28.21 -60.82
C ASN D 286 -31.69 -27.53 -62.05
N ARG D 287 -31.16 -26.36 -62.40
CA ARG D 287 -31.62 -25.64 -63.58
C ARG D 287 -31.10 -26.29 -64.87
N SER D 298 -16.83 -29.42 -70.13
CA SER D 298 -15.87 -30.41 -70.60
C SER D 298 -14.71 -30.54 -69.62
N GLY D 299 -13.59 -29.88 -69.96
CA GLY D 299 -12.45 -29.84 -69.06
C GLY D 299 -12.76 -29.10 -67.77
N ALA D 300 -13.48 -27.99 -67.88
CA ALA D 300 -13.89 -27.22 -66.71
C ALA D 300 -14.86 -28.01 -65.84
N LEU D 301 -15.73 -28.81 -66.46
CA LEU D 301 -16.63 -29.66 -65.69
C LEU D 301 -15.84 -30.75 -64.95
N VAL D 302 -14.77 -31.26 -65.58
CA VAL D 302 -13.87 -32.21 -64.92
C VAL D 302 -13.19 -31.55 -63.72
N VAL D 303 -12.76 -30.30 -63.89
CA VAL D 303 -12.14 -29.54 -62.80
C VAL D 303 -13.13 -29.32 -61.65
N TYR D 304 -14.38 -29.00 -61.99
CA TYR D 304 -15.44 -28.85 -61.01
C TYR D 304 -15.70 -30.15 -60.25
N ARG D 305 -15.74 -31.27 -60.97
CA ARG D 305 -15.96 -32.57 -60.35
C ARG D 305 -14.82 -32.94 -59.41
N ASP D 306 -13.58 -32.65 -59.84
CA ASP D 306 -12.41 -32.92 -58.99
C ASP D 306 -12.43 -32.04 -57.75
N ALA D 307 -12.85 -30.77 -57.90
CA ALA D 307 -12.93 -29.88 -56.75
C ALA D 307 -13.99 -30.33 -55.76
N LEU D 308 -15.13 -30.78 -56.26
CA LEU D 308 -16.20 -31.28 -55.39
C LEU D 308 -15.77 -32.55 -54.68
N ARG D 309 -15.07 -33.44 -55.40
CA ARG D 309 -14.58 -34.68 -54.81
C ARG D 309 -13.53 -34.40 -53.74
N ASP D 310 -12.65 -33.43 -53.98
CA ASP D 310 -11.65 -33.06 -52.98
C ASP D 310 -12.28 -32.38 -51.78
N ARG D 311 -13.33 -31.59 -52.00
CA ARG D 311 -14.08 -30.99 -50.91
C ARG D 311 -14.74 -32.05 -50.04
N GLN D 312 -15.34 -33.07 -50.68
CA GLN D 312 -15.95 -34.17 -49.93
C GLN D 312 -14.92 -34.98 -49.18
N ASP D 313 -13.76 -35.24 -49.80
CA ASP D 313 -12.71 -36.01 -49.14
C ASP D 313 -12.12 -35.28 -47.96
N TYR D 314 -11.91 -33.96 -48.08
CA TYR D 314 -11.43 -33.20 -46.94
C TYR D 314 -12.51 -33.08 -45.87
N GLN D 315 -13.77 -33.03 -46.28
CA GLN D 315 -14.89 -33.00 -45.35
C GLN D 315 -14.93 -34.27 -44.49
N GLU D 316 -14.66 -35.42 -45.10
CA GLU D 316 -14.57 -36.64 -44.33
C GLU D 316 -13.30 -36.68 -43.47
N LYS D 317 -12.18 -36.22 -44.03
CA LYS D 317 -10.89 -36.34 -43.36
C LYS D 317 -10.76 -35.41 -42.15
N ALA D 318 -11.44 -34.26 -42.16
CA ALA D 318 -11.36 -33.34 -41.04
C ALA D 318 -12.05 -33.90 -39.79
N PHE D 319 -13.16 -34.59 -39.99
CA PHE D 319 -13.96 -35.15 -38.90
C PHE D 319 -13.71 -36.62 -38.65
N SER D 320 -12.83 -37.27 -39.43
CA SER D 320 -12.57 -38.69 -39.24
C SER D 320 -11.94 -39.03 -37.89
N GLU D 321 -11.06 -38.17 -37.36
CA GLU D 321 -10.43 -38.48 -36.08
C GLU D 321 -11.43 -38.45 -34.92
N ILE D 322 -12.40 -37.55 -35.00
CA ILE D 322 -13.38 -37.47 -33.94
C ILE D 322 -14.49 -38.49 -34.18
N ASP D 323 -14.75 -38.85 -35.44
CA ASP D 323 -15.70 -39.91 -35.69
C ASP D 323 -15.16 -41.26 -35.25
N ASN D 324 -13.84 -41.45 -35.35
CA ASN D 324 -13.19 -42.63 -34.79
C ASN D 324 -13.29 -42.66 -33.28
N TYR D 325 -13.07 -41.51 -32.63
CA TYR D 325 -13.20 -41.48 -31.18
C TYR D 325 -14.65 -41.69 -30.73
N MET D 326 -15.61 -41.13 -31.46
CA MET D 326 -17.02 -41.35 -31.16
C MET D 326 -17.43 -42.79 -31.36
N SER D 327 -16.93 -43.44 -32.41
CA SER D 327 -17.23 -44.86 -32.62
C SER D 327 -16.60 -45.72 -31.52
N SER D 328 -15.40 -45.34 -31.09
CA SER D 328 -14.72 -46.04 -30.00
C SER D 328 -15.51 -45.92 -28.70
N VAL D 329 -16.07 -44.74 -28.43
CA VAL D 329 -16.89 -44.56 -27.24
C VAL D 329 -18.20 -45.34 -27.37
N ASN D 330 -18.92 -45.14 -28.48
CA ASN D 330 -20.22 -45.78 -28.70
C ASN D 330 -20.13 -47.29 -28.94
N SER D 331 -18.93 -47.87 -29.02
CA SER D 331 -18.82 -49.32 -29.11
C SER D 331 -19.22 -49.98 -27.79
N PHE D 332 -18.85 -49.37 -26.68
CA PHE D 332 -19.20 -49.92 -25.38
C PHE D 332 -20.64 -49.57 -25.01
N LEU D 333 -20.93 -48.27 -25.00
CA LEU D 333 -22.24 -47.73 -24.63
C LEU D 333 -23.38 -48.33 -25.43
N GLU D 334 -24.47 -48.63 -24.74
CA GLU D 334 -25.68 -49.18 -25.37
C GLU D 334 -26.86 -48.31 -24.98
N ASP D 335 -27.80 -48.14 -25.93
CA ASP D 335 -29.01 -47.32 -25.80
C ASP D 335 -28.69 -45.85 -25.47
N LYS D 336 -27.51 -45.38 -25.83
CA LYS D 336 -27.09 -44.01 -25.57
C LYS D 336 -25.93 -43.70 -26.51
N GLU D 337 -26.03 -42.60 -27.26
CA GLU D 337 -25.00 -42.22 -28.22
C GLU D 337 -24.34 -40.91 -27.85
N MET D 338 -23.01 -40.86 -27.87
CA MET D 338 -22.31 -39.61 -27.64
C MET D 338 -22.03 -38.99 -29.00
N ALA D 339 -22.47 -37.74 -29.20
CA ALA D 339 -22.33 -37.12 -30.51
C ALA D 339 -22.24 -35.61 -30.39
N TYR D 340 -22.00 -34.99 -31.55
CA TYR D 340 -21.78 -33.56 -31.70
C TYR D 340 -22.85 -32.82 -32.51
N ASP D 341 -24.13 -33.07 -32.20
CA ASP D 341 -25.22 -32.35 -32.85
C ASP D 341 -25.15 -30.86 -32.59
N PHE D 342 -25.71 -30.08 -33.51
CA PHE D 342 -25.74 -28.63 -33.36
C PHE D 342 -27.15 -28.13 -33.03
N TYR D 348 -22.46 -22.74 -33.18
CA TYR D 348 -21.52 -23.25 -32.19
C TYR D 348 -21.72 -24.75 -31.99
N PRO D 349 -20.62 -25.49 -31.85
CA PRO D 349 -20.74 -26.95 -31.65
C PRO D 349 -21.18 -27.29 -30.23
N LYS D 350 -22.17 -28.16 -30.13
CA LYS D 350 -22.57 -28.77 -28.87
C LYS D 350 -22.14 -30.22 -28.87
N VAL D 351 -21.48 -30.65 -27.79
CA VAL D 351 -21.00 -32.01 -27.63
C VAL D 351 -21.67 -32.64 -26.42
N GLY D 352 -22.30 -33.80 -26.61
CA GLY D 352 -22.94 -34.43 -25.48
C GLY D 352 -23.67 -35.70 -25.86
N LEU D 353 -24.47 -36.18 -24.92
CA LEU D 353 -25.21 -37.41 -25.10
C LEU D 353 -26.51 -37.19 -25.88
N LYS D 354 -26.97 -38.27 -26.51
CA LYS D 354 -28.21 -38.33 -27.24
C LYS D 354 -28.88 -39.66 -26.92
N PHE D 355 -30.20 -39.67 -27.00
CA PHE D 355 -31.02 -40.82 -26.70
C PHE D 355 -31.87 -41.18 -27.93
N PRO D 356 -32.34 -42.43 -28.02
CA PRO D 356 -33.24 -42.80 -29.13
C PRO D 356 -34.58 -42.08 -29.10
N ASP D 357 -34.98 -41.52 -27.95
CA ASP D 357 -36.16 -40.67 -27.87
C ASP D 357 -35.95 -39.30 -28.50
N GLY D 358 -34.72 -38.95 -28.86
CA GLY D 358 -34.42 -37.63 -29.40
C GLY D 358 -34.04 -36.59 -28.37
N SER D 359 -34.08 -36.93 -27.09
CA SER D 359 -33.69 -36.01 -26.03
C SER D 359 -32.18 -35.86 -25.95
N TRP D 360 -31.74 -34.66 -25.58
CA TRP D 360 -30.34 -34.33 -25.42
C TRP D 360 -30.03 -34.19 -23.93
N SER D 361 -28.79 -34.48 -23.55
CA SER D 361 -28.45 -34.42 -22.13
C SER D 361 -26.99 -34.04 -21.95
N PRO D 362 -26.65 -33.34 -20.86
CA PRO D 362 -25.25 -33.00 -20.59
C PRO D 362 -24.42 -34.22 -20.22
N ILE D 363 -23.11 -34.00 -20.18
CA ILE D 363 -22.11 -35.03 -19.88
C ILE D 363 -22.02 -35.27 -18.36
N ARG D 364 -22.89 -34.63 -17.58
CA ARG D 364 -22.89 -34.85 -16.14
C ARG D 364 -23.71 -36.05 -15.70
N VAL D 365 -24.57 -36.60 -16.56
CA VAL D 365 -25.35 -37.78 -16.18
C VAL D 365 -24.52 -39.04 -16.19
N LEU D 366 -23.35 -39.00 -16.84
CA LEU D 366 -22.48 -40.16 -16.99
C LEU D 366 -21.99 -40.70 -15.65
N SER D 367 -21.92 -42.03 -15.57
CA SER D 367 -21.46 -42.75 -14.40
C SER D 367 -19.93 -42.80 -14.39
N SER D 368 -19.37 -43.10 -13.21
CA SER D 368 -17.92 -43.31 -13.04
C SER D 368 -17.33 -44.30 -14.03
N GLY D 369 -18.12 -45.25 -14.51
CA GLY D 369 -17.68 -46.31 -15.40
C GLY D 369 -17.47 -45.66 -16.76
N GLU D 370 -18.55 -45.06 -17.24
CA GLU D 370 -18.51 -44.26 -18.47
C GLU D 370 -17.50 -43.11 -18.39
N ARG D 371 -17.28 -42.54 -17.20
CA ARG D 371 -16.25 -41.51 -17.07
C ARG D 371 -14.86 -42.11 -17.21
N GLN D 372 -14.66 -43.33 -16.70
CA GLN D 372 -13.39 -44.02 -16.89
C GLN D 372 -13.16 -44.35 -18.36
N LEU D 373 -14.21 -44.75 -19.05
CA LEU D 373 -14.09 -45.03 -20.48
C LEU D 373 -13.80 -43.77 -21.29
N LEU D 374 -14.42 -42.64 -20.91
CA LEU D 374 -14.14 -41.39 -21.60
C LEU D 374 -12.70 -40.92 -21.37
N THR D 375 -12.25 -40.97 -20.12
CA THR D 375 -10.92 -40.49 -19.79
C THR D 375 -9.83 -41.42 -20.25
N MET D 376 -10.15 -42.68 -20.52
CA MET D 376 -9.13 -43.61 -20.98
C MET D 376 -9.11 -43.73 -22.50
N LEU D 377 -10.27 -43.66 -23.16
CA LEU D 377 -10.30 -43.70 -24.61
C LEU D 377 -9.83 -42.39 -25.24
N TYR D 378 -10.11 -41.25 -24.60
CA TYR D 378 -9.50 -40.01 -25.08
C TYR D 378 -7.99 -39.98 -24.87
N ALA D 379 -7.50 -40.57 -23.79
CA ALA D 379 -6.07 -40.50 -23.54
C ALA D 379 -5.34 -41.66 -24.18
N ALA D 380 -6.07 -42.58 -24.82
CA ALA D 380 -5.50 -43.56 -25.72
C ALA D 380 -5.50 -43.12 -27.17
N SER D 381 -6.54 -42.43 -27.64
CA SER D 381 -6.50 -41.88 -28.99
C SER D 381 -5.46 -40.77 -29.12
N LYS D 382 -5.34 -39.90 -28.12
CA LYS D 382 -4.36 -38.82 -28.15
C LYS D 382 -3.00 -39.29 -27.63
N MET D 383 -2.36 -40.14 -28.44
CA MET D 383 -1.06 -40.69 -28.06
C MET D 383 0.04 -40.15 -28.96
N ALA D 387 6.04 -45.61 -28.59
CA ALA D 387 6.25 -45.21 -27.21
C ALA D 387 5.86 -46.34 -26.26
N ILE D 388 5.79 -46.05 -24.97
CA ILE D 388 5.38 -47.00 -23.94
C ILE D 388 4.21 -46.41 -23.17
N VAL D 389 3.14 -47.19 -23.00
CA VAL D 389 1.93 -46.74 -22.33
C VAL D 389 1.75 -47.59 -21.08
N LEU D 390 1.70 -46.95 -19.91
CA LEU D 390 1.56 -47.63 -18.63
C LEU D 390 0.20 -47.27 -18.06
N ILE D 391 -0.66 -48.27 -17.91
CA ILE D 391 -2.00 -48.08 -17.37
C ILE D 391 -2.10 -48.77 -16.02
N ASP D 392 -2.56 -48.04 -15.01
CA ASP D 392 -2.74 -48.57 -13.66
C ASP D 392 -4.22 -48.69 -13.39
N GLU D 393 -4.68 -49.92 -13.08
CA GLU D 393 -6.04 -50.29 -12.71
C GLU D 393 -7.09 -49.84 -13.74
N PRO D 394 -7.22 -50.52 -14.87
CA PRO D 394 -8.28 -50.18 -15.83
C PRO D 394 -9.62 -50.86 -15.55
N GLU D 395 -9.76 -51.58 -14.45
CA GLU D 395 -10.97 -52.31 -14.12
C GLU D 395 -11.87 -51.54 -13.16
N ILE D 396 -11.55 -50.26 -12.90
CA ILE D 396 -12.25 -49.49 -11.88
C ILE D 396 -13.66 -49.16 -12.36
N SER D 397 -14.64 -49.54 -11.54
CA SER D 397 -16.07 -49.23 -11.71
C SER D 397 -16.62 -49.70 -13.05
N LEU D 398 -16.16 -50.85 -13.52
CA LEU D 398 -16.58 -51.35 -14.83
C LEU D 398 -17.30 -52.67 -14.66
N HIS D 399 -18.34 -52.88 -15.48
CA HIS D 399 -18.97 -54.19 -15.55
C HIS D 399 -18.02 -55.18 -16.24
N ILE D 400 -18.25 -56.47 -15.96
CA ILE D 400 -17.34 -57.55 -16.35
C ILE D 400 -17.20 -57.69 -17.87
N ASP D 401 -18.27 -57.46 -18.63
CA ASP D 401 -18.15 -57.54 -20.09
C ASP D 401 -17.29 -56.42 -20.68
N TRP D 402 -17.41 -55.21 -20.13
CA TRP D 402 -16.54 -54.13 -20.57
C TRP D 402 -15.10 -54.36 -20.15
N GLN D 403 -14.89 -54.98 -18.98
CA GLN D 403 -13.56 -55.40 -18.58
C GLN D 403 -13.01 -56.46 -19.52
N GLU D 404 -13.89 -57.32 -20.04
CA GLU D 404 -13.46 -58.33 -21.01
C GLU D 404 -13.05 -57.71 -22.34
N ASP D 405 -13.75 -56.67 -22.78
CA ASP D 405 -13.53 -56.15 -24.13
C ASP D 405 -12.67 -54.89 -24.16
N LEU D 406 -12.26 -54.37 -22.99
CA LEU D 406 -11.54 -53.11 -22.91
C LEU D 406 -10.15 -53.21 -23.53
N LEU D 407 -9.42 -54.30 -23.24
CA LEU D 407 -8.09 -54.47 -23.81
C LEU D 407 -8.15 -54.69 -25.31
N LYS D 408 -9.17 -55.41 -25.80
CA LYS D 408 -9.29 -55.60 -27.24
C LYS D 408 -9.62 -54.29 -27.95
N ARG D 409 -10.43 -53.44 -27.32
CA ARG D 409 -10.72 -52.13 -27.93
C ARG D 409 -9.49 -51.24 -27.90
N MET D 410 -8.71 -51.30 -26.81
CA MET D 410 -7.59 -50.38 -26.72
C MET D 410 -6.43 -50.89 -27.55
N LEU D 411 -6.35 -52.20 -27.75
CA LEU D 411 -5.34 -52.76 -28.62
C LEU D 411 -5.70 -52.54 -30.07
N SER D 412 -7.00 -52.32 -30.35
CA SER D 412 -7.40 -51.97 -31.69
C SER D 412 -7.13 -50.49 -31.95
N GLN D 413 -7.14 -49.65 -30.91
CA GLN D 413 -6.91 -48.23 -31.13
C GLN D 413 -5.47 -47.80 -30.83
N LEU D 414 -4.69 -48.63 -30.15
CA LEU D 414 -3.30 -48.29 -29.78
C LEU D 414 -2.40 -49.43 -30.27
N SER D 415 -1.98 -49.36 -31.52
CA SER D 415 -1.12 -50.37 -32.11
C SER D 415 0.26 -49.78 -32.39
N GLY D 416 1.30 -50.59 -32.20
CA GLY D 416 2.64 -50.15 -32.47
C GLY D 416 3.41 -49.65 -31.27
N ARG D 417 2.90 -49.84 -30.05
CA ARG D 417 3.55 -49.37 -28.84
C ARG D 417 3.49 -50.45 -27.77
N GLN D 418 4.40 -50.34 -26.81
CA GLN D 418 4.47 -51.27 -25.68
C GLN D 418 3.40 -50.90 -24.66
N ILE D 419 2.35 -51.71 -24.57
CA ILE D 419 1.21 -51.43 -23.71
C ILE D 419 1.36 -52.29 -22.45
N ILE D 420 1.78 -51.67 -21.36
CA ILE D 420 1.87 -52.32 -20.06
C ILE D 420 0.64 -51.92 -19.25
N VAL D 421 -0.12 -52.90 -18.79
CA VAL D 421 -1.30 -52.67 -17.97
C VAL D 421 -1.13 -53.43 -16.67
N CYS D 422 -1.67 -52.87 -15.59
CA CYS D 422 -1.64 -53.53 -14.28
C CYS D 422 -3.04 -53.59 -13.73
N THR D 423 -3.60 -54.81 -13.66
CA THR D 423 -4.98 -54.98 -13.22
C THR D 423 -5.07 -55.96 -12.05
N HIS D 424 -6.02 -55.70 -11.17
CA HIS D 424 -6.32 -56.59 -10.05
C HIS D 424 -7.36 -57.65 -10.41
N SER D 425 -8.21 -57.37 -11.38
CA SER D 425 -9.26 -58.28 -11.82
C SER D 425 -8.81 -59.02 -13.06
N PRO D 426 -8.87 -60.35 -13.07
CA PRO D 426 -8.39 -61.12 -14.23
C PRO D 426 -9.29 -61.01 -15.46
N SER D 427 -10.48 -60.42 -15.32
CA SER D 427 -11.40 -60.22 -16.45
C SER D 427 -10.78 -59.34 -17.53
N ILE D 428 -9.85 -58.47 -17.14
CA ILE D 428 -9.15 -57.62 -18.09
C ILE D 428 -8.25 -58.45 -19.00
N ALA D 429 -7.67 -59.53 -18.48
CA ALA D 429 -6.66 -60.28 -19.22
C ALA D 429 -7.21 -61.45 -20.03
N THR D 430 -8.48 -61.42 -20.43
CA THR D 430 -9.00 -62.48 -21.28
C THR D 430 -8.46 -62.34 -22.71
N GLY D 431 -8.15 -63.48 -23.32
CA GLY D 431 -7.59 -63.50 -24.66
C GLY D 431 -6.12 -63.19 -24.79
N TYR D 432 -5.45 -62.80 -23.70
CA TYR D 432 -4.02 -62.49 -23.70
C TYR D 432 -3.35 -63.15 -22.51
N GLU D 433 -3.67 -64.43 -22.29
CA GLU D 433 -3.21 -65.14 -21.12
C GLU D 433 -1.72 -65.46 -21.18
N ASP D 434 -1.12 -65.47 -22.37
CA ASP D 434 0.32 -65.65 -22.49
C ASP D 434 1.10 -64.42 -22.06
N PHE D 435 0.45 -63.25 -22.01
CA PHE D 435 1.07 -62.01 -21.61
C PHE D 435 0.90 -61.73 -20.12
N MET D 436 0.24 -62.63 -19.39
CA MET D 436 -0.07 -62.44 -17.97
C MET D 436 1.17 -62.74 -17.15
N ILE D 437 1.88 -61.69 -16.72
CA ILE D 437 3.04 -61.83 -15.87
C ILE D 437 2.58 -61.64 -14.43
N ASN D 438 2.74 -62.68 -13.62
CA ASN D 438 2.26 -62.68 -12.25
C ASN D 438 3.35 -62.14 -11.32
N ILE D 439 3.05 -61.06 -10.62
CA ILE D 439 4.00 -60.44 -9.70
C ILE D 439 4.02 -61.26 -8.42
N SER D 440 5.19 -61.28 -7.76
CA SER D 440 5.37 -62.01 -6.51
C SER D 440 6.48 -61.37 -5.68
N PRO D 441 6.17 -60.82 -4.51
CA PRO D 441 7.20 -60.12 -3.72
C PRO D 441 8.09 -61.08 -2.95
N GLU D 442 9.37 -61.09 -3.31
CA GLU D 442 10.38 -61.89 -2.63
C GLU D 442 10.89 -61.10 -1.44
N PHE D 443 10.26 -61.30 -0.28
CA PHE D 443 10.64 -60.60 0.95
C PHE D 443 12.05 -60.93 1.39
N ILE D 444 12.85 -59.89 1.59
CA ILE D 444 14.25 -59.92 2.01
C ILE D 444 14.57 -60.88 3.17
N ILE E 3 -37.48 -48.02 14.54
CA ILE E 3 -36.57 -47.99 13.39
C ILE E 3 -37.36 -48.12 12.10
N ARG E 4 -37.52 -47.01 11.39
CA ARG E 4 -38.29 -46.97 10.15
C ARG E 4 -37.37 -47.30 8.98
N THR E 5 -37.19 -48.61 8.75
CA THR E 5 -36.37 -49.05 7.63
C THR E 5 -37.13 -48.87 6.33
N ILE E 6 -36.39 -48.71 5.24
CA ILE E 6 -37.00 -48.50 3.92
C ILE E 6 -37.55 -49.82 3.40
N SER E 7 -38.82 -49.83 3.03
CA SER E 7 -39.48 -51.04 2.54
C SER E 7 -39.60 -51.07 1.01
N LYS E 8 -40.11 -50.00 0.42
CA LYS E 8 -40.35 -49.95 -1.02
C LYS E 8 -40.22 -48.51 -1.51
N ILE E 9 -39.44 -48.32 -2.56
CA ILE E 9 -39.26 -47.02 -3.20
C ILE E 9 -39.79 -47.09 -4.62
N GLU E 10 -40.72 -46.19 -4.95
CA GLU E 10 -41.29 -46.09 -6.29
C GLU E 10 -40.97 -44.72 -6.87
N LEU E 11 -40.19 -44.70 -7.94
CA LEU E 11 -39.85 -43.51 -8.70
C LEU E 11 -40.60 -43.54 -10.02
N SER E 12 -41.39 -42.51 -10.28
CA SER E 12 -42.17 -42.44 -11.52
C SER E 12 -41.61 -41.30 -12.36
N LYS E 13 -41.15 -41.64 -13.57
CA LYS E 13 -40.61 -40.70 -14.57
C LYS E 13 -39.46 -39.87 -14.03
N ILE E 14 -38.48 -40.55 -13.40
CA ILE E 14 -37.31 -39.85 -12.88
C ILE E 14 -36.43 -39.43 -14.05
N HIS E 15 -36.02 -38.15 -14.05
CA HIS E 15 -35.36 -37.44 -15.15
C HIS E 15 -36.20 -37.42 -16.43
N ASN E 16 -37.51 -37.65 -16.29
CA ASN E 16 -38.44 -37.87 -17.41
C ASN E 16 -37.94 -38.99 -18.34
N ARG E 17 -37.36 -40.02 -17.75
CA ARG E 17 -36.76 -41.11 -18.52
C ARG E 17 -37.34 -42.47 -18.20
N TYR E 18 -37.47 -42.83 -16.92
CA TYR E 18 -37.82 -44.21 -16.60
C TYR E 18 -38.54 -44.28 -15.26
N ASN E 19 -39.22 -45.41 -15.05
CA ASN E 19 -39.88 -45.72 -13.79
C ASN E 19 -39.17 -46.89 -13.13
N LEU E 20 -39.08 -46.85 -11.79
CA LEU E 20 -38.38 -47.89 -11.05
C LEU E 20 -39.08 -48.12 -9.72
N THR E 21 -39.39 -49.37 -9.41
CA THR E 21 -40.00 -49.72 -8.12
C THR E 21 -39.22 -50.87 -7.51
N VAL E 22 -38.58 -50.61 -6.38
CA VAL E 22 -37.71 -51.57 -5.71
C VAL E 22 -38.24 -51.83 -4.31
N ASP E 23 -38.41 -53.11 -3.97
CA ASP E 23 -38.78 -53.52 -2.63
C ASP E 23 -37.51 -53.90 -1.87
N PHE E 24 -37.35 -53.32 -0.69
CA PHE E 24 -36.15 -53.49 0.12
C PHE E 24 -36.42 -54.35 1.34
N PHE E 25 -35.41 -55.11 1.74
CA PHE E 25 -35.49 -55.86 2.99
C PHE E 25 -35.21 -54.93 4.16
N ASN E 26 -35.32 -55.48 5.37
CA ASN E 26 -35.02 -54.71 6.57
C ASN E 26 -33.53 -54.51 6.77
N ASP E 27 -32.70 -55.37 6.20
CA ASP E 27 -31.25 -55.27 6.34
C ASP E 27 -30.58 -55.91 5.13
N LEU E 28 -29.40 -55.38 4.80
CA LEU E 28 -28.48 -55.90 3.78
C LEU E 28 -29.16 -55.95 2.40
N ASN E 29 -29.45 -54.77 1.88
CA ASN E 29 -30.00 -54.66 0.53
C ASN E 29 -28.82 -54.55 -0.44
N VAL E 30 -28.45 -55.68 -1.03
CA VAL E 30 -27.31 -55.74 -1.95
C VAL E 30 -27.87 -55.63 -3.37
N ILE E 31 -27.87 -54.42 -3.90
CA ILE E 31 -28.35 -54.18 -5.26
C ILE E 31 -27.18 -54.42 -6.21
N HIS E 32 -27.38 -55.32 -7.17
CA HIS E 32 -26.37 -55.69 -8.13
C HIS E 32 -26.89 -55.37 -9.52
N GLY E 33 -26.13 -54.58 -10.27
CA GLY E 33 -26.51 -54.24 -11.63
C GLY E 33 -25.39 -53.49 -12.30
N LYS E 34 -25.39 -53.56 -13.63
CA LYS E 34 -24.31 -52.95 -14.38
C LYS E 34 -24.49 -51.44 -14.41
N ASN E 35 -23.36 -50.75 -14.64
CA ASN E 35 -23.27 -49.29 -14.65
C ASN E 35 -24.23 -48.62 -15.62
N GLY E 36 -24.55 -47.36 -15.37
CA GLY E 36 -25.49 -46.63 -16.18
C GLY E 36 -26.94 -46.84 -15.80
N ALA E 37 -27.19 -47.67 -14.78
CA ALA E 37 -28.52 -47.98 -14.28
C ALA E 37 -28.99 -46.98 -13.23
N GLY E 38 -28.25 -45.89 -13.03
CA GLY E 38 -28.59 -44.89 -12.02
C GLY E 38 -28.60 -45.38 -10.60
N LYS E 39 -27.67 -46.29 -10.27
CA LYS E 39 -27.55 -46.80 -8.90
C LYS E 39 -27.29 -45.66 -7.92
N SER E 40 -26.34 -44.78 -8.29
CA SER E 40 -25.99 -43.63 -7.48
C SER E 40 -27.16 -42.69 -7.33
N THR E 41 -27.96 -42.53 -8.41
CA THR E 41 -29.16 -41.70 -8.45
C THR E 41 -30.10 -42.12 -7.33
N LEU E 42 -30.60 -43.36 -7.42
CA LEU E 42 -31.47 -43.95 -6.41
C LEU E 42 -30.91 -43.80 -4.99
N ILE E 43 -29.58 -43.93 -4.85
CA ILE E 43 -28.96 -43.77 -3.53
C ILE E 43 -29.08 -42.33 -3.06
N HIS E 44 -28.89 -41.37 -3.97
CA HIS E 44 -29.02 -39.95 -3.63
C HIS E 44 -30.46 -39.60 -3.30
N VAL E 45 -31.41 -40.24 -3.98
CA VAL E 45 -32.83 -40.06 -3.71
C VAL E 45 -33.19 -40.54 -2.31
N ILE E 46 -32.67 -41.72 -1.94
CA ILE E 46 -32.92 -42.27 -0.61
C ILE E 46 -32.26 -41.40 0.46
N ALA E 47 -31.02 -40.95 0.21
CA ALA E 47 -30.33 -40.08 1.15
C ALA E 47 -30.95 -38.69 1.24
N ASN E 48 -31.68 -38.27 0.22
CA ASN E 48 -32.41 -37.01 0.29
C ASN E 48 -33.82 -37.18 0.80
N ILE E 49 -34.28 -38.40 1.01
CA ILE E 49 -35.56 -38.66 1.64
C ILE E 49 -35.40 -39.03 3.12
N VAL E 50 -34.54 -40.01 3.41
CA VAL E 50 -34.41 -40.53 4.76
C VAL E 50 -33.72 -39.53 5.68
N ASN E 51 -32.62 -38.92 5.21
CA ASN E 51 -31.82 -38.02 6.03
C ASN E 51 -32.32 -36.58 6.00
N GLY E 52 -33.59 -36.37 5.64
CA GLY E 52 -34.10 -35.02 5.51
C GLY E 52 -33.55 -34.35 4.26
N ASP E 53 -33.51 -33.01 4.33
CA ASP E 53 -32.95 -32.12 3.30
C ASP E 53 -33.64 -32.33 1.96
N PHE E 54 -34.93 -32.02 1.94
CA PHE E 54 -35.76 -32.19 0.76
C PHE E 54 -35.60 -31.06 -0.25
N ILE E 55 -34.83 -30.01 0.09
CA ILE E 55 -34.67 -28.86 -0.79
C ILE E 55 -33.84 -29.22 -2.01
N ARG E 56 -33.08 -30.32 -1.94
CA ARG E 56 -32.28 -30.76 -3.07
C ARG E 56 -33.19 -31.31 -4.17
N PHE E 57 -34.43 -31.66 -3.81
CA PHE E 57 -35.38 -32.15 -4.78
C PHE E 57 -35.86 -31.04 -5.70
N ALA E 58 -35.58 -29.78 -5.35
CA ALA E 58 -35.91 -28.69 -6.26
C ALA E 58 -34.97 -28.68 -7.45
N PHE E 59 -33.81 -29.32 -7.34
CA PHE E 59 -32.85 -29.41 -8.44
C PHE E 59 -33.04 -30.68 -9.27
N LEU E 60 -34.13 -31.41 -9.05
CA LEU E 60 -34.38 -32.68 -9.70
C LEU E 60 -35.65 -32.61 -10.53
N ILE E 61 -35.60 -33.19 -11.73
CA ILE E 61 -36.75 -33.26 -12.63
C ILE E 61 -37.38 -34.64 -12.45
N PHE E 62 -38.64 -34.65 -12.02
CA PHE E 62 -39.34 -35.90 -11.74
C PHE E 62 -40.84 -35.65 -11.85
N GLU E 63 -41.61 -36.73 -11.71
CA GLU E 63 -43.06 -36.67 -11.73
C GLU E 63 -43.68 -37.06 -10.39
N GLU E 64 -43.35 -38.24 -9.88
CA GLU E 64 -43.90 -38.72 -8.62
C GLU E 64 -42.89 -39.64 -7.96
N ILE E 65 -42.57 -39.36 -6.70
CA ILE E 65 -41.64 -40.17 -5.91
C ILE E 65 -42.36 -40.59 -4.63
N LYS E 66 -42.49 -41.90 -4.43
CA LYS E 66 -43.15 -42.42 -3.24
C LYS E 66 -42.15 -43.24 -2.43
N ALA E 67 -42.07 -42.94 -1.14
CA ALA E 67 -41.15 -43.57 -0.21
C ALA E 67 -41.95 -44.20 0.91
N THR E 68 -41.79 -45.52 1.09
CA THR E 68 -42.49 -46.26 2.11
C THR E 68 -41.48 -46.77 3.14
N TYR E 69 -41.72 -46.43 4.42
CA TYR E 69 -40.88 -46.95 5.48
C TYR E 69 -41.44 -48.29 5.98
N SER E 70 -40.80 -48.83 7.02
CA SER E 70 -41.23 -50.11 7.57
C SER E 70 -42.50 -49.97 8.41
N ASP E 71 -42.62 -48.86 9.15
CA ASP E 71 -43.77 -48.68 10.02
C ASP E 71 -45.03 -48.34 9.23
N GLY E 72 -44.88 -47.75 8.05
CA GLY E 72 -46.04 -47.45 7.22
C GLY E 72 -46.13 -46.00 6.80
N LEU E 73 -45.09 -45.22 7.07
CA LEU E 73 -45.09 -43.82 6.68
C LEU E 73 -44.82 -43.70 5.19
N LYS E 74 -45.69 -42.97 4.49
CA LYS E 74 -45.60 -42.78 3.05
C LYS E 74 -45.28 -41.31 2.78
N ILE E 75 -44.27 -41.07 1.95
CA ILE E 75 -43.91 -39.73 1.53
C ILE E 75 -44.04 -39.63 0.03
N VAL E 76 -44.86 -38.68 -0.45
CA VAL E 76 -45.10 -38.50 -1.87
C VAL E 76 -44.57 -37.13 -2.25
N ILE E 77 -43.66 -37.10 -3.22
CA ILE E 77 -43.05 -35.86 -3.68
C ILE E 77 -43.39 -35.71 -5.15
N ARG E 78 -43.94 -34.56 -5.51
CA ARG E 78 -44.31 -34.32 -6.90
C ARG E 78 -43.76 -32.97 -7.35
N ARG E 79 -43.38 -32.91 -8.62
CA ARG E 79 -42.89 -31.68 -9.26
C ARG E 79 -43.92 -31.28 -10.30
N ASP E 80 -44.72 -30.26 -9.99
CA ASP E 80 -45.81 -29.85 -10.86
C ASP E 80 -45.66 -28.38 -11.23
N LYS E 81 -45.77 -28.07 -12.52
CA LYS E 81 -45.73 -26.69 -12.96
C LYS E 81 -47.05 -26.33 -13.62
N ILE E 82 -47.57 -25.16 -13.28
CA ILE E 82 -48.83 -24.67 -13.84
C ILE E 82 -48.63 -23.32 -14.49
N ASP E 83 -48.26 -22.32 -13.69
CA ASP E 83 -48.04 -20.96 -14.18
C ASP E 83 -46.56 -20.71 -14.51
N GLU E 84 -46.00 -21.60 -15.34
CA GLU E 84 -44.61 -21.58 -15.81
C GLU E 84 -43.57 -21.64 -14.69
N GLN E 85 -43.98 -22.02 -13.48
CA GLN E 85 -43.08 -22.17 -12.35
C GLN E 85 -43.32 -23.54 -11.72
N SER E 86 -42.24 -24.29 -11.52
CA SER E 86 -42.37 -25.63 -10.94
C SER E 86 -42.48 -25.52 -9.44
N PHE E 87 -43.39 -26.31 -8.87
CA PHE E 87 -43.64 -26.36 -7.44
C PHE E 87 -43.44 -27.78 -6.95
N ILE E 88 -42.72 -27.92 -5.84
CA ILE E 88 -42.47 -29.21 -5.22
C ILE E 88 -43.50 -29.38 -4.11
N SER E 89 -44.28 -30.47 -4.21
CA SER E 89 -45.30 -30.82 -3.24
C SER E 89 -44.83 -32.04 -2.46
N VAL E 90 -44.53 -31.83 -1.18
CA VAL E 90 -44.11 -32.88 -0.26
C VAL E 90 -45.32 -33.21 0.61
N THR E 91 -46.04 -34.27 0.23
CA THR E 91 -47.27 -34.70 0.88
C THR E 91 -46.97 -35.97 1.68
N LEU E 92 -47.04 -35.86 3.00
CA LEU E 92 -46.82 -37.00 3.88
C LEU E 92 -48.12 -37.80 4.07
N SER E 93 -47.95 -39.05 4.48
CA SER E 93 -49.10 -39.87 4.85
C SER E 93 -49.70 -39.40 6.16
N ASN E 94 -51.04 -39.28 6.19
CA ASN E 94 -51.89 -38.77 7.27
C ASN E 94 -51.32 -37.55 8.00
N GLY E 95 -50.74 -36.63 7.24
CA GLY E 95 -50.12 -35.45 7.78
C GLY E 95 -50.29 -34.30 6.81
N LYS E 96 -49.82 -33.12 7.24
CA LYS E 96 -49.91 -31.94 6.40
C LYS E 96 -48.93 -32.03 5.23
N TYR E 97 -49.24 -31.30 4.17
CA TYR E 97 -48.42 -31.28 2.97
C TYR E 97 -47.85 -29.87 2.80
N ILE E 98 -46.58 -29.80 2.37
CA ILE E 98 -45.94 -28.52 2.15
C ILE E 98 -45.64 -28.39 0.66
N LYS E 99 -45.70 -27.16 0.16
CA LYS E 99 -45.39 -26.89 -1.24
C LYS E 99 -44.49 -25.68 -1.31
N PHE E 100 -43.63 -25.66 -2.32
CA PHE E 100 -42.73 -24.51 -2.48
C PHE E 100 -42.29 -24.38 -3.92
N ALA E 101 -41.92 -23.16 -4.30
CA ALA E 101 -41.44 -22.89 -5.64
C ALA E 101 -40.01 -23.39 -5.80
N VAL E 102 -39.71 -23.91 -6.99
CA VAL E 102 -38.36 -24.40 -7.30
C VAL E 102 -37.37 -23.24 -7.35
N GLY E 103 -37.75 -22.13 -7.99
CA GLY E 103 -36.86 -20.98 -8.09
C GLY E 103 -36.58 -20.31 -6.75
N GLU E 104 -37.55 -20.33 -5.84
CA GLU E 104 -37.31 -19.81 -4.49
C GLU E 104 -36.28 -20.66 -3.75
N ALA E 105 -36.36 -21.98 -3.91
CA ALA E 105 -35.37 -22.86 -3.29
C ALA E 105 -34.00 -22.70 -3.93
N MET E 106 -33.96 -22.47 -5.25
CA MET E 106 -32.70 -22.20 -5.93
C MET E 106 -32.08 -20.90 -5.45
N ALA E 107 -32.90 -19.87 -5.23
CA ALA E 107 -32.40 -18.62 -4.67
C ALA E 107 -31.92 -18.79 -3.23
N THR E 108 -32.61 -19.63 -2.46
CA THR E 108 -32.19 -19.92 -1.09
C THR E 108 -30.85 -20.64 -1.05
N VAL E 109 -30.64 -21.58 -1.99
CA VAL E 109 -29.35 -22.27 -2.08
C VAL E 109 -28.26 -21.32 -2.57
N ARG E 110 -28.59 -20.46 -3.54
CA ARG E 110 -27.64 -19.49 -4.08
C ARG E 110 -27.30 -18.39 -3.08
N GLU E 111 -28.15 -18.17 -2.07
CA GLU E 111 -27.81 -17.25 -0.99
C GLU E 111 -26.61 -17.75 -0.19
N ILE E 112 -26.47 -19.07 -0.03
CA ILE E 112 -25.35 -19.63 0.71
C ILE E 112 -24.05 -19.51 -0.06
N GLU E 113 -24.13 -19.38 -1.39
CA GLU E 113 -22.96 -19.19 -2.24
C GLU E 113 -22.30 -17.83 -2.00
N SER E 125 -33.46 -17.68 4.07
CA SER E 125 -33.41 -18.81 5.00
C SER E 125 -34.80 -19.12 5.55
N MET E 126 -35.80 -18.40 5.06
CA MET E 126 -37.18 -18.63 5.48
C MET E 126 -37.70 -19.97 4.99
N LEU E 127 -37.38 -20.33 3.75
CA LEU E 127 -37.80 -21.62 3.21
C LEU E 127 -37.07 -22.77 3.89
N ALA E 128 -35.80 -22.57 4.25
CA ALA E 128 -35.05 -23.58 4.99
C ALA E 128 -35.65 -23.81 6.36
N MET E 129 -36.04 -22.73 7.04
CA MET E 129 -36.70 -22.85 8.34
C MET E 129 -38.08 -23.49 8.21
N ASP E 130 -38.78 -23.22 7.10
CA ASP E 130 -40.08 -23.84 6.86
C ASP E 130 -39.94 -25.34 6.63
N ILE E 131 -38.93 -25.75 5.86
CA ILE E 131 -38.67 -27.17 5.62
C ILE E 131 -38.24 -27.87 6.91
N ASP E 132 -37.41 -27.20 7.71
CA ASP E 132 -36.97 -27.78 8.98
C ASP E 132 -38.13 -27.91 9.97
N LYS E 133 -39.02 -26.91 10.01
CA LYS E 133 -40.21 -27.00 10.86
C LYS E 133 -41.15 -28.09 10.38
N PHE E 134 -41.29 -28.25 9.06
CA PHE E 134 -42.15 -29.28 8.49
C PHE E 134 -41.63 -30.68 8.82
N VAL E 135 -40.32 -30.88 8.72
CA VAL E 135 -39.78 -32.21 9.00
C VAL E 135 -39.60 -32.44 10.50
N LYS E 136 -39.62 -31.39 11.31
CA LYS E 136 -39.51 -31.52 12.76
C LYS E 136 -40.85 -31.76 13.43
N GLU E 137 -41.91 -31.12 12.96
CA GLU E 137 -43.23 -31.30 13.55
C GLU E 137 -43.86 -32.65 13.17
N ASN E 138 -43.37 -33.28 12.09
CA ASN E 138 -43.86 -34.58 11.67
C ASN E 138 -42.95 -35.74 12.10
N GLU E 139 -41.77 -35.42 12.66
CA GLU E 139 -40.78 -36.39 13.15
C GLU E 139 -40.33 -37.35 12.04
N LEU E 140 -39.75 -36.76 11.00
CA LEU E 140 -39.28 -37.50 9.84
C LEU E 140 -37.81 -37.90 9.96
N GLN E 141 -37.12 -37.48 11.02
CA GLN E 141 -35.69 -37.74 11.18
C GLN E 141 -35.42 -38.69 12.33
N LYS E 142 -36.24 -39.74 12.46
CA LYS E 142 -36.01 -40.73 13.50
C LYS E 142 -34.80 -41.59 13.17
N VAL E 143 -34.69 -42.03 11.93
CA VAL E 143 -33.57 -42.85 11.46
C VAL E 143 -32.82 -42.04 10.40
N ARG E 144 -31.51 -41.89 10.59
CA ARG E 144 -30.65 -41.17 9.66
C ARG E 144 -29.84 -42.17 8.86
N ALA E 145 -29.83 -41.99 7.54
CA ALA E 145 -29.09 -42.88 6.65
C ALA E 145 -27.77 -42.22 6.26
N SER E 146 -26.69 -42.98 6.36
CA SER E 146 -25.36 -42.50 6.02
C SER E 146 -25.06 -42.81 4.56
N TYR E 147 -24.44 -41.86 3.88
CA TYR E 147 -24.13 -41.98 2.46
C TYR E 147 -22.64 -42.16 2.27
N PHE E 148 -22.26 -43.28 1.67
CA PHE E 148 -20.86 -43.53 1.33
C PHE E 148 -20.69 -43.38 -0.17
N PRO E 149 -20.07 -42.30 -0.65
CA PRO E 149 -20.00 -42.06 -2.10
C PRO E 149 -19.01 -42.99 -2.78
N ALA E 150 -19.22 -43.16 -4.09
CA ALA E 150 -18.31 -43.96 -4.90
C ALA E 150 -17.10 -43.16 -5.36
N PHE E 151 -17.05 -41.87 -5.05
CA PHE E 151 -15.94 -41.00 -5.42
C PHE E 151 -15.19 -40.51 -4.17
N ARG E 152 -14.96 -41.41 -3.23
CA ARG E 152 -14.29 -41.04 -1.98
C ARG E 152 -12.81 -40.72 -2.19
N THR E 153 -12.24 -41.12 -3.33
CA THR E 153 -10.91 -40.68 -3.70
C THR E 153 -10.87 -39.17 -3.94
N MET E 154 -11.97 -38.60 -4.43
CA MET E 154 -12.07 -37.14 -4.53
C MET E 154 -12.08 -36.50 -3.15
N LEU E 155 -12.70 -37.16 -2.16
CA LEU E 155 -12.64 -36.66 -0.80
C LEU E 155 -11.23 -36.78 -0.24
N GLU E 156 -10.47 -37.78 -0.67
CA GLU E 156 -9.06 -37.83 -0.32
C GLU E 156 -8.27 -36.72 -1.01
N ALA E 157 -8.72 -36.34 -2.22
CA ALA E 157 -8.01 -35.33 -2.99
C ALA E 157 -8.10 -33.95 -2.36
N TRP E 158 -9.30 -33.53 -1.96
CA TRP E 158 -9.44 -32.25 -1.28
C TRP E 158 -9.60 -32.45 0.23
N TYR E 176 -17.84 -33.57 9.77
CA TYR E 176 -16.45 -33.35 9.40
C TYR E 176 -16.31 -32.10 8.55
N ASN E 177 -15.68 -32.24 7.39
CA ASN E 177 -15.53 -31.13 6.46
C ASN E 177 -16.87 -30.77 5.82
N ARG E 178 -17.12 -29.48 5.68
CA ARG E 178 -18.39 -28.98 5.16
C ARG E 178 -18.30 -28.43 3.75
N LYS E 179 -17.12 -27.99 3.32
CA LYS E 179 -16.96 -27.52 1.95
C LYS E 179 -16.88 -28.66 0.94
N ALA E 180 -16.66 -29.89 1.41
CA ALA E 180 -16.56 -31.03 0.51
C ALA E 180 -17.90 -31.34 -0.13
N SER E 181 -19.00 -31.06 0.58
CA SER E 181 -20.34 -31.25 0.03
C SER E 181 -20.58 -30.32 -1.15
N ALA E 182 -20.22 -29.05 -1.00
CA ALA E 182 -20.35 -28.09 -2.10
C ALA E 182 -19.39 -28.42 -3.24
N PHE E 183 -18.19 -28.90 -2.91
CA PHE E 183 -17.22 -29.29 -3.92
C PHE E 183 -17.73 -30.44 -4.77
N ALA E 184 -18.36 -31.43 -4.13
CA ALA E 184 -18.91 -32.56 -4.88
C ALA E 184 -20.19 -32.19 -5.61
N ARG E 185 -20.98 -31.27 -5.05
CA ARG E 185 -22.18 -30.80 -5.72
C ARG E 185 -21.86 -29.92 -6.91
N GLU E 186 -20.66 -29.35 -6.95
CA GLU E 186 -20.23 -28.57 -8.11
C GLU E 186 -20.13 -29.43 -9.36
N LEU E 187 -19.60 -30.63 -9.25
CA LEU E 187 -19.41 -31.49 -10.41
C LEU E 187 -20.39 -32.66 -10.49
N PHE E 188 -21.31 -32.79 -9.54
CA PHE E 188 -22.36 -33.81 -9.65
C PHE E 188 -23.75 -33.22 -9.61
N GLY E 189 -23.89 -31.90 -9.58
CA GLY E 189 -25.19 -31.27 -9.51
C GLY E 189 -25.61 -30.99 -8.08
N GLN E 190 -26.59 -30.10 -7.95
CA GLN E 190 -27.06 -29.69 -6.63
C GLN E 190 -28.07 -30.65 -6.03
N PHE E 191 -28.47 -31.71 -6.76
CA PHE E 191 -29.32 -32.72 -6.15
C PHE E 191 -28.55 -33.58 -5.16
N LEU E 192 -27.22 -33.56 -5.25
CA LEU E 192 -26.36 -34.41 -4.44
C LEU E 192 -26.49 -34.09 -2.96
N PRO E 193 -26.65 -35.10 -2.09
CA PRO E 193 -26.86 -34.83 -0.66
C PRO E 193 -25.61 -34.36 0.06
N SER E 194 -25.72 -34.18 1.38
CA SER E 194 -24.59 -33.74 2.19
C SER E 194 -23.54 -34.83 2.27
N ILE E 195 -22.28 -34.44 2.04
CA ILE E 195 -21.16 -35.38 1.98
C ILE E 195 -20.44 -35.30 3.31
N ASN E 196 -20.53 -36.39 4.09
CA ASN E 196 -19.86 -36.50 5.39
C ASN E 196 -19.08 -37.81 5.40
N TYR E 197 -17.83 -37.76 4.94
CA TYR E 197 -17.02 -38.95 4.82
C TYR E 197 -15.56 -38.62 5.14
N PRO E 198 -14.90 -39.45 5.94
CA PRO E 198 -13.52 -39.14 6.35
C PRO E 198 -12.47 -39.65 5.37
N SER E 199 -11.55 -38.77 5.00
CA SER E 199 -10.45 -39.06 4.10
C SER E 199 -9.25 -39.61 4.85
N PRO E 200 -8.33 -40.29 4.17
CA PRO E 200 -7.01 -40.55 4.77
C PRO E 200 -6.24 -39.26 4.97
N MET E 201 -5.33 -39.29 5.95
CA MET E 201 -4.58 -38.21 6.59
C MET E 201 -5.48 -37.35 7.49
N GLU E 202 -6.78 -37.64 7.54
CA GLU E 202 -7.69 -37.07 8.53
C GLU E 202 -8.06 -38.07 9.61
N ILE E 203 -8.23 -39.34 9.23
CA ILE E 203 -8.43 -40.39 10.21
C ILE E 203 -7.17 -40.66 11.02
N GLU E 204 -5.99 -40.34 10.47
CA GLU E 204 -4.77 -40.38 11.26
C GLU E 204 -4.81 -39.37 12.39
N ASP E 205 -5.29 -38.16 12.10
CA ASP E 205 -5.45 -37.14 13.13
C ASP E 205 -6.52 -37.52 14.13
N ARG E 206 -7.61 -38.14 13.65
CA ARG E 206 -8.66 -38.61 14.55
C ARG E 206 -8.16 -39.70 15.49
N LEU E 207 -7.38 -40.66 14.96
CA LEU E 207 -6.84 -41.73 15.79
C LEU E 207 -5.83 -41.21 16.80
N ARG E 208 -4.97 -40.28 16.37
CA ARG E 208 -4.00 -39.68 17.29
C ARG E 208 -4.70 -38.88 18.39
N GLU E 209 -5.76 -38.15 18.02
CA GLU E 209 -6.54 -37.41 19.00
C GLU E 209 -7.23 -38.35 19.98
N GLU E 210 -7.72 -39.49 19.49
CA GLU E 210 -8.38 -40.45 20.38
C GLU E 210 -7.37 -41.11 21.33
N ILE E 211 -6.16 -41.40 20.84
CA ILE E 211 -5.11 -41.94 21.70
C ILE E 211 -4.71 -40.92 22.76
N ARG E 212 -4.59 -39.64 22.37
CA ARG E 212 -4.27 -38.58 23.33
C ARG E 212 -5.37 -38.44 24.38
N ARG E 213 -6.63 -38.56 23.95
CA ARG E 213 -7.75 -38.46 24.87
C ARG E 213 -7.78 -39.66 25.83
N ALA E 214 -7.41 -40.83 25.32
CA ALA E 214 -7.36 -42.02 26.17
C ALA E 214 -6.22 -41.92 27.17
N GLN E 215 -5.09 -41.34 26.77
CA GLN E 215 -3.97 -41.13 27.71
C GLN E 215 -4.35 -40.15 28.82
N LEU E 216 -5.05 -39.07 28.47
CA LEU E 216 -5.52 -38.13 29.48
C LEU E 216 -6.58 -38.77 30.38
N GLY E 217 -7.41 -39.64 29.82
CA GLY E 217 -8.40 -40.35 30.61
C GLY E 217 -7.78 -41.31 31.60
N ILE E 218 -6.76 -42.06 31.15
CA ILE E 218 -6.03 -42.95 32.04
C ILE E 218 -5.33 -42.18 33.15
N ALA E 219 -4.69 -41.04 32.83
CA ALA E 219 -3.99 -40.27 33.86
C ALA E 219 -4.95 -39.67 34.89
N ALA E 220 -6.12 -39.22 34.43
CA ALA E 220 -7.10 -38.71 35.38
C ALA E 220 -7.73 -39.84 36.19
N TYR E 221 -7.88 -41.02 35.61
CA TYR E 221 -8.38 -42.14 36.38
C TYR E 221 -7.35 -42.65 37.38
N GLU E 222 -6.05 -42.49 37.08
CA GLU E 222 -5.00 -42.77 38.05
C GLU E 222 -5.13 -41.85 39.26
N SER E 223 -5.24 -40.54 39.01
CA SER E 223 -5.32 -39.62 40.15
C SER E 223 -6.64 -39.78 40.92
N ARG E 224 -7.73 -40.06 40.22
CA ARG E 224 -9.01 -40.31 40.89
C ARG E 224 -8.99 -41.60 41.70
N THR E 225 -8.37 -42.65 41.16
CA THR E 225 -8.24 -43.91 41.88
C THR E 225 -7.33 -43.78 43.09
N PHE E 226 -6.23 -43.02 42.97
CA PHE E 226 -5.35 -42.78 44.10
C PHE E 226 -6.06 -42.04 45.22
N SER E 227 -6.79 -40.96 44.88
CA SER E 227 -7.48 -40.19 45.91
C SER E 227 -8.63 -40.99 46.54
N GLU E 228 -9.35 -41.76 45.74
CA GLU E 228 -10.46 -42.57 46.25
C GLU E 228 -9.95 -43.72 47.11
N SER E 229 -8.87 -44.36 46.69
CA SER E 229 -8.34 -45.48 47.46
C SER E 229 -7.66 -44.99 48.73
N PHE E 230 -7.11 -43.78 48.70
CA PHE E 230 -6.60 -43.13 49.91
C PHE E 230 -7.71 -42.92 50.92
N VAL E 231 -8.83 -42.35 50.46
CA VAL E 231 -9.98 -42.11 51.33
C VAL E 231 -10.56 -43.42 51.86
N LYS E 232 -10.65 -44.45 51.00
CA LYS E 232 -11.28 -45.71 51.41
C LYS E 232 -10.38 -46.51 52.36
N VAL E 233 -9.06 -46.46 52.16
CA VAL E 233 -8.15 -47.13 53.09
C VAL E 233 -8.14 -46.38 54.42
N PHE E 234 -8.24 -45.05 54.38
CA PHE E 234 -8.37 -44.28 55.62
C PHE E 234 -9.68 -44.58 56.34
N SER E 235 -10.73 -44.93 55.58
CA SER E 235 -11.99 -45.30 56.21
C SER E 235 -11.91 -46.69 56.83
N ALA E 236 -11.20 -47.61 56.18
CA ALA E 236 -11.05 -48.98 56.69
C ALA E 236 -9.72 -49.58 56.26
N THR E 248 -7.35 -63.66 52.94
CA THR E 248 -6.53 -64.83 52.65
C THR E 248 -5.25 -64.45 51.91
N GLY E 249 -4.21 -65.27 52.08
CA GLY E 249 -2.95 -65.02 51.41
C GLY E 249 -2.97 -65.31 49.91
N GLU E 250 -3.90 -66.15 49.47
CA GLU E 250 -4.04 -66.43 48.05
C GLU E 250 -4.51 -65.20 47.27
N LEU E 251 -5.42 -64.43 47.88
CA LEU E 251 -5.87 -63.18 47.26
C LEU E 251 -4.74 -62.16 47.17
N LEU E 252 -3.89 -62.11 48.20
CA LEU E 252 -2.73 -61.22 48.17
C LEU E 252 -1.72 -61.66 47.12
N LYS E 253 -1.53 -62.97 46.97
CA LYS E 253 -0.64 -63.49 45.92
C LYS E 253 -1.19 -63.19 44.54
N GLU E 254 -2.51 -63.30 44.36
CA GLU E 254 -3.13 -62.97 43.09
C GLU E 254 -3.04 -61.48 42.79
N ILE E 255 -3.14 -60.64 43.84
CA ILE E 255 -2.99 -59.20 43.66
C ILE E 255 -1.56 -58.85 43.29
N GLU E 256 -0.59 -59.57 43.87
CA GLU E 256 0.81 -59.35 43.52
C GLU E 256 1.10 -59.80 42.09
N GLY E 257 0.49 -60.91 41.66
CA GLY E 257 0.65 -61.36 40.29
C GLY E 257 -0.01 -60.44 39.28
N LEU E 258 -1.17 -59.89 39.63
CA LEU E 258 -1.91 -59.03 38.71
C LEU E 258 -1.34 -57.62 38.60
N ALA E 259 -0.37 -57.26 39.44
CA ALA E 259 0.21 -55.92 39.39
C ALA E 259 1.09 -55.77 38.16
N ILE E 260 0.83 -54.73 37.37
CA ILE E 260 1.59 -54.46 36.16
C ILE E 260 1.50 -52.99 35.81
N SER E 275 2.38 -43.32 38.11
CA SER E 275 2.98 -43.98 36.94
C SER E 275 3.57 -45.34 37.32
N LYS E 276 4.75 -45.32 37.94
CA LYS E 276 5.42 -46.56 38.34
C LYS E 276 5.13 -46.92 39.79
N VAL E 277 3.97 -46.54 40.33
CA VAL E 277 3.62 -46.89 41.70
C VAL E 277 3.30 -48.38 41.80
N TYR E 278 2.81 -48.98 40.70
CA TYR E 278 2.53 -50.40 40.69
C TYR E 278 3.79 -51.25 40.80
N GLU E 279 4.90 -50.77 40.24
CA GLU E 279 6.17 -51.48 40.39
C GLU E 279 6.63 -51.49 41.85
N GLU E 280 6.47 -50.36 42.56
CA GLU E 280 6.80 -50.33 43.97
C GLU E 280 5.84 -51.17 44.80
N ILE E 281 4.58 -51.23 44.39
CA ILE E 281 3.60 -52.08 45.08
C ILE E 281 3.95 -53.55 44.89
N ARG E 282 4.38 -53.93 43.68
CA ARG E 282 4.80 -55.31 43.43
C ARG E 282 6.08 -55.65 44.19
N SER E 283 6.99 -54.69 44.31
CA SER E 283 8.21 -54.90 45.09
C SER E 283 7.90 -55.06 46.57
N LEU E 284 6.94 -54.28 47.09
CA LEU E 284 6.54 -54.44 48.49
C LEU E 284 5.77 -55.72 48.73
N ILE E 285 4.97 -56.16 47.74
CA ILE E 285 4.24 -57.42 47.88
C ILE E 285 5.18 -58.61 47.78
N ASN E 286 6.28 -58.47 47.03
CA ASN E 286 7.26 -59.55 46.95
C ASN E 286 8.01 -59.74 48.27
N ARG E 287 8.24 -58.66 49.01
CA ARG E 287 8.91 -58.74 50.30
C ARG E 287 7.99 -59.31 51.36
N SER E 296 -10.82 -58.05 59.06
CA SER E 296 -10.16 -57.01 59.84
C SER E 296 -9.57 -55.93 58.93
N VAL E 297 -8.26 -55.69 59.09
CA VAL E 297 -7.58 -54.70 58.27
C VAL E 297 -7.42 -55.19 56.83
N SER E 298 -7.23 -56.51 56.66
CA SER E 298 -6.90 -57.09 55.36
C SER E 298 -8.02 -56.98 54.34
N GLY E 299 -9.26 -56.70 54.79
CA GLY E 299 -10.33 -56.32 53.88
C GLY E 299 -9.96 -55.16 52.98
N ALA E 300 -9.27 -54.16 53.55
CA ALA E 300 -8.79 -53.03 52.76
C ALA E 300 -7.75 -53.48 51.74
N LEU E 301 -6.98 -54.52 52.09
CA LEU E 301 -6.04 -55.11 51.15
C LEU E 301 -6.77 -55.73 49.96
N VAL E 302 -7.96 -56.30 50.23
CA VAL E 302 -8.82 -56.81 49.18
C VAL E 302 -9.26 -55.67 48.27
N VAL E 303 -9.51 -54.50 48.87
CA VAL E 303 -9.88 -53.29 48.15
C VAL E 303 -8.75 -52.90 47.21
N TYR E 304 -7.49 -53.08 47.67
CA TYR E 304 -6.31 -52.79 46.85
C TYR E 304 -6.32 -53.64 45.59
N ARG E 305 -6.64 -54.94 45.74
CA ARG E 305 -6.70 -55.84 44.61
C ARG E 305 -7.79 -55.41 43.65
N ASP E 306 -8.95 -55.02 44.21
CA ASP E 306 -10.07 -54.58 43.39
C ASP E 306 -9.71 -53.31 42.67
N ALA E 307 -8.99 -52.41 43.35
CA ALA E 307 -8.60 -51.15 42.74
C ALA E 307 -7.66 -51.40 41.58
N LEU E 308 -6.71 -52.33 41.78
CA LEU E 308 -5.77 -52.65 40.72
C LEU E 308 -6.50 -53.31 39.57
N ARG E 309 -7.45 -54.20 39.90
CA ARG E 309 -8.22 -54.87 38.86
C ARG E 309 -9.07 -53.87 38.12
N ASP E 310 -9.64 -52.90 38.85
CA ASP E 310 -10.48 -51.90 38.21
C ASP E 310 -9.63 -51.01 37.32
N ARG E 311 -8.39 -50.74 37.74
CA ARG E 311 -7.47 -49.96 36.94
C ARG E 311 -7.18 -50.68 35.64
N GLN E 312 -6.93 -52.00 35.74
CA GLN E 312 -6.64 -52.80 34.55
C GLN E 312 -7.83 -52.82 33.63
N ASP E 313 -9.04 -52.91 34.21
CA ASP E 313 -10.25 -52.97 33.39
C ASP E 313 -10.45 -51.67 32.64
N TYR E 314 -10.19 -50.54 33.32
CA TYR E 314 -10.35 -49.25 32.65
C TYR E 314 -9.31 -49.06 31.58
N GLN E 315 -8.11 -49.59 31.83
CA GLN E 315 -7.04 -49.52 30.84
C GLN E 315 -7.42 -50.25 29.57
N GLU E 316 -8.06 -51.42 29.70
CA GLU E 316 -8.44 -52.17 28.52
C GLU E 316 -9.51 -51.43 27.75
N LYS E 317 -10.46 -50.81 28.46
CA LYS E 317 -11.56 -50.17 27.77
C LYS E 317 -11.06 -48.92 27.05
N ALA E 318 -9.98 -48.33 27.59
CA ALA E 318 -9.42 -47.12 27.02
C ALA E 318 -8.88 -47.38 25.63
N PHE E 319 -8.29 -48.55 25.42
CA PHE E 319 -7.77 -48.82 24.09
C PHE E 319 -8.70 -49.70 23.27
N SER E 320 -9.79 -50.21 23.88
CA SER E 320 -10.65 -51.16 23.18
C SER E 320 -11.32 -50.56 21.96
N GLU E 321 -11.71 -49.28 22.06
CA GLU E 321 -12.40 -48.59 20.97
C GLU E 321 -11.51 -48.46 19.76
N ILE E 322 -10.20 -48.31 19.97
CA ILE E 322 -9.33 -48.25 18.83
C ILE E 322 -8.80 -49.64 18.45
N ASP E 323 -8.67 -50.55 19.43
CA ASP E 323 -8.09 -51.86 19.13
C ASP E 323 -8.99 -52.70 18.25
N ASN E 324 -10.31 -52.53 18.40
CA ASN E 324 -11.25 -53.22 17.53
C ASN E 324 -11.06 -52.79 16.09
N TYR E 325 -10.88 -51.48 15.88
CA TYR E 325 -10.64 -50.99 14.53
C TYR E 325 -9.30 -51.49 14.01
N MET E 326 -8.30 -51.56 14.91
CA MET E 326 -7.00 -52.09 14.52
C MET E 326 -7.13 -53.55 14.14
N SER E 327 -7.95 -54.30 14.91
CA SER E 327 -8.17 -55.70 14.60
C SER E 327 -8.90 -55.83 13.28
N SER E 328 -9.82 -54.88 13.02
CA SER E 328 -10.56 -54.86 11.75
C SER E 328 -9.60 -54.65 10.61
N VAL E 329 -8.61 -53.76 10.81
CA VAL E 329 -7.59 -53.55 9.80
C VAL E 329 -6.74 -54.80 9.67
N ASN E 330 -6.32 -55.34 10.82
CA ASN E 330 -5.51 -56.55 10.80
C ASN E 330 -6.32 -57.77 10.38
N SER E 331 -7.65 -57.64 10.23
CA SER E 331 -8.40 -58.75 9.67
C SER E 331 -8.14 -58.85 8.17
N PHE E 332 -8.07 -57.70 7.47
CA PHE E 332 -7.84 -57.73 6.03
C PHE E 332 -6.36 -57.83 5.68
N LEU E 333 -5.57 -56.87 6.17
CA LEU E 333 -4.14 -56.77 5.86
C LEU E 333 -3.36 -58.03 6.19
N GLU E 334 -2.45 -58.38 5.28
CA GLU E 334 -1.59 -59.54 5.44
C GLU E 334 -0.14 -59.08 5.30
N ASP E 335 0.73 -59.72 6.08
CA ASP E 335 2.17 -59.45 6.17
C ASP E 335 2.49 -58.01 6.56
N LYS E 336 1.56 -57.33 7.21
CA LYS E 336 1.72 -55.95 7.69
C LYS E 336 0.65 -55.68 8.74
N GLU E 337 1.05 -55.13 9.88
CA GLU E 337 0.10 -54.84 10.95
C GLU E 337 0.02 -53.33 11.15
N MET E 338 -1.19 -52.79 11.22
CA MET E 338 -1.34 -51.38 11.49
C MET E 338 -1.51 -51.19 12.99
N ALA E 339 -0.63 -50.40 13.60
CA ALA E 339 -0.66 -50.21 15.03
C ALA E 339 -0.05 -48.87 15.40
N TYR E 340 -0.15 -48.57 16.69
CA TYR E 340 0.34 -47.34 17.30
C TYR E 340 1.47 -47.63 18.27
N ASP E 341 2.39 -46.68 18.37
CA ASP E 341 3.51 -46.75 19.30
C ASP E 341 3.75 -45.38 19.91
N PHE E 342 4.34 -45.37 21.10
CA PHE E 342 4.65 -44.13 21.80
C PHE E 342 6.15 -43.86 21.79
N ASP E 343 6.48 -42.58 21.78
CA ASP E 343 7.88 -42.15 21.75
C ASP E 343 8.55 -42.42 23.10
N LEU E 344 9.87 -42.52 23.07
CA LEU E 344 10.64 -42.80 24.27
C LEU E 344 10.86 -41.58 25.14
N ARG E 345 10.60 -40.38 24.64
CA ARG E 345 10.86 -39.15 25.38
C ARG E 345 9.60 -38.36 25.69
N ARG E 346 8.71 -38.20 24.71
CA ARG E 346 7.51 -37.39 24.89
C ARG E 346 6.22 -38.19 24.86
N LYS E 347 6.30 -39.50 24.54
CA LYS E 347 5.15 -40.40 24.42
C LYS E 347 4.12 -39.91 23.40
N TYR E 348 4.58 -39.23 22.35
CA TYR E 348 3.65 -38.79 21.32
C TYR E 348 3.32 -39.95 20.40
N PRO E 349 2.03 -40.26 20.19
CA PRO E 349 1.68 -41.48 19.46
C PRO E 349 1.93 -41.37 17.97
N LYS E 350 2.58 -42.39 17.43
CA LYS E 350 2.72 -42.59 15.99
C LYS E 350 1.83 -43.76 15.59
N VAL E 351 1.05 -43.57 14.54
CA VAL E 351 0.15 -44.59 14.03
C VAL E 351 0.60 -44.94 12.61
N GLY E 352 0.83 -46.22 12.35
CA GLY E 352 1.31 -46.61 11.04
C GLY E 352 1.54 -48.11 10.95
N LEU E 353 2.26 -48.50 9.91
CA LEU E 353 2.51 -49.91 9.69
C LEU E 353 3.64 -50.43 10.56
N LYS E 354 3.60 -51.74 10.77
CA LYS E 354 4.59 -52.50 11.52
C LYS E 354 4.80 -53.79 10.73
N PHE E 355 5.91 -53.84 9.99
CA PHE E 355 6.25 -55.00 9.22
C PHE E 355 6.70 -56.13 10.15
N PRO E 356 6.63 -57.39 9.70
CA PRO E 356 7.16 -58.49 10.52
C PRO E 356 8.66 -58.42 10.76
N ASP E 357 9.40 -57.68 9.94
CA ASP E 357 10.82 -57.41 10.19
C ASP E 357 11.04 -56.41 11.32
N GLY E 358 9.98 -55.77 11.81
CA GLY E 358 10.09 -54.75 12.83
C GLY E 358 10.25 -53.33 12.31
N SER E 359 10.34 -53.15 11.00
CA SER E 359 10.44 -51.82 10.42
C SER E 359 9.08 -51.13 10.43
N TRP E 360 9.11 -49.81 10.64
CA TRP E 360 7.93 -48.98 10.64
C TRP E 360 7.90 -48.08 9.41
N SER E 361 6.69 -47.73 8.98
CA SER E 361 6.51 -46.92 7.79
C SER E 361 5.25 -46.06 7.96
N PRO E 362 5.23 -44.87 7.36
CA PRO E 362 4.03 -44.01 7.43
C PRO E 362 2.87 -44.60 6.64
N ILE E 363 1.70 -43.99 6.83
CA ILE E 363 0.46 -44.45 6.18
C ILE E 363 0.38 -44.02 4.72
N ARG E 364 1.42 -43.39 4.18
CA ARG E 364 1.42 -43.03 2.78
C ARG E 364 1.92 -44.15 1.86
N VAL E 365 2.56 -45.18 2.40
CA VAL E 365 3.02 -46.29 1.56
C VAL E 365 1.84 -47.19 1.16
N LEU E 366 0.72 -47.09 1.88
CA LEU E 366 -0.45 -47.91 1.63
C LEU E 366 -1.02 -47.69 0.23
N SER E 367 -1.51 -48.77 -0.38
CA SER E 367 -2.07 -48.74 -1.70
C SER E 367 -3.51 -48.24 -1.63
N SER E 368 -4.03 -47.81 -2.79
CA SER E 368 -5.43 -47.40 -2.94
C SER E 368 -6.42 -48.42 -2.40
N GLY E 369 -6.08 -49.71 -2.47
CA GLY E 369 -6.93 -50.81 -2.07
C GLY E 369 -7.06 -50.77 -0.56
N GLU E 370 -5.88 -50.84 0.07
CA GLU E 370 -5.75 -50.68 1.51
C GLU E 370 -6.32 -49.35 2.00
N ARG E 371 -6.23 -48.28 1.20
CA ARG E 371 -6.85 -47.02 1.60
C ARG E 371 -8.37 -47.09 1.55
N GLN E 372 -8.93 -47.82 0.57
CA GLN E 372 -10.37 -48.07 0.56
C GLN E 372 -10.80 -48.89 1.76
N LEU E 373 -9.97 -49.87 2.14
CA LEU E 373 -10.26 -50.66 3.33
C LEU E 373 -10.18 -49.81 4.60
N LEU E 374 -9.23 -48.86 4.64
CA LEU E 374 -9.13 -47.95 5.76
C LEU E 374 -10.34 -47.02 5.87
N THR E 375 -10.78 -46.49 4.73
CA THR E 375 -11.93 -45.58 4.73
C THR E 375 -13.24 -46.31 4.89
N MET E 376 -13.28 -47.62 4.65
CA MET E 376 -14.52 -48.35 4.78
C MET E 376 -14.69 -48.98 6.15
N LEU E 377 -13.59 -49.44 6.76
CA LEU E 377 -13.69 -49.98 8.10
C LEU E 377 -13.85 -48.86 9.13
N TYR E 378 -13.15 -47.75 8.94
CA TYR E 378 -13.52 -46.54 9.65
C TYR E 378 -14.79 -45.97 9.05
N ALA E 379 -15.52 -45.22 9.88
CA ALA E 379 -16.84 -44.61 9.67
C ALA E 379 -17.96 -45.64 9.53
N ALA E 380 -17.66 -46.94 9.58
CA ALA E 380 -18.65 -47.98 9.81
C ALA E 380 -18.73 -48.29 11.30
N SER E 381 -17.57 -48.29 11.96
CA SER E 381 -17.56 -48.37 13.42
C SER E 381 -18.13 -47.10 14.03
N LYS E 382 -17.84 -45.94 13.43
CA LYS E 382 -18.36 -44.66 13.90
C LYS E 382 -19.75 -44.43 13.32
N MET E 383 -20.70 -45.23 13.80
CA MET E 383 -22.07 -45.16 13.32
C MET E 383 -22.99 -44.63 14.42
N VAL E 389 -28.14 -46.92 5.97
CA VAL E 389 -26.75 -46.84 5.53
C VAL E 389 -26.68 -47.12 4.03
N LEU E 390 -26.16 -46.16 3.28
CA LEU E 390 -26.03 -46.27 1.83
C LEU E 390 -24.56 -46.26 1.44
N ILE E 391 -24.09 -47.38 0.90
CA ILE E 391 -22.73 -47.52 0.41
C ILE E 391 -22.78 -47.67 -1.10
N ASP E 392 -22.02 -46.83 -1.81
CA ASP E 392 -21.95 -46.87 -3.26
C ASP E 392 -20.59 -47.39 -3.68
N GLU E 393 -20.60 -48.50 -4.44
CA GLU E 393 -19.45 -49.17 -5.04
C GLU E 393 -18.37 -49.50 -4.01
N PRO E 394 -18.55 -50.54 -3.20
CA PRO E 394 -17.49 -50.96 -2.28
C PRO E 394 -16.46 -51.90 -2.87
N GLU E 395 -16.53 -52.16 -4.17
CA GLU E 395 -15.62 -53.08 -4.84
C GLU E 395 -14.47 -52.36 -5.53
N ILE E 396 -14.31 -51.07 -5.29
CA ILE E 396 -13.33 -50.27 -6.00
C ILE E 396 -11.93 -50.63 -5.56
N SER E 397 -11.07 -51.00 -6.53
CA SER E 397 -9.65 -51.28 -6.35
C SER E 397 -9.40 -52.38 -5.31
N LEU E 398 -10.25 -53.39 -5.30
CA LEU E 398 -10.16 -54.42 -4.27
C LEU E 398 -9.84 -55.77 -4.88
N HIS E 399 -9.07 -56.55 -4.12
CA HIS E 399 -8.81 -57.94 -4.44
C HIS E 399 -10.09 -58.77 -4.35
N ILE E 400 -10.10 -59.89 -5.09
CA ILE E 400 -11.27 -60.76 -5.17
C ILE E 400 -11.56 -61.38 -3.80
N ASP E 401 -10.52 -61.71 -3.04
CA ASP E 401 -10.71 -62.22 -1.68
C ASP E 401 -11.25 -61.13 -0.77
N TRP E 402 -10.78 -59.89 -0.96
CA TRP E 402 -11.28 -58.77 -0.17
C TRP E 402 -12.74 -58.46 -0.52
N GLN E 403 -13.10 -58.63 -1.80
CA GLN E 403 -14.50 -58.52 -2.22
C GLN E 403 -15.33 -59.63 -1.61
N GLU E 404 -14.75 -60.81 -1.44
CA GLU E 404 -15.46 -61.91 -0.80
C GLU E 404 -15.70 -61.64 0.68
N ASP E 405 -14.73 -61.03 1.36
CA ASP E 405 -14.79 -60.93 2.81
C ASP E 405 -15.24 -59.56 3.34
N LEU E 406 -15.47 -58.57 2.45
CA LEU E 406 -15.77 -57.22 2.92
C LEU E 406 -17.12 -57.13 3.64
N LEU E 407 -18.15 -57.75 3.05
CA LEU E 407 -19.47 -57.71 3.68
C LEU E 407 -19.50 -58.52 4.98
N LYS E 408 -18.78 -59.64 5.00
CA LYS E 408 -18.72 -60.46 6.21
C LYS E 408 -17.97 -59.75 7.33
N ARG E 409 -16.95 -58.96 6.99
CA ARG E 409 -16.28 -58.17 8.02
C ARG E 409 -17.15 -57.00 8.48
N MET E 410 -17.88 -56.39 7.56
CA MET E 410 -18.62 -55.18 7.91
C MET E 410 -19.95 -55.47 8.61
N LEU E 411 -20.52 -56.66 8.41
CA LEU E 411 -21.81 -56.95 9.02
C LEU E 411 -21.72 -57.15 10.53
N SER E 412 -20.53 -57.45 11.05
CA SER E 412 -20.37 -57.55 12.50
C SER E 412 -20.22 -56.17 13.14
N GLN E 413 -19.71 -55.21 12.39
CA GLN E 413 -19.44 -53.88 12.91
C GLN E 413 -20.53 -52.88 12.59
N LEU E 414 -21.46 -53.23 11.71
CA LEU E 414 -22.52 -52.32 11.28
C LEU E 414 -23.90 -52.92 11.52
N SER E 415 -23.98 -54.01 12.29
CA SER E 415 -25.23 -54.68 12.60
C SER E 415 -26.22 -53.77 13.32
N GLY E 416 -27.50 -53.95 13.01
CA GLY E 416 -28.56 -53.19 13.63
C GLY E 416 -29.05 -52.00 12.83
N ARG E 417 -28.62 -51.86 11.59
CA ARG E 417 -29.04 -50.76 10.74
C ARG E 417 -29.26 -51.30 9.33
N GLN E 418 -30.03 -50.56 8.54
CA GLN E 418 -30.30 -50.97 7.16
C GLN E 418 -29.09 -50.64 6.29
N ILE E 419 -28.38 -51.68 5.87
CA ILE E 419 -27.15 -51.53 5.10
C ILE E 419 -27.48 -51.79 3.64
N ILE E 420 -27.58 -50.71 2.86
CA ILE E 420 -27.81 -50.81 1.43
C ILE E 420 -26.49 -50.60 0.70
N VAL E 421 -26.11 -51.58 -0.12
CA VAL E 421 -24.91 -51.51 -0.92
C VAL E 421 -25.30 -51.70 -2.39
N CYS E 422 -24.57 -51.03 -3.27
CA CYS E 422 -24.80 -51.14 -4.72
C CYS E 422 -23.47 -51.48 -5.39
N THR E 423 -23.36 -52.70 -5.92
CA THR E 423 -22.10 -53.15 -6.49
C THR E 423 -22.29 -53.59 -7.94
N HIS E 424 -21.24 -53.39 -8.73
CA HIS E 424 -21.21 -53.82 -10.12
C HIS E 424 -20.68 -55.24 -10.27
N SER E 425 -19.85 -55.67 -9.36
CA SER E 425 -19.22 -56.98 -9.35
C SER E 425 -19.98 -57.90 -8.41
N PRO E 426 -20.41 -59.08 -8.87
CA PRO E 426 -21.19 -59.98 -8.00
C PRO E 426 -20.38 -60.61 -6.87
N SER E 427 -19.04 -60.47 -6.91
CA SER E 427 -18.16 -61.00 -5.88
C SER E 427 -18.46 -60.42 -4.50
N ILE E 428 -19.02 -59.21 -4.44
CA ILE E 428 -19.40 -58.62 -3.17
C ILE E 428 -20.56 -59.38 -2.54
N ALA E 429 -21.47 -59.91 -3.37
CA ALA E 429 -22.69 -60.52 -2.87
C ALA E 429 -22.57 -62.03 -2.67
N THR E 430 -21.37 -62.56 -2.44
CA THR E 430 -21.25 -63.98 -2.14
C THR E 430 -21.76 -64.27 -0.72
N GLY E 431 -22.47 -65.38 -0.58
CA GLY E 431 -23.06 -65.74 0.70
C GLY E 431 -24.33 -65.01 1.06
N TYR E 432 -24.75 -64.02 0.28
CA TYR E 432 -25.99 -63.28 0.53
C TYR E 432 -26.77 -63.13 -0.76
N GLU E 433 -26.87 -64.25 -1.50
CA GLU E 433 -27.49 -64.25 -2.82
C GLU E 433 -29.00 -64.07 -2.76
N ASP E 434 -29.63 -64.34 -1.62
CA ASP E 434 -31.06 -64.10 -1.48
C ASP E 434 -31.38 -62.62 -1.39
N PHE E 435 -30.40 -61.79 -1.05
CA PHE E 435 -30.56 -60.34 -0.95
C PHE E 435 -30.20 -59.62 -2.24
N MET E 436 -29.79 -60.33 -3.29
CA MET E 436 -29.33 -59.70 -4.52
C MET E 436 -30.54 -59.29 -5.35
N ILE E 437 -30.90 -58.01 -5.27
CA ILE E 437 -31.98 -57.44 -6.04
C ILE E 437 -31.39 -56.77 -7.28
N ASN E 438 -31.77 -57.24 -8.45
CA ASN E 438 -31.22 -56.74 -9.70
C ASN E 438 -32.05 -55.55 -10.18
N ILE E 439 -31.42 -54.40 -10.32
CA ILE E 439 -32.09 -53.19 -10.75
C ILE E 439 -32.29 -53.25 -12.27
N SER E 440 -33.38 -52.64 -12.74
CA SER E 440 -33.69 -52.59 -14.17
C SER E 440 -34.55 -51.36 -14.47
N PRO E 441 -34.04 -50.40 -15.24
CA PRO E 441 -34.81 -49.17 -15.50
C PRO E 441 -35.83 -49.39 -16.60
N GLU E 442 -37.11 -49.24 -16.24
CA GLU E 442 -38.22 -49.37 -17.19
C GLU E 442 -38.41 -48.02 -17.86
N PHE E 443 -37.74 -47.83 -19.00
CA PHE E 443 -37.83 -46.59 -19.77
C PHE E 443 -39.24 -46.37 -20.28
N ILE E 444 -39.80 -45.19 -19.96
CA ILE E 444 -41.15 -44.75 -20.33
C ILE E 444 -41.55 -44.99 -21.79
N ALA F 2 36.26 -11.39 52.94
CA ALA F 2 34.95 -11.42 53.56
C ALA F 2 34.08 -10.27 53.06
N ILE F 3 33.09 -9.89 53.86
CA ILE F 3 32.22 -8.76 53.54
C ILE F 3 33.03 -7.49 53.73
N ARG F 4 33.45 -6.87 52.63
CA ARG F 4 34.28 -5.67 52.68
C ARG F 4 33.37 -4.46 52.75
N THR F 5 32.96 -4.10 53.96
CA THR F 5 32.13 -2.93 54.12
C THR F 5 32.98 -1.66 53.97
N ILE F 6 32.33 -0.59 53.51
CA ILE F 6 33.01 0.69 53.29
C ILE F 6 33.20 1.40 54.62
N SER F 7 34.45 1.81 54.91
CA SER F 7 34.78 2.49 56.14
C SER F 7 34.88 4.00 55.98
N LYS F 8 35.66 4.49 55.00
CA LYS F 8 35.83 5.93 54.84
C LYS F 8 36.09 6.27 53.38
N ILE F 9 35.35 7.24 52.87
CA ILE F 9 35.49 7.72 51.49
C ILE F 9 35.93 9.19 51.52
N GLU F 10 36.98 9.48 50.75
CA GLU F 10 37.52 10.84 50.62
C GLU F 10 37.37 11.29 49.16
N LEU F 11 36.57 12.32 48.95
CA LEU F 11 36.35 12.97 47.66
C LEU F 11 37.06 14.32 47.66
N SER F 12 37.94 14.52 46.69
CA SER F 12 38.69 15.76 46.59
C SER F 12 38.27 16.50 45.32
N LYS F 13 37.76 17.74 45.50
CA LYS F 13 37.37 18.64 44.41
C LYS F 13 36.33 18.02 43.47
N ILE F 14 35.26 17.48 44.06
CA ILE F 14 34.20 16.88 43.26
C ILE F 14 33.42 17.98 42.56
N HIS F 15 33.22 17.81 41.24
CA HIS F 15 32.70 18.83 40.32
C HIS F 15 33.53 20.11 40.30
N ASN F 16 34.79 20.01 40.74
CA ASN F 16 35.68 21.15 40.99
C ASN F 16 35.02 22.16 41.92
N ARG F 17 34.27 21.65 42.92
CA ARG F 17 33.52 22.49 43.82
C ARG F 17 33.87 22.29 45.28
N TYR F 18 33.96 21.06 45.77
CA TYR F 18 34.08 20.84 47.20
C TYR F 18 34.82 19.55 47.51
N ASN F 19 35.30 19.47 48.75
CA ASN F 19 35.95 18.29 49.30
C ASN F 19 35.07 17.68 50.39
N LEU F 20 35.04 16.36 50.47
CA LEU F 20 34.21 15.65 51.43
C LEU F 20 34.90 14.40 51.93
N THR F 21 34.97 14.20 53.24
CA THR F 21 35.54 12.98 53.79
C THR F 21 34.59 12.42 54.85
N VAL F 22 34.03 11.25 54.58
CA VAL F 22 33.02 10.64 55.44
C VAL F 22 33.51 9.28 55.91
N ASP F 23 33.46 9.07 57.22
CA ASP F 23 33.75 7.77 57.84
C ASP F 23 32.44 7.04 58.12
N PHE F 24 32.33 5.79 57.66
CA PHE F 24 31.12 5.01 57.79
C PHE F 24 31.26 3.88 58.80
N PHE F 25 30.17 3.60 59.50
CA PHE F 25 30.12 2.42 60.35
C PHE F 25 29.76 1.18 59.53
N ASN F 26 29.82 0.03 60.18
CA ASN F 26 29.38 -1.21 59.54
C ASN F 26 27.87 -1.35 59.56
N ASP F 27 27.22 -0.65 60.48
CA ASP F 27 25.78 -0.67 60.69
C ASP F 27 25.10 0.41 59.84
N LEU F 28 23.87 0.75 60.21
CA LEU F 28 23.08 1.82 59.61
C LEU F 28 23.79 3.17 59.57
N ASN F 29 24.22 3.58 58.37
CA ASN F 29 24.81 4.90 58.14
C ASN F 29 23.72 5.88 57.71
N VAL F 30 23.21 6.67 58.64
CA VAL F 30 22.13 7.62 58.37
C VAL F 30 22.74 8.98 58.10
N ILE F 31 22.93 9.31 56.83
CA ILE F 31 23.47 10.61 56.44
C ILE F 31 22.33 11.61 56.36
N HIS F 32 22.47 12.69 57.11
CA HIS F 32 21.48 13.75 57.20
C HIS F 32 22.09 15.05 56.72
N GLY F 33 21.45 15.67 55.73
CA GLY F 33 21.92 16.95 55.24
C GLY F 33 20.99 17.56 54.22
N LYS F 34 20.99 18.89 54.13
CA LYS F 34 20.05 19.60 53.27
C LYS F 34 20.44 19.40 51.80
N ASN F 35 19.56 19.84 50.92
CA ASN F 35 19.76 19.66 49.48
C ASN F 35 20.97 20.42 48.99
N GLY F 36 21.71 19.80 48.07
CA GLY F 36 22.91 20.41 47.56
C GLY F 36 24.13 20.18 48.42
N ALA F 37 24.18 19.06 49.15
CA ALA F 37 25.27 18.77 50.06
C ALA F 37 26.12 17.59 49.61
N GLY F 38 25.76 16.92 48.52
CA GLY F 38 26.56 15.83 48.00
C GLY F 38 26.09 14.44 48.34
N LYS F 39 24.91 14.30 48.96
CA LYS F 39 24.38 13.00 49.35
C LYS F 39 24.27 12.05 48.17
N SER F 40 23.46 12.43 47.18
CA SER F 40 23.25 11.60 46.00
C SER F 40 24.55 11.36 45.26
N THR F 41 25.37 12.42 45.13
CA THR F 41 26.67 12.31 44.47
C THR F 41 27.53 11.25 45.14
N LEU F 42 27.47 11.19 46.49
CA LEU F 42 28.25 10.22 47.23
C LEU F 42 27.70 8.82 47.05
N ILE F 43 26.37 8.70 46.96
CA ILE F 43 25.75 7.40 46.76
C ILE F 43 26.10 6.87 45.37
N HIS F 44 26.08 7.76 44.37
CA HIS F 44 26.43 7.36 43.01
C HIS F 44 27.91 6.99 42.91
N VAL F 45 28.77 7.69 43.65
CA VAL F 45 30.19 7.33 43.65
C VAL F 45 30.41 5.96 44.27
N ILE F 46 29.74 5.68 45.40
CA ILE F 46 29.86 4.38 46.04
C ILE F 46 29.29 3.26 45.17
N ALA F 47 28.14 3.49 44.55
CA ALA F 47 27.55 2.52 43.65
C ALA F 47 28.33 2.35 42.36
N ASN F 48 29.13 3.34 41.97
CA ASN F 48 29.98 3.19 40.80
C ASN F 48 31.37 2.67 41.13
N ILE F 49 31.69 2.52 42.41
CA ILE F 49 32.95 1.90 42.81
C ILE F 49 32.73 0.43 43.15
N VAL F 50 31.73 0.16 43.99
CA VAL F 50 31.55 -1.17 44.56
C VAL F 50 31.11 -2.18 43.51
N ASN F 51 30.17 -1.81 42.63
CA ASN F 51 29.61 -2.80 41.73
C ASN F 51 30.40 -3.00 40.44
N GLY F 52 31.66 -2.58 40.38
CA GLY F 52 32.41 -2.79 39.14
C GLY F 52 31.96 -1.97 37.95
N ASP F 53 31.67 -0.69 38.15
CA ASP F 53 31.26 0.20 37.07
C ASP F 53 32.15 1.44 37.06
N PHE F 54 33.44 1.24 36.82
CA PHE F 54 34.36 2.38 36.81
C PHE F 54 34.29 3.23 35.56
N ILE F 55 33.56 2.78 34.53
CA ILE F 55 33.50 3.56 33.30
C ILE F 55 32.65 4.80 33.49
N ARG F 56 31.80 4.81 34.52
CA ARG F 56 30.97 5.96 34.80
C ARG F 56 31.81 7.08 35.38
N PHE F 57 33.01 6.75 35.88
CA PHE F 57 33.88 7.79 36.40
C PHE F 57 34.48 8.63 35.29
N ALA F 58 34.34 8.20 34.04
CA ALA F 58 34.79 9.04 32.95
C ALA F 58 33.86 10.23 32.74
N PHE F 59 32.64 10.15 33.25
CA PHE F 59 31.69 11.25 33.13
C PHE F 59 31.69 12.19 34.33
N LEU F 60 32.66 12.07 35.22
CA LEU F 60 32.68 12.86 36.45
C LEU F 60 33.92 13.73 36.49
N ILE F 61 33.75 14.96 36.97
CA ILE F 61 34.84 15.91 37.13
C ILE F 61 35.29 15.86 38.58
N PHE F 62 36.53 15.46 38.80
CA PHE F 62 37.05 15.29 40.14
C PHE F 62 38.57 15.40 40.11
N GLU F 63 39.18 15.35 41.28
CA GLU F 63 40.62 15.36 41.42
C GLU F 63 41.17 14.06 42.00
N GLU F 64 40.67 13.63 43.15
CA GLU F 64 41.13 12.42 43.79
C GLU F 64 40.01 11.83 44.63
N ILE F 65 39.72 10.55 44.39
CA ILE F 65 38.68 9.84 45.13
C ILE F 65 39.31 8.59 45.74
N LYS F 66 39.27 8.50 47.07
CA LYS F 66 39.83 7.37 47.78
C LYS F 66 38.74 6.64 48.53
N ALA F 67 38.68 5.33 48.33
CA ALA F 67 37.68 4.46 48.93
C ALA F 67 38.39 3.42 49.76
N THR F 68 38.06 3.37 51.06
CA THR F 68 38.67 2.44 51.99
C THR F 68 37.61 1.45 52.47
N TYR F 69 37.91 0.17 52.32
CA TYR F 69 37.02 -0.88 52.82
C TYR F 69 37.33 -1.19 54.28
N SER F 70 36.61 -2.19 54.82
CA SER F 70 36.79 -2.57 56.21
C SER F 70 38.08 -3.36 56.42
N ASP F 71 38.46 -4.20 55.46
CA ASP F 71 39.65 -5.02 55.62
C ASP F 71 40.92 -4.21 55.45
N GLY F 72 40.86 -3.10 54.71
CA GLY F 72 42.02 -2.27 54.54
C GLY F 72 42.38 -2.03 53.09
N LEU F 73 41.50 -2.45 52.18
CA LEU F 73 41.75 -2.23 50.76
C LEU F 73 41.49 -0.79 50.39
N LYS F 74 42.46 -0.18 49.70
CA LYS F 74 42.41 1.21 49.29
C LYS F 74 42.28 1.28 47.78
N ILE F 75 41.32 2.07 47.30
CA ILE F 75 41.16 2.33 45.87
C ILE F 75 41.32 3.82 45.67
N VAL F 76 42.27 4.21 44.82
CA VAL F 76 42.55 5.61 44.56
C VAL F 76 42.25 5.87 43.09
N ILE F 77 41.38 6.83 42.83
CA ILE F 77 41.00 7.19 41.48
C ILE F 77 41.43 8.63 41.26
N ARG F 78 42.16 8.85 40.18
CA ARG F 78 42.64 10.19 39.89
C ARG F 78 42.30 10.54 38.46
N ARG F 79 41.99 11.81 38.25
CA ARG F 79 41.68 12.35 36.94
C ARG F 79 42.79 13.31 36.55
N ASP F 80 43.66 12.88 35.64
CA ASP F 80 44.83 13.65 35.25
C ASP F 80 44.73 13.84 33.75
N LYS F 81 44.95 15.05 33.25
CA LYS F 81 44.85 15.27 31.83
C LYS F 81 46.22 15.61 31.26
N ILE F 82 46.59 14.92 30.18
CA ILE F 82 47.84 15.08 29.47
C ILE F 82 47.53 15.32 28.00
N ASP F 83 48.20 16.32 27.40
CA ASP F 83 48.10 16.69 25.98
C ASP F 83 46.66 16.82 25.52
N GLU F 84 45.90 17.64 26.27
CA GLU F 84 44.48 17.94 26.04
C GLU F 84 43.58 16.70 26.11
N GLN F 85 44.05 15.59 26.68
CA GLN F 85 43.21 14.40 26.82
C GLN F 85 43.25 13.93 28.26
N SER F 86 42.07 13.76 28.86
CA SER F 86 41.99 13.33 30.25
C SER F 86 42.09 11.82 30.36
N PHE F 87 42.86 11.36 31.36
CA PHE F 87 43.05 9.96 31.65
C PHE F 87 42.66 9.70 33.10
N ILE F 88 41.87 8.65 33.31
CA ILE F 88 41.47 8.22 34.64
C ILE F 88 42.37 7.07 35.06
N SER F 89 43.05 7.24 36.19
CA SER F 89 43.95 6.25 36.77
C SER F 89 43.31 5.65 38.02
N VAL F 90 42.93 4.37 37.93
CA VAL F 90 42.35 3.62 39.03
C VAL F 90 43.47 2.75 39.62
N THR F 91 44.09 3.24 40.69
CA THR F 91 45.24 2.60 41.32
C THR F 91 44.83 1.96 42.63
N LEU F 92 44.91 0.63 42.69
CA LEU F 92 44.59 -0.09 43.92
C LEU F 92 45.81 -0.11 44.83
N SER F 93 45.55 -0.39 46.11
CA SER F 93 46.65 -0.55 47.06
C SER F 93 47.45 -1.83 46.88
N ASN F 94 46.97 -2.80 46.10
CA ASN F 94 47.68 -4.07 45.98
C ASN F 94 48.90 -3.98 45.07
N GLY F 95 48.99 -2.92 44.26
CA GLY F 95 50.09 -2.78 43.33
C GLY F 95 49.58 -2.58 41.93
N LYS F 96 48.49 -3.26 41.58
CA LYS F 96 47.91 -3.14 40.26
C LYS F 96 47.22 -1.79 40.08
N TYR F 97 47.12 -1.36 38.83
CA TYR F 97 46.48 -0.10 38.49
C TYR F 97 46.08 -0.14 37.02
N ILE F 98 44.90 0.38 36.72
CA ILE F 98 44.46 0.45 35.33
C ILE F 98 44.28 1.92 34.99
N LYS F 99 44.55 2.28 33.74
CA LYS F 99 44.37 3.66 33.30
C LYS F 99 43.70 3.66 31.94
N PHE F 100 42.88 4.68 31.69
CA PHE F 100 42.25 4.75 30.37
C PHE F 100 41.85 6.18 30.03
N ALA F 101 41.76 6.42 28.71
CA ALA F 101 41.35 7.71 28.18
C ALA F 101 39.84 7.91 28.32
N VAL F 102 39.45 9.16 28.56
CA VAL F 102 38.04 9.53 28.69
C VAL F 102 37.30 9.35 27.38
N GLY F 103 37.92 9.76 26.26
CA GLY F 103 37.29 9.63 24.96
C GLY F 103 37.05 8.21 24.53
N GLU F 104 37.91 7.29 24.95
CA GLU F 104 37.69 5.87 24.69
C GLU F 104 36.43 5.38 25.41
N ALA F 105 36.23 5.84 26.64
CA ALA F 105 35.02 5.46 27.37
C ALA F 105 33.78 6.10 26.76
N MET F 106 33.90 7.33 26.26
CA MET F 106 32.77 7.96 25.58
C MET F 106 32.42 7.22 24.30
N ALA F 107 33.43 6.76 23.56
CA ALA F 107 33.18 5.97 22.37
C ALA F 107 32.55 4.62 22.72
N THR F 108 32.97 4.03 23.85
CA THR F 108 32.37 2.77 24.30
C THR F 108 30.91 2.97 24.69
N VAL F 109 30.60 4.10 25.34
CA VAL F 109 29.21 4.39 25.72
C VAL F 109 28.36 4.64 24.49
N ARG F 110 28.91 5.34 23.49
CA ARG F 110 28.17 5.52 22.25
C ARG F 110 28.07 4.21 21.47
N GLU F 111 28.99 3.26 21.71
CA GLU F 111 28.83 1.91 21.16
C GLU F 111 27.64 1.21 21.80
N ILE F 112 27.35 1.48 23.08
CA ILE F 112 26.19 0.83 23.71
C ILE F 112 24.88 1.37 23.13
N GLU F 113 24.90 2.58 22.56
CA GLU F 113 23.72 3.16 21.93
C GLU F 113 23.29 2.38 20.70
N SER F 125 33.64 -2.45 23.06
CA SER F 125 33.49 -3.29 24.24
C SER F 125 34.85 -3.78 24.72
N MET F 126 35.90 -3.31 24.07
CA MET F 126 37.27 -3.69 24.46
C MET F 126 37.63 -3.10 25.81
N LEU F 127 37.26 -1.84 26.04
CA LEU F 127 37.53 -1.21 27.33
C LEU F 127 36.68 -1.83 28.43
N ALA F 128 35.46 -2.24 28.11
CA ALA F 128 34.60 -2.94 29.07
C ALA F 128 35.21 -4.28 29.46
N MET F 129 35.75 -5.01 28.49
CA MET F 129 36.42 -6.27 28.77
C MET F 129 37.69 -6.06 29.58
N ASP F 130 38.40 -4.97 29.32
CA ASP F 130 39.60 -4.65 30.09
C ASP F 130 39.25 -4.32 31.54
N ILE F 131 38.17 -3.57 31.75
CA ILE F 131 37.71 -3.23 33.09
C ILE F 131 37.25 -4.49 33.83
N ASP F 132 36.55 -5.38 33.11
CA ASP F 132 36.09 -6.63 33.70
C ASP F 132 37.27 -7.53 34.08
N LYS F 133 38.29 -7.58 33.23
CA LYS F 133 39.48 -8.36 33.55
C LYS F 133 40.22 -7.76 34.74
N PHE F 134 40.28 -6.43 34.83
CA PHE F 134 40.95 -5.79 35.96
C PHE F 134 40.21 -6.05 37.27
N VAL F 135 38.88 -5.99 37.26
CA VAL F 135 38.15 -6.20 38.50
C VAL F 135 38.00 -7.69 38.81
N LYS F 136 38.22 -8.56 37.83
CA LYS F 136 38.14 -9.99 38.09
C LYS F 136 39.47 -10.54 38.60
N GLU F 137 40.58 -10.06 38.06
CA GLU F 137 41.88 -10.54 38.53
C GLU F 137 42.26 -9.94 39.87
N ASN F 138 41.65 -8.82 40.25
CA ASN F 138 41.88 -8.21 41.56
C ASN F 138 40.78 -8.52 42.55
N GLU F 139 39.68 -9.13 42.09
CA GLU F 139 38.51 -9.52 42.88
C GLU F 139 37.90 -8.31 43.59
N LEU F 140 37.48 -7.34 42.79
CA LEU F 140 36.87 -6.12 43.29
C LEU F 140 35.35 -6.20 43.35
N GLN F 141 34.76 -7.28 42.86
CA GLN F 141 33.31 -7.43 42.79
C GLN F 141 32.82 -8.51 43.74
N LYS F 142 33.41 -8.55 44.93
CA LYS F 142 32.98 -9.52 45.95
C LYS F 142 31.63 -9.14 46.52
N VAL F 143 31.42 -7.85 46.78
CA VAL F 143 30.19 -7.34 47.37
C VAL F 143 29.48 -6.48 46.34
N ARG F 144 28.20 -6.77 46.11
CA ARG F 144 27.37 -6.01 45.18
C ARG F 144 26.43 -5.10 45.97
N ALA F 145 26.39 -3.83 45.60
CA ALA F 145 25.55 -2.86 46.28
C ALA F 145 24.29 -2.56 45.49
N SER F 146 23.16 -2.57 46.18
CA SER F 146 21.87 -2.24 45.59
C SER F 146 21.60 -0.76 45.79
N TYR F 147 21.09 -0.12 44.75
CA TYR F 147 20.84 1.31 44.76
C TYR F 147 19.34 1.56 44.74
N PHE F 148 18.83 2.28 45.73
CA PHE F 148 17.43 2.66 45.77
C PHE F 148 17.35 4.14 45.41
N PRO F 149 16.92 4.49 44.21
CA PRO F 149 16.96 5.88 43.78
C PRO F 149 15.88 6.71 44.45
N ALA F 150 16.11 8.02 44.46
CA ALA F 150 15.14 8.96 44.99
C ALA F 150 14.07 9.32 43.98
N PHE F 151 14.16 8.81 42.76
CA PHE F 151 13.18 9.08 41.71
C PHE F 151 12.40 7.83 41.31
N ARG F 152 11.96 7.02 42.28
CA ARG F 152 11.26 5.79 41.94
C ARG F 152 9.87 6.04 41.35
N THR F 153 9.33 7.25 41.50
CA THR F 153 8.12 7.60 40.77
C THR F 153 8.38 7.61 39.26
N MET F 154 9.59 8.00 38.85
CA MET F 154 9.96 7.86 37.44
C MET F 154 10.02 6.40 37.04
N LEU F 155 10.39 5.52 37.96
CA LEU F 155 10.34 4.09 37.65
C LEU F 155 8.90 3.63 37.49
N GLU F 156 7.96 4.28 38.19
CA GLU F 156 6.56 3.99 37.89
C GLU F 156 6.17 4.53 36.52
N ALA F 157 6.80 5.63 36.10
CA ALA F 157 6.43 6.25 34.83
C ALA F 157 6.76 5.39 33.63
N TRP F 158 7.96 4.80 33.60
CA TRP F 158 8.33 3.90 32.50
C TRP F 158 8.11 2.48 32.95
N SER F 159 6.85 2.07 32.92
CA SER F 159 6.45 0.71 33.28
C SER F 159 5.35 0.24 32.35
N TYR F 176 13.53 -7.05 36.40
CA TYR F 176 13.92 -5.64 36.47
C TYR F 176 14.05 -5.07 35.07
N ASN F 177 13.39 -3.94 34.84
CA ASN F 177 13.47 -3.26 33.55
C ASN F 177 14.86 -2.67 33.33
N ARG F 178 15.34 -2.77 32.09
CA ARG F 178 16.68 -2.34 31.73
C ARG F 178 16.72 -1.06 30.90
N LYS F 179 15.64 -0.70 30.23
CA LYS F 179 15.62 0.56 29.51
C LYS F 179 15.46 1.75 30.44
N ALA F 180 15.05 1.50 31.68
CA ALA F 180 14.86 2.58 32.64
C ALA F 180 16.20 3.19 33.03
N SER F 181 17.27 2.40 33.04
CA SER F 181 18.59 2.90 33.33
C SER F 181 19.05 3.88 32.25
N ALA F 182 18.82 3.54 30.99
CA ALA F 182 19.19 4.44 29.91
C ALA F 182 18.33 5.70 29.91
N PHE F 183 17.04 5.57 30.24
CA PHE F 183 16.17 6.74 30.31
C PHE F 183 16.60 7.69 31.43
N ALA F 184 16.97 7.12 32.58
CA ALA F 184 17.38 7.93 33.71
C ALA F 184 18.77 8.50 33.49
N ARG F 185 19.64 7.79 32.77
CA ARG F 185 20.92 8.40 32.45
C ARG F 185 20.78 9.47 31.37
N GLU F 186 19.75 9.37 30.54
CA GLU F 186 19.47 10.41 29.58
C GLU F 186 19.07 11.71 30.27
N LEU F 187 18.25 11.62 31.31
CA LEU F 187 17.77 12.85 31.94
C LEU F 187 18.43 13.19 33.27
N PHE F 188 19.38 12.39 33.76
CA PHE F 188 20.16 12.71 34.95
C PHE F 188 21.66 12.72 34.71
N GLY F 189 22.10 12.57 33.47
CA GLY F 189 23.51 12.50 33.16
C GLY F 189 24.00 11.07 33.13
N GLN F 190 25.14 10.87 32.47
CA GLN F 190 25.65 9.52 32.30
C GLN F 190 26.43 9.00 33.49
N PHE F 191 26.63 9.81 34.53
CA PHE F 191 27.28 9.30 35.73
C PHE F 191 26.38 8.37 36.54
N LEU F 192 25.07 8.40 36.29
CA LEU F 192 24.10 7.65 37.08
C LEU F 192 24.30 6.14 36.96
N PRO F 193 24.30 5.40 38.08
CA PRO F 193 24.56 3.95 38.02
C PRO F 193 23.42 3.15 37.44
N SER F 194 23.57 1.82 37.45
CA SER F 194 22.54 0.94 36.92
C SER F 194 21.31 0.94 37.82
N ILE F 195 20.13 1.09 37.20
CA ILE F 195 18.87 1.21 37.91
C ILE F 195 18.14 -0.12 37.85
N ASN F 196 18.00 -0.80 38.99
CA ASN F 196 17.28 -2.05 39.09
C ASN F 196 16.29 -1.90 40.25
N TYR F 197 15.09 -1.44 39.93
CA TYR F 197 14.14 -1.13 40.98
C TYR F 197 12.73 -1.50 40.50
N PRO F 198 11.95 -2.15 41.35
CA PRO F 198 10.64 -2.66 40.93
C PRO F 198 9.48 -1.68 41.04
N SER F 199 8.67 -1.67 39.98
CA SER F 199 7.49 -0.83 39.87
C SER F 199 6.33 -1.53 40.60
N PRO F 200 5.22 -0.84 40.89
CA PRO F 200 4.03 -1.56 41.38
C PRO F 200 3.48 -2.59 40.42
N MET F 201 3.55 -2.39 39.12
CA MET F 201 2.90 -3.34 38.24
C MET F 201 3.84 -4.49 37.93
N GLU F 202 5.07 -4.35 38.41
CA GLU F 202 6.04 -5.41 38.33
C GLU F 202 6.11 -6.20 39.61
N ILE F 203 5.92 -5.57 40.78
CA ILE F 203 5.76 -6.40 41.97
C ILE F 203 4.43 -7.13 41.92
N GLU F 204 3.42 -6.57 41.22
CA GLU F 204 2.20 -7.32 40.98
C GLU F 204 2.44 -8.54 40.08
N ASP F 205 3.22 -8.37 39.01
CA ASP F 205 3.52 -9.53 38.16
C ASP F 205 4.40 -10.55 38.88
N ARG F 206 5.38 -10.11 39.67
CA ARG F 206 6.20 -11.05 40.42
C ARG F 206 5.40 -11.79 41.49
N LEU F 207 4.48 -11.09 42.17
CA LEU F 207 3.65 -11.78 43.17
C LEU F 207 2.72 -12.79 42.51
N ARG F 208 2.17 -12.46 41.34
CA ARG F 208 1.32 -13.42 40.64
C ARG F 208 2.13 -14.65 40.20
N GLU F 209 3.35 -14.43 39.71
CA GLU F 209 4.21 -15.55 39.33
C GLU F 209 4.60 -16.41 40.52
N GLU F 210 4.88 -15.77 41.66
CA GLU F 210 5.28 -16.53 42.84
C GLU F 210 4.13 -17.32 43.44
N ILE F 211 2.93 -16.73 43.46
CA ILE F 211 1.75 -17.45 43.95
C ILE F 211 1.41 -18.61 43.03
N ARG F 212 1.47 -18.40 41.70
CA ARG F 212 1.18 -19.49 40.77
C ARG F 212 2.21 -20.63 40.88
N ARG F 213 3.48 -20.27 41.05
CA ARG F 213 4.51 -21.30 41.18
C ARG F 213 4.40 -22.04 42.51
N ALA F 214 4.03 -21.33 43.58
CA ALA F 214 3.84 -22.00 44.87
C ALA F 214 2.62 -22.90 44.87
N GLN F 215 1.56 -22.49 44.17
CA GLN F 215 0.37 -23.32 44.03
C GLN F 215 0.68 -24.59 43.25
N LEU F 216 1.46 -24.46 42.16
CA LEU F 216 1.88 -25.64 41.42
C LEU F 216 2.80 -26.53 42.24
N GLY F 217 3.62 -25.93 43.11
CA GLY F 217 4.48 -26.71 43.98
C GLY F 217 3.68 -27.50 45.00
N ILE F 218 2.65 -26.88 45.58
CA ILE F 218 1.75 -27.59 46.49
C ILE F 218 1.03 -28.72 45.78
N ALA F 219 0.56 -28.49 44.55
CA ALA F 219 -0.16 -29.54 43.82
C ALA F 219 0.74 -30.73 43.48
N ALA F 220 2.00 -30.45 43.14
CA ALA F 220 2.93 -31.54 42.89
C ALA F 220 3.31 -32.24 44.18
N TYR F 221 3.36 -31.51 45.29
CA TYR F 221 3.63 -32.16 46.56
C TYR F 221 2.43 -32.99 47.02
N GLU F 222 1.22 -32.59 46.62
CA GLU F 222 0.03 -33.42 46.84
C GLU F 222 0.15 -34.75 46.13
N SER F 223 0.50 -34.73 44.84
CA SER F 223 0.59 -36.00 44.11
C SER F 223 1.76 -36.86 44.57
N ARG F 224 2.89 -36.23 44.92
CA ARG F 224 4.01 -36.98 45.47
C ARG F 224 3.70 -37.57 46.85
N THR F 225 2.99 -36.81 47.69
CA THR F 225 2.59 -37.31 49.00
C THR F 225 1.58 -38.44 48.89
N PHE F 226 0.64 -38.34 47.95
CA PHE F 226 -0.32 -39.41 47.73
C PHE F 226 0.36 -40.70 47.28
N SER F 227 1.28 -40.60 46.32
CA SER F 227 1.95 -41.81 45.83
C SER F 227 2.86 -42.41 46.88
N GLU F 228 3.56 -41.57 47.66
CA GLU F 228 4.45 -42.06 48.70
C GLU F 228 3.66 -42.67 49.86
N SER F 229 2.54 -42.03 50.23
CA SER F 229 1.75 -42.56 51.33
C SER F 229 1.01 -43.82 50.93
N PHE F 230 0.65 -43.93 49.65
CA PHE F 230 0.11 -45.19 49.11
C PHE F 230 1.13 -46.32 49.24
N VAL F 231 2.37 -46.06 48.82
CA VAL F 231 3.43 -47.06 48.90
C VAL F 231 3.71 -47.44 50.35
N LYS F 232 3.76 -46.45 51.25
CA LYS F 232 4.11 -46.73 52.65
C LYS F 232 2.99 -47.44 53.40
N VAL F 233 1.74 -47.08 53.13
CA VAL F 233 0.61 -47.77 53.75
C VAL F 233 0.49 -49.20 53.22
N PHE F 234 0.73 -49.40 51.91
CA PHE F 234 0.74 -50.75 51.37
C PHE F 234 1.91 -51.58 51.91
N SER F 235 3.03 -50.93 52.21
CA SER F 235 4.17 -51.62 52.81
C SER F 235 3.96 -51.90 54.29
N ALA F 236 3.09 -51.14 54.96
CA ALA F 236 2.87 -51.34 56.39
C ALA F 236 2.20 -52.67 56.70
N LEU F 237 1.41 -53.21 55.77
CA LEU F 237 0.81 -54.52 55.98
C LEU F 237 1.59 -55.59 55.22
N THR F 248 -2.92 -45.46 68.82
CA THR F 248 -3.29 -44.70 70.01
C THR F 248 -4.26 -43.58 69.67
N GLY F 249 -5.08 -43.19 70.65
CA GLY F 249 -6.03 -42.11 70.46
C GLY F 249 -5.40 -40.73 70.42
N GLU F 250 -4.20 -40.57 70.97
CA GLU F 250 -3.50 -39.30 70.93
C GLU F 250 -3.09 -38.92 69.51
N LEU F 251 -2.67 -39.91 68.72
CA LEU F 251 -2.33 -39.64 67.32
C LEU F 251 -3.57 -39.24 66.51
N LEU F 252 -4.71 -39.88 66.79
CA LEU F 252 -5.96 -39.51 66.12
C LEU F 252 -6.42 -38.12 66.54
N LYS F 253 -6.25 -37.77 67.82
CA LYS F 253 -6.58 -36.43 68.29
C LYS F 253 -5.67 -35.37 67.66
N GLU F 254 -4.39 -35.69 67.50
CA GLU F 254 -3.46 -34.76 66.85
C GLU F 254 -3.79 -34.60 65.37
N ILE F 255 -4.21 -35.68 64.72
CA ILE F 255 -4.61 -35.60 63.32
C ILE F 255 -5.89 -34.79 63.16
N GLU F 256 -6.82 -34.93 64.11
CA GLU F 256 -8.05 -34.13 64.06
C GLU F 256 -7.76 -32.66 64.35
N GLY F 257 -6.83 -32.39 65.26
CA GLY F 257 -6.45 -31.00 65.54
C GLY F 257 -5.71 -30.36 64.38
N LEU F 258 -4.89 -31.14 63.68
CA LEU F 258 -4.10 -30.61 62.57
C LEU F 258 -4.91 -30.40 61.30
N ALA F 259 -6.16 -30.85 61.26
CA ALA F 259 -6.98 -30.69 60.07
C ALA F 259 -7.41 -29.23 59.90
N ILE F 260 -7.15 -28.67 58.72
CA ILE F 260 -7.50 -27.30 58.41
C ILE F 260 -7.62 -27.17 56.89
N ALA F 261 -8.57 -26.36 56.46
CA ALA F 261 -8.82 -26.18 55.03
C ALA F 261 -7.81 -25.21 54.43
N GLN F 262 -7.58 -25.35 53.12
CA GLN F 262 -6.65 -24.50 52.40
C GLN F 262 -7.02 -24.39 50.93
N SER F 275 -7.33 -33.46 45.09
CA SER F 275 -7.53 -32.04 45.38
C SER F 275 -8.15 -31.84 46.76
N LYS F 276 -9.46 -32.05 46.85
CA LYS F 276 -10.18 -31.91 48.11
C LYS F 276 -10.32 -33.23 48.86
N VAL F 277 -9.38 -34.16 48.67
CA VAL F 277 -9.42 -35.44 49.36
C VAL F 277 -9.12 -35.26 50.83
N TYR F 278 -8.34 -34.24 51.19
CA TYR F 278 -8.02 -33.96 52.57
C TYR F 278 -9.25 -33.52 53.37
N GLU F 279 -10.18 -32.82 52.72
CA GLU F 279 -11.43 -32.46 53.38
C GLU F 279 -12.26 -33.69 53.69
N GLU F 280 -12.31 -34.65 52.76
CA GLU F 280 -13.02 -35.90 53.02
C GLU F 280 -12.30 -36.74 54.07
N ILE F 281 -10.97 -36.67 54.11
CA ILE F 281 -10.21 -37.36 55.14
C ILE F 281 -10.49 -36.76 56.51
N ARG F 282 -10.60 -35.43 56.59
CA ARG F 282 -10.94 -34.77 57.85
C ARG F 282 -12.36 -35.10 58.27
N SER F 283 -13.28 -35.21 57.32
CA SER F 283 -14.65 -35.60 57.63
C SER F 283 -14.72 -37.05 58.12
N LEU F 284 -13.92 -37.94 57.53
CA LEU F 284 -13.88 -39.31 57.99
C LEU F 284 -13.20 -39.44 59.35
N ILE F 285 -12.19 -38.61 59.61
CA ILE F 285 -11.52 -38.62 60.91
C ILE F 285 -12.42 -38.05 61.99
N ASN F 286 -13.30 -37.11 61.63
CA ASN F 286 -14.25 -36.57 62.60
C ASN F 286 -15.30 -37.61 62.99
N ARG F 287 -15.68 -38.48 62.06
CA ARG F 287 -16.65 -39.53 62.35
C ARG F 287 -16.03 -40.65 63.19
N SER F 296 0.79 -52.27 62.50
CA SER F 296 -0.47 -52.58 61.84
C SER F 296 -1.31 -51.32 61.63
N VAL F 297 -2.36 -51.17 62.45
CA VAL F 297 -3.20 -49.98 62.37
C VAL F 297 -2.43 -48.76 62.87
N SER F 298 -1.62 -48.93 63.91
CA SER F 298 -0.84 -47.84 64.47
C SER F 298 0.20 -47.33 63.49
N GLY F 299 0.84 -48.23 62.73
CA GLY F 299 1.80 -47.81 61.73
C GLY F 299 1.18 -47.01 60.60
N ALA F 300 0.01 -47.43 60.14
CA ALA F 300 -0.70 -46.70 59.10
C ALA F 300 -1.19 -45.35 59.61
N LEU F 301 -1.61 -45.29 60.89
CA LEU F 301 -2.00 -44.00 61.48
C LEU F 301 -0.80 -43.08 61.62
N VAL F 302 0.37 -43.62 61.96
CA VAL F 302 1.60 -42.83 62.01
C VAL F 302 1.97 -42.29 60.63
N VAL F 303 1.83 -43.12 59.60
CA VAL F 303 2.10 -42.70 58.23
C VAL F 303 1.14 -41.59 57.79
N TYR F 304 -0.14 -41.73 58.14
CA TYR F 304 -1.14 -40.70 57.83
C TYR F 304 -0.83 -39.38 58.55
N ARG F 305 -0.46 -39.47 59.84
CA ARG F 305 -0.16 -38.27 60.62
C ARG F 305 1.09 -37.58 60.07
N ASP F 306 2.11 -38.36 59.70
CA ASP F 306 3.33 -37.80 59.13
C ASP F 306 3.05 -37.16 57.77
N ALA F 307 2.19 -37.78 56.97
CA ALA F 307 1.85 -37.22 55.66
C ALA F 307 1.10 -35.91 55.80
N LEU F 308 0.15 -35.83 56.74
CA LEU F 308 -0.59 -34.60 56.95
C LEU F 308 0.30 -33.50 57.49
N ARG F 309 1.20 -33.85 58.42
CA ARG F 309 2.13 -32.86 58.97
C ARG F 309 3.11 -32.36 57.92
N ASP F 310 3.58 -33.26 57.05
CA ASP F 310 4.49 -32.85 55.98
C ASP F 310 3.79 -32.01 54.92
N ARG F 311 2.51 -32.30 54.65
CA ARG F 311 1.75 -31.45 53.73
C ARG F 311 1.57 -30.05 54.29
N GLN F 312 1.24 -29.95 55.58
CA GLN F 312 1.09 -28.64 56.20
C GLN F 312 2.42 -27.88 56.24
N ASP F 313 3.51 -28.59 56.54
CA ASP F 313 4.82 -27.96 56.59
C ASP F 313 5.27 -27.48 55.22
N TYR F 314 4.99 -28.25 54.17
CA TYR F 314 5.35 -27.78 52.84
C TYR F 314 4.49 -26.59 52.40
N GLN F 315 3.21 -26.56 52.79
CA GLN F 315 2.39 -25.40 52.47
C GLN F 315 2.88 -24.14 53.18
N GLU F 316 3.27 -24.27 54.44
CA GLU F 316 3.81 -23.12 55.17
C GLU F 316 5.16 -22.69 54.63
N LYS F 317 6.02 -23.64 54.27
CA LYS F 317 7.34 -23.27 53.80
C LYS F 317 7.26 -22.66 52.40
N ALA F 318 6.28 -23.09 51.60
CA ALA F 318 6.09 -22.50 50.28
C ALA F 318 5.56 -21.08 50.36
N PHE F 319 4.66 -20.81 51.31
CA PHE F 319 4.05 -19.48 51.42
C PHE F 319 4.66 -18.57 52.46
N SER F 320 5.68 -19.01 53.21
CA SER F 320 6.27 -18.17 54.25
C SER F 320 6.93 -16.91 53.71
N GLU F 321 7.56 -16.98 52.54
CA GLU F 321 8.23 -15.78 52.01
C GLU F 321 7.23 -14.71 51.59
N ILE F 322 6.08 -15.12 51.07
CA ILE F 322 5.12 -14.13 50.65
C ILE F 322 4.27 -13.70 51.82
N ASP F 323 4.04 -14.58 52.79
CA ASP F 323 3.33 -14.17 54.00
C ASP F 323 4.18 -13.23 54.84
N ASN F 324 5.51 -13.41 54.79
CA ASN F 324 6.41 -12.46 55.44
C ASN F 324 6.36 -11.10 54.79
N TYR F 325 6.33 -11.07 53.45
CA TYR F 325 6.22 -9.77 52.77
C TYR F 325 4.85 -9.13 53.02
N MET F 326 3.79 -9.94 53.07
CA MET F 326 2.45 -9.42 53.37
C MET F 326 2.39 -8.86 54.78
N SER F 327 3.02 -9.54 55.73
CA SER F 327 3.05 -9.03 57.09
C SER F 327 3.85 -7.75 57.20
N SER F 328 4.96 -7.66 56.46
CA SER F 328 5.76 -6.44 56.45
C SER F 328 5.00 -5.26 55.90
N VAL F 329 4.22 -5.47 54.83
CA VAL F 329 3.41 -4.39 54.30
C VAL F 329 2.25 -4.05 55.23
N ASN F 330 1.47 -5.06 55.65
CA ASN F 330 0.31 -4.85 56.50
C ASN F 330 0.65 -4.42 57.92
N SER F 331 1.92 -4.37 58.30
CA SER F 331 2.25 -3.82 59.60
C SER F 331 2.03 -2.32 59.61
N PHE F 332 2.33 -1.66 58.49
CA PHE F 332 2.15 -0.20 58.39
C PHE F 332 0.70 0.16 58.11
N LEU F 333 0.15 -0.39 57.03
CA LEU F 333 -1.20 -0.07 56.53
C LEU F 333 -2.28 -0.26 57.58
N GLU F 334 -3.23 0.68 57.60
CA GLU F 334 -4.35 0.65 58.51
C GLU F 334 -5.65 0.74 57.72
N ASP F 335 -6.68 0.04 58.22
CA ASP F 335 -8.02 -0.07 57.63
C ASP F 335 -8.03 -0.63 56.21
N LYS F 336 -6.99 -1.37 55.83
CA LYS F 336 -6.88 -2.02 54.53
C LYS F 336 -5.80 -3.08 54.65
N GLU F 337 -6.10 -4.30 54.19
CA GLU F 337 -5.14 -5.39 54.27
C GLU F 337 -4.74 -5.79 52.87
N MET F 338 -3.44 -5.95 52.63
CA MET F 338 -3.00 -6.39 51.32
C MET F 338 -2.87 -7.91 51.36
N ALA F 339 -3.62 -8.61 50.50
CA ALA F 339 -3.62 -10.06 50.55
C ALA F 339 -3.98 -10.65 49.19
N TYR F 340 -3.88 -11.97 49.14
CA TYR F 340 -4.18 -12.75 47.94
C TYR F 340 -5.39 -13.66 48.18
N ASP F 341 -6.17 -13.85 47.13
CA ASP F 341 -7.32 -14.74 47.15
C ASP F 341 -7.42 -15.45 45.82
N PHE F 342 -8.04 -16.62 45.84
CA PHE F 342 -8.24 -17.39 44.61
C PHE F 342 -9.70 -17.37 44.17
N TYR F 348 -7.37 -18.80 39.20
CA TYR F 348 -6.33 -17.82 38.91
C TYR F 348 -6.12 -16.92 40.13
N PRO F 349 -4.87 -16.67 40.51
CA PRO F 349 -4.61 -15.89 41.73
C PRO F 349 -4.89 -14.41 41.54
N LYS F 350 -5.62 -13.84 42.49
CA LYS F 350 -5.82 -12.39 42.60
C LYS F 350 -5.04 -11.86 43.79
N VAL F 351 -4.25 -10.81 43.57
CA VAL F 351 -3.48 -10.15 44.62
C VAL F 351 -3.92 -8.69 44.67
N GLY F 352 -4.31 -8.22 45.84
CA GLY F 352 -4.75 -6.84 45.92
C GLY F 352 -5.21 -6.48 47.32
N LEU F 353 -5.91 -5.36 47.42
CA LEU F 353 -6.38 -4.97 48.72
C LEU F 353 -7.66 -5.70 49.11
N LYS F 354 -7.87 -5.77 50.41
CA LYS F 354 -9.05 -6.37 51.03
C LYS F 354 -9.43 -5.45 52.17
N PHE F 355 -10.48 -4.66 51.95
CA PHE F 355 -10.97 -3.77 52.98
C PHE F 355 -11.63 -4.61 54.07
N PRO F 356 -11.76 -4.07 55.29
CA PRO F 356 -12.47 -4.81 56.35
C PRO F 356 -13.93 -5.08 56.06
N ASP F 357 -14.55 -4.37 55.13
CA ASP F 357 -15.90 -4.68 54.68
C ASP F 357 -15.96 -5.93 53.81
N GLY F 358 -14.83 -6.48 53.40
CA GLY F 358 -14.80 -7.63 52.51
C GLY F 358 -14.75 -7.28 51.04
N SER F 359 -14.80 -6.02 50.68
CA SER F 359 -14.69 -5.62 49.28
C SER F 359 -13.23 -5.69 48.83
N TRP F 360 -13.04 -6.05 47.57
CA TRP F 360 -11.72 -6.12 46.98
C TRP F 360 -11.52 -4.98 46.00
N SER F 361 -10.28 -4.56 45.83
CA SER F 361 -9.96 -3.43 44.96
C SER F 361 -8.59 -3.65 44.35
N PRO F 362 -8.35 -3.12 43.15
CA PRO F 362 -7.03 -3.25 42.52
C PRO F 362 -5.97 -2.45 43.28
N ILE F 363 -4.72 -2.67 42.88
CA ILE F 363 -3.55 -2.06 43.51
C ILE F 363 -3.38 -0.60 43.07
N ARG F 364 -4.33 -0.08 42.30
CA ARG F 364 -4.33 1.30 41.87
C ARG F 364 -4.92 2.26 42.88
N VAL F 365 -5.66 1.75 43.87
CA VAL F 365 -6.25 2.64 44.87
C VAL F 365 -5.24 3.15 45.88
N LEU F 366 -4.08 2.49 45.98
CA LEU F 366 -3.05 2.87 46.94
C LEU F 366 -2.51 4.28 46.69
N SER F 367 -2.22 4.97 47.78
CA SER F 367 -1.68 6.33 47.77
C SER F 367 -0.18 6.26 47.52
N SER F 368 0.41 7.41 47.14
CA SER F 368 1.86 7.54 46.96
C SER F 368 2.68 7.03 48.14
N GLY F 369 2.13 7.10 49.34
CA GLY F 369 2.83 6.72 50.56
C GLY F 369 2.94 5.21 50.57
N GLU F 370 1.76 4.59 50.50
CA GLU F 370 1.64 3.15 50.37
C GLU F 370 2.37 2.60 49.16
N ARG F 371 2.43 3.34 48.05
CA ARG F 371 3.23 2.86 46.92
C ARG F 371 4.72 2.92 47.20
N GLN F 372 5.18 3.93 47.94
CA GLN F 372 6.57 3.95 48.35
C GLN F 372 6.90 2.78 49.26
N LEU F 373 5.97 2.45 50.16
CA LEU F 373 6.19 1.29 51.02
C LEU F 373 6.18 -0.02 50.24
N LEU F 374 5.32 -0.14 49.22
CA LEU F 374 5.34 -1.35 48.40
C LEU F 374 6.63 -1.49 47.62
N THR F 375 7.09 -0.39 47.02
CA THR F 375 8.29 -0.44 46.21
C THR F 375 9.55 -0.54 47.06
N MET F 376 9.48 -0.20 48.34
CA MET F 376 10.67 -0.32 49.14
C MET F 376 10.73 -1.63 49.91
N LEU F 377 9.59 -2.13 50.37
CA LEU F 377 9.56 -3.40 51.05
C LEU F 377 9.72 -4.59 50.11
N TYR F 378 9.22 -4.52 48.88
CA TYR F 378 9.59 -5.57 47.94
C TYR F 378 11.05 -5.53 47.55
N ALA F 379 11.65 -4.35 47.44
CA ALA F 379 13.03 -4.33 47.00
C ALA F 379 13.99 -4.46 48.15
N ALA F 380 13.49 -4.50 49.38
CA ALA F 380 14.28 -4.95 50.51
C ALA F 380 14.10 -6.43 50.81
N SER F 381 12.90 -6.98 50.65
CA SER F 381 12.72 -8.42 50.82
C SER F 381 13.44 -9.21 49.73
N LYS F 382 13.38 -8.76 48.49
CA LYS F 382 14.09 -9.45 47.40
C LYS F 382 15.53 -8.95 47.33
N MET F 383 16.30 -9.29 48.34
CA MET F 383 17.69 -8.83 48.39
C MET F 383 18.65 -10.00 48.24
N ALA F 387 25.64 -7.94 51.74
CA ALA F 387 25.88 -7.00 50.65
C ALA F 387 25.93 -5.57 51.17
N ILE F 388 25.67 -4.60 50.29
CA ILE F 388 25.62 -3.19 50.65
C ILE F 388 24.35 -2.60 50.04
N VAL F 389 23.58 -1.87 50.83
CA VAL F 389 22.32 -1.28 50.40
C VAL F 389 22.40 0.22 50.58
N LEU F 390 22.22 0.95 49.48
CA LEU F 390 22.27 2.41 49.48
C LEU F 390 20.87 2.89 49.16
N ILE F 391 20.21 3.56 50.10
CA ILE F 391 18.88 4.09 49.91
C ILE F 391 18.93 5.62 49.89
N ASP F 392 18.36 6.22 48.87
CA ASP F 392 18.34 7.68 48.76
C ASP F 392 16.91 8.15 48.99
N GLU F 393 16.72 8.98 50.02
CA GLU F 393 15.47 9.61 50.39
C GLU F 393 14.31 8.63 50.57
N PRO F 394 14.24 7.91 51.68
CA PRO F 394 13.08 7.04 51.93
C PRO F 394 11.90 7.75 52.58
N GLU F 395 11.95 9.06 52.75
CA GLU F 395 10.92 9.83 53.42
C GLU F 395 9.93 10.46 52.45
N ILE F 396 9.98 10.07 51.18
CA ILE F 396 9.16 10.72 50.16
C ILE F 396 7.70 10.35 50.36
N SER F 397 6.85 11.39 50.50
CA SER F 397 5.39 11.29 50.60
C SER F 397 4.93 10.40 51.74
N LEU F 398 5.63 10.46 52.87
CA LEU F 398 5.29 9.59 53.99
C LEU F 398 4.87 10.45 55.17
N HIS F 399 3.86 9.97 55.90
CA HIS F 399 3.47 10.56 57.16
C HIS F 399 4.55 10.29 58.22
N ILE F 400 4.55 11.11 59.26
CA ILE F 400 5.60 11.13 60.28
C ILE F 400 5.73 9.83 61.06
N ASP F 401 4.62 9.13 61.33
CA ASP F 401 4.72 7.86 62.04
C ASP F 401 5.41 6.78 61.21
N TRP F 402 5.13 6.76 59.90
CA TRP F 402 5.83 5.82 59.04
C TRP F 402 7.29 6.19 58.89
N GLN F 403 7.59 7.49 58.90
CA GLN F 403 8.98 7.94 58.95
C GLN F 403 9.66 7.51 60.22
N GLU F 404 8.91 7.45 61.33
CA GLU F 404 9.48 6.97 62.58
C GLU F 404 9.78 5.47 62.54
N ASP F 405 8.92 4.67 61.92
CA ASP F 405 9.05 3.22 62.03
C ASP F 405 9.66 2.55 60.81
N LEU F 406 9.99 3.31 59.77
CA LEU F 406 10.46 2.73 58.52
C LEU F 406 11.83 2.07 58.68
N LEU F 407 12.75 2.75 59.37
CA LEU F 407 14.08 2.18 59.56
C LEU F 407 14.06 0.95 60.44
N LYS F 408 13.21 0.92 61.47
CA LYS F 408 13.14 -0.27 62.31
C LYS F 408 12.53 -1.46 61.56
N ARG F 409 11.55 -1.21 60.68
CA ARG F 409 11.01 -2.31 59.90
C ARG F 409 12.02 -2.80 58.87
N MET F 410 12.78 -1.88 58.28
CA MET F 410 13.68 -2.31 57.23
C MET F 410 14.92 -2.94 57.84
N LEU F 411 15.28 -2.55 59.06
CA LEU F 411 16.37 -3.20 59.74
C LEU F 411 15.94 -4.57 60.23
N SER F 412 14.63 -4.78 60.39
CA SER F 412 14.17 -6.11 60.72
C SER F 412 14.20 -6.97 59.47
N GLN F 413 14.07 -6.37 58.28
CA GLN F 413 14.09 -7.16 57.07
C GLN F 413 15.46 -7.18 56.38
N LEU F 414 16.38 -6.30 56.77
CA LEU F 414 17.71 -6.21 56.16
C LEU F 414 18.76 -6.29 57.26
N SER F 415 19.15 -7.50 57.64
CA SER F 415 20.17 -7.66 58.67
C SER F 415 21.38 -8.33 58.06
N GLY F 416 22.56 -7.90 58.48
CA GLY F 416 23.78 -8.50 57.99
C GLY F 416 24.42 -7.76 56.84
N ARG F 417 23.95 -6.57 56.50
CA ARG F 417 24.47 -5.80 55.38
C ARG F 417 24.64 -4.35 55.79
N GLN F 418 25.48 -3.64 55.04
CA GLN F 418 25.74 -2.23 55.28
C GLN F 418 24.60 -1.41 54.70
N ILE F 419 23.76 -0.85 55.55
CA ILE F 419 22.58 -0.10 55.13
C ILE F 419 22.91 1.38 55.24
N ILE F 420 23.18 2.01 54.10
CA ILE F 420 23.42 3.45 54.05
C ILE F 420 22.15 4.14 53.55
N VAL F 421 21.65 5.09 54.33
CA VAL F 421 20.47 5.86 53.96
C VAL F 421 20.84 7.33 53.98
N CYS F 422 20.22 8.10 53.10
CA CYS F 422 20.43 9.55 53.02
C CYS F 422 19.08 10.24 53.08
N THR F 423 18.81 10.92 54.19
CA THR F 423 17.52 11.55 54.39
C THR F 423 17.64 13.04 54.68
N HIS F 424 16.63 13.79 54.24
CA HIS F 424 16.57 15.22 54.51
C HIS F 424 15.87 15.53 55.82
N SER F 425 14.97 14.67 56.25
CA SER F 425 14.22 14.84 57.47
C SER F 425 14.83 14.00 58.58
N PRO F 426 15.16 14.59 59.74
CA PRO F 426 15.77 13.80 60.82
C PRO F 426 14.82 12.83 61.50
N SER F 427 13.51 12.91 61.21
CA SER F 427 12.51 12.00 61.76
C SER F 427 12.79 10.55 61.39
N ILE F 428 13.49 10.32 60.29
CA ILE F 428 13.85 8.98 59.87
C ILE F 428 14.85 8.37 60.85
N ALA F 429 15.70 9.18 61.45
CA ALA F 429 16.79 8.67 62.27
C ALA F 429 16.41 8.55 63.75
N THR F 430 15.14 8.37 64.08
CA THR F 430 14.77 8.17 65.47
C THR F 430 15.19 6.77 65.91
N GLY F 431 15.68 6.68 67.15
CA GLY F 431 16.19 5.44 67.68
C GLY F 431 17.59 5.08 67.23
N TYR F 432 18.17 5.85 66.31
CA TYR F 432 19.53 5.63 65.82
C TYR F 432 20.27 6.96 65.78
N GLU F 433 20.15 7.72 66.87
CA GLU F 433 20.73 9.06 66.91
C GLU F 433 22.24 9.02 67.03
N ASP F 434 22.80 7.90 67.48
CA ASP F 434 24.25 7.73 67.52
C ASP F 434 24.81 7.50 66.12
N PHE F 435 23.95 7.10 65.18
CA PHE F 435 24.32 6.83 63.80
C PHE F 435 24.16 8.03 62.88
N MET F 436 23.74 9.18 63.40
CA MET F 436 23.46 10.35 62.56
C MET F 436 24.76 11.02 62.19
N ILE F 437 25.24 10.76 60.98
CA ILE F 437 26.45 11.38 60.46
C ILE F 437 26.03 12.58 59.62
N ASN F 438 26.44 13.78 60.03
CA ASN F 438 26.04 15.00 59.34
C ASN F 438 27.05 15.29 58.25
N ILE F 439 26.61 15.31 57.02
CA ILE F 439 27.48 15.59 55.89
C ILE F 439 27.69 17.09 55.79
N SER F 440 28.87 17.50 55.30
CA SER F 440 29.15 18.93 55.12
C SER F 440 30.18 19.13 54.02
N PRO F 441 29.78 19.77 52.90
CA PRO F 441 30.71 19.96 51.79
C PRO F 441 31.63 21.15 52.03
N GLU F 442 32.93 20.88 52.11
CA GLU F 442 33.92 21.95 52.29
C GLU F 442 34.28 22.47 50.90
N PHE F 443 33.55 23.50 50.46
CA PHE F 443 33.80 24.11 49.16
C PHE F 443 35.17 24.75 49.09
N ILE F 444 35.95 24.35 48.07
CA ILE F 444 37.32 24.82 47.80
C ILE F 444 37.51 26.35 47.87
N SER G 4 26.09 47.42 3.48
CA SER G 4 25.04 48.20 2.83
C SER G 4 23.67 47.61 3.13
N ASN G 5 23.38 46.46 2.54
CA ASN G 5 22.11 45.78 2.72
C ASN G 5 22.38 44.32 3.06
N MET G 6 21.39 43.69 3.70
CA MET G 6 21.50 42.29 4.07
C MET G 6 20.54 41.47 3.22
N THR G 7 21.06 40.45 2.56
CA THR G 7 20.27 39.60 1.68
C THR G 7 20.00 38.26 2.36
N TYR G 8 19.28 37.40 1.65
CA TYR G 8 18.97 36.09 2.21
C TYR G 8 20.19 35.18 2.24
N ASN G 9 21.10 35.35 1.28
CA ASN G 9 22.26 34.46 1.19
C ASN G 9 23.24 34.70 2.34
N ASN G 10 23.37 35.96 2.76
CA ASN G 10 24.23 36.26 3.91
C ASN G 10 23.67 35.64 5.19
N VAL G 11 22.34 35.68 5.35
CA VAL G 11 21.68 35.06 6.49
C VAL G 11 21.84 33.55 6.45
N PHE G 12 21.73 32.95 5.26
CA PHE G 12 21.90 31.51 5.14
C PHE G 12 23.34 31.09 5.40
N ASP G 13 24.31 31.91 4.99
CA ASP G 13 25.71 31.61 5.30
C ASP G 13 25.98 31.71 6.80
N HIS G 14 25.37 32.69 7.47
CA HIS G 14 25.49 32.81 8.91
C HIS G 14 24.86 31.61 9.62
N ALA G 15 23.71 31.15 9.11
CA ALA G 15 23.06 29.96 9.67
C ALA G 15 23.88 28.70 9.41
N TYR G 16 24.54 28.62 8.26
CA TYR G 16 25.41 27.50 7.94
C TYR G 16 26.60 27.45 8.87
N GLU G 17 27.20 28.61 9.14
CA GLU G 17 28.32 28.68 10.09
C GLU G 17 27.88 28.32 11.50
N MET G 18 26.71 28.79 11.92
CA MET G 18 26.21 28.46 13.25
C MET G 18 25.86 26.98 13.38
N LEU G 19 25.32 26.38 12.32
CA LEU G 19 25.01 24.95 12.37
C LEU G 19 26.26 24.10 12.40
N LYS G 20 27.29 24.50 11.64
CA LYS G 20 28.57 23.80 11.70
C LYS G 20 29.20 23.92 13.09
N GLU G 21 29.11 25.11 13.70
CA GLU G 21 29.63 25.28 15.06
C GLU G 21 28.85 24.44 16.06
N ASN G 22 27.53 24.34 15.90
CA ASN G 22 26.74 23.51 16.81
C ASN G 22 27.06 22.03 16.65
N ILE G 23 27.28 21.58 15.41
CA ILE G 23 27.68 20.20 15.18
C ILE G 23 29.05 19.92 15.77
N ARG G 24 29.98 20.86 15.63
CA ARG G 24 31.32 20.70 16.19
C ARG G 24 31.31 20.70 17.72
N TYR G 25 30.49 21.55 18.33
CA TYR G 25 30.52 21.68 19.78
C TYR G 25 29.71 20.60 20.46
N ASP G 26 28.43 20.45 20.08
CA ASP G 26 27.55 19.52 20.78
C ASP G 26 27.79 18.07 20.38
N ASP G 27 28.59 17.82 19.34
CA ASP G 27 28.95 16.49 18.84
C ASP G 27 27.70 15.69 18.44
N ILE G 28 26.97 16.25 17.48
CA ILE G 28 25.81 15.59 16.91
C ILE G 28 26.28 14.48 15.98
N ARG G 29 25.85 13.26 16.26
CA ARG G 29 26.32 12.09 15.51
C ARG G 29 25.30 11.54 14.53
N ASP G 30 24.01 11.77 14.77
CA ASP G 30 22.96 11.24 13.92
C ASP G 30 21.94 12.34 13.66
N THR G 31 20.94 12.03 12.83
CA THR G 31 19.95 13.04 12.43
C THR G 31 19.01 13.44 13.55
N ASP G 32 18.88 12.62 14.59
CA ASP G 32 17.93 12.89 15.66
C ASP G 32 18.35 14.10 16.51
N ASP G 33 19.64 14.20 16.84
CA ASP G 33 20.12 15.38 17.55
C ASP G 33 20.16 16.58 16.62
N LEU G 34 20.39 16.35 15.33
CA LEU G 34 20.45 17.44 14.38
C LEU G 34 19.07 18.00 14.09
N HIS G 35 18.01 17.24 14.36
CA HIS G 35 16.65 17.74 14.23
C HIS G 35 16.36 18.88 15.21
N ASP G 36 17.01 18.89 16.36
CA ASP G 36 16.92 20.04 17.26
C ASP G 36 18.04 21.04 17.05
N ALA G 37 19.20 20.57 16.59
CA ALA G 37 20.31 21.49 16.33
C ALA G 37 20.02 22.42 15.17
N ILE G 38 19.20 21.98 14.21
CA ILE G 38 18.84 22.82 13.07
C ILE G 38 17.94 23.96 13.53
N HIS G 39 17.04 23.70 14.48
CA HIS G 39 16.21 24.76 15.03
C HIS G 39 17.01 25.71 15.90
N MET G 40 17.96 25.15 16.67
CA MET G 40 18.83 25.95 17.51
C MET G 40 19.71 26.88 16.68
N ALA G 41 20.19 26.40 15.54
CA ALA G 41 20.96 27.26 14.66
C ALA G 41 20.08 28.22 13.87
N ALA G 42 18.86 27.83 13.53
CA ALA G 42 18.03 28.65 12.66
C ALA G 42 17.42 29.82 13.41
N ASP G 43 17.01 29.64 14.66
CA ASP G 43 16.32 30.72 15.33
C ASP G 43 17.25 31.83 15.81
N ASN G 44 18.57 31.63 15.72
CA ASN G 44 19.51 32.70 16.03
C ASN G 44 20.00 33.43 14.79
N ALA G 45 19.64 32.96 13.59
CA ALA G 45 20.10 33.61 12.37
C ALA G 45 19.06 34.54 11.77
N VAL G 46 17.84 34.56 12.31
CA VAL G 46 16.81 35.46 11.79
C VAL G 46 17.19 36.90 12.15
N PRO G 47 17.04 37.84 11.24
CA PRO G 47 17.33 39.24 11.58
C PRO G 47 16.32 39.76 12.57
N HIS G 48 16.74 40.75 13.36
CA HIS G 48 15.89 41.32 14.38
C HIS G 48 16.17 42.82 14.50
N TYR G 49 15.99 43.55 13.39
CA TYR G 49 16.13 45.00 13.47
C TYR G 49 15.27 45.76 12.46
N TYR G 50 14.18 45.15 11.97
CA TYR G 50 13.23 45.71 10.99
C TYR G 50 13.91 45.83 9.63
N ALA G 51 14.78 46.83 9.46
CA ALA G 51 15.47 47.08 8.20
C ALA G 51 16.11 45.81 7.65
N ASP G 52 16.82 45.08 8.51
CA ASP G 52 17.48 43.86 8.11
C ASP G 52 16.50 42.73 7.83
N ILE G 53 15.23 42.87 8.20
CA ILE G 53 14.23 41.87 7.90
C ILE G 53 13.58 42.14 6.55
N PHE G 54 13.24 43.40 6.30
CA PHE G 54 12.66 43.78 5.02
C PHE G 54 13.67 43.63 3.89
N SER G 55 14.95 43.93 4.15
CA SER G 55 15.96 43.77 3.11
C SER G 55 16.19 42.30 2.78
N VAL G 56 16.12 41.42 3.77
CA VAL G 56 16.27 39.99 3.52
C VAL G 56 15.06 39.45 2.77
N MET G 57 13.85 39.86 3.18
CA MET G 57 12.66 39.41 2.49
C MET G 57 12.56 39.97 1.08
N ALA G 58 13.18 41.11 0.81
CA ALA G 58 13.16 41.68 -0.53
C ALA G 58 14.21 41.08 -1.44
N SER G 59 15.05 40.19 -0.95
CA SER G 59 16.07 39.58 -1.79
C SER G 59 15.55 38.28 -2.39
N GLU G 60 16.29 37.78 -3.36
CA GLU G 60 15.90 36.57 -4.08
C GLU G 60 16.22 35.33 -3.26
N GLY G 61 15.65 34.20 -3.68
CA GLY G 61 15.93 32.92 -3.09
C GLY G 61 14.90 32.46 -2.08
N ILE G 62 14.08 33.36 -1.57
CA ILE G 62 13.10 33.04 -0.53
C ILE G 62 11.73 33.53 -0.97
N ASP G 63 10.76 32.64 -0.97
CA ASP G 63 9.42 33.01 -1.38
C ASP G 63 8.70 33.72 -0.24
N LEU G 64 7.53 34.28 -0.54
CA LEU G 64 6.82 35.10 0.43
C LEU G 64 5.54 34.44 0.93
N GLU G 65 5.41 33.13 0.75
CA GLU G 65 4.25 32.37 1.18
C GLU G 65 4.67 31.22 2.07
N PHE G 66 3.76 30.80 2.94
CA PHE G 66 4.02 29.70 3.86
C PHE G 66 3.55 28.40 3.22
N GLU G 67 4.48 27.48 2.99
CA GLU G 67 4.08 26.14 2.58
C GLU G 67 3.42 25.39 3.72
N ASP G 68 3.81 25.69 4.95
CA ASP G 68 3.16 25.18 6.15
C ASP G 68 2.34 26.32 6.75
N SER G 69 1.01 26.21 6.66
CA SER G 69 0.15 27.26 7.19
C SER G 69 0.15 27.27 8.71
N GLY G 70 0.41 26.12 9.33
CA GLY G 70 0.48 26.05 10.78
C GLY G 70 1.73 26.64 11.37
N LEU G 71 2.79 26.78 10.58
CA LEU G 71 4.01 27.40 11.08
C LEU G 71 3.84 28.90 11.22
N MET G 72 2.99 29.50 10.40
CA MET G 72 2.72 30.92 10.48
C MET G 72 1.90 31.22 11.74
N PRO G 73 2.36 32.10 12.61
CA PRO G 73 1.59 32.42 13.81
C PRO G 73 0.35 33.23 13.46
N ASP G 74 -0.67 33.07 14.30
CA ASP G 74 -1.96 33.73 14.06
C ASP G 74 -1.95 35.06 14.81
N THR G 75 -1.36 36.07 14.17
CA THR G 75 -1.28 37.40 14.73
C THR G 75 -1.24 38.40 13.59
N LYS G 76 -1.57 39.66 13.92
CA LYS G 76 -1.62 40.73 12.94
C LYS G 76 -0.30 41.50 12.83
N ASP G 77 0.73 41.14 13.59
CA ASP G 77 2.03 41.79 13.47
C ASP G 77 2.72 41.26 12.22
N VAL G 78 2.91 42.14 11.23
CA VAL G 78 3.42 41.71 9.94
C VAL G 78 4.90 41.32 10.04
N ILE G 79 5.65 42.03 10.86
CA ILE G 79 7.09 41.81 10.93
C ILE G 79 7.41 40.48 11.59
N ARG G 80 6.55 40.04 12.53
CA ARG G 80 6.73 38.74 13.14
C ARG G 80 6.38 37.62 12.17
N ILE G 81 5.39 37.86 11.30
CA ILE G 81 5.04 36.91 10.25
C ILE G 81 6.20 36.74 9.28
N LEU G 82 6.86 37.85 8.91
CA LEU G 82 8.00 37.76 8.02
C LEU G 82 9.20 37.09 8.70
N GLN G 83 9.39 37.31 10.00
CA GLN G 83 10.45 36.62 10.72
C GLN G 83 10.19 35.12 10.77
N ALA G 84 8.93 34.71 10.95
CA ALA G 84 8.60 33.29 10.93
C ALA G 84 8.78 32.70 9.54
N ARG G 85 8.50 33.47 8.50
CA ARG G 85 8.75 33.02 7.14
C ARG G 85 10.24 32.83 6.88
N ILE G 86 11.07 33.74 7.40
CA ILE G 86 12.53 33.61 7.29
C ILE G 86 13.00 32.34 8.02
N TYR G 87 12.44 32.09 9.20
CA TYR G 87 12.80 30.90 9.97
C TYR G 87 12.41 29.62 9.25
N GLU G 88 11.22 29.59 8.65
CA GLU G 88 10.79 28.41 7.90
C GLU G 88 11.66 28.16 6.68
N GLN G 89 11.99 29.22 5.94
CA GLN G 89 12.85 29.07 4.77
C GLN G 89 14.26 28.68 5.16
N LEU G 90 14.75 29.17 6.30
CA LEU G 90 16.07 28.77 6.80
C LEU G 90 16.11 27.30 7.17
N THR G 91 15.05 26.81 7.82
CA THR G 91 15.00 25.38 8.14
C THR G 91 14.93 24.52 6.90
N ILE G 92 14.14 24.96 5.90
CA ILE G 92 14.02 24.23 4.64
C ILE G 92 15.36 24.17 3.92
N ASP G 93 16.07 25.28 3.86
CA ASP G 93 17.36 25.29 3.16
C ASP G 93 18.46 24.59 3.96
N LEU G 94 18.37 24.58 5.29
CA LEU G 94 19.40 23.89 6.06
C LEU G 94 19.20 22.39 6.10
N TRP G 95 17.97 21.92 5.86
CA TRP G 95 17.75 20.48 5.77
C TRP G 95 18.42 19.86 4.55
N GLU G 96 18.68 20.65 3.51
CA GLU G 96 19.42 20.13 2.36
C GLU G 96 20.89 19.91 2.70
N ASP G 97 21.48 20.81 3.48
CA ASP G 97 22.90 20.74 3.80
C ASP G 97 23.20 19.94 5.06
N ALA G 98 22.16 19.53 5.79
CA ALA G 98 22.37 18.78 7.04
C ALA G 98 23.07 17.45 6.81
N GLU G 99 22.73 16.74 5.73
CA GLU G 99 23.31 15.43 5.46
C GLU G 99 24.79 15.52 5.15
N ASP G 100 25.19 16.49 4.30
CA ASP G 100 26.59 16.62 3.97
C ASP G 100 27.38 17.23 5.13
N LEU G 101 26.74 18.04 5.97
CA LEU G 101 27.43 18.50 7.18
C LEU G 101 27.68 17.36 8.14
N LEU G 102 26.72 16.43 8.26
CA LEU G 102 26.93 15.23 9.08
C LEU G 102 28.03 14.36 8.51
N ASN G 103 28.07 14.22 7.18
CA ASN G 103 29.11 13.42 6.53
C ASN G 103 30.49 14.05 6.72
N GLU G 104 30.57 15.38 6.63
CA GLU G 104 31.84 16.07 6.85
C GLU G 104 32.28 15.97 8.30
N TYR G 105 31.34 15.99 9.24
CA TYR G 105 31.68 15.81 10.64
C TYR G 105 32.16 14.39 10.91
N LEU G 106 31.55 13.40 10.25
CA LEU G 106 31.99 12.01 10.40
C LEU G 106 33.36 11.80 9.79
N GLU G 107 33.65 12.46 8.67
CA GLU G 107 34.97 12.38 8.06
C GLU G 107 36.00 13.21 8.80
N GLU G 108 35.56 14.16 9.63
CA GLU G 108 36.48 14.96 10.43
C GLU G 108 37.15 14.13 11.50
N VAL G 109 36.41 13.24 12.14
CA VAL G 109 36.97 12.36 13.16
C VAL G 109 37.32 11.01 12.54
N SER H 4 2.89 -25.11 -47.48
CA SER H 4 1.58 -25.72 -47.60
C SER H 4 0.51 -24.88 -46.92
N ASN H 5 0.52 -24.86 -45.59
CA ASN H 5 -0.44 -24.09 -44.81
C ASN H 5 0.31 -23.26 -43.77
N MET H 6 -0.34 -22.21 -43.32
CA MET H 6 0.21 -21.30 -42.32
C MET H 6 -0.54 -21.48 -41.01
N THR H 7 0.20 -21.73 -39.93
CA THR H 7 -0.37 -21.96 -38.62
C THR H 7 -0.17 -20.72 -37.74
N TYR H 8 -0.66 -20.83 -36.50
CA TYR H 8 -0.54 -19.70 -35.57
C TYR H 8 0.90 -19.52 -35.11
N ASN H 9 1.68 -20.61 -35.04
CA ASN H 9 3.04 -20.53 -34.53
C ASN H 9 3.95 -19.77 -35.50
N ASN H 10 3.73 -19.95 -36.81
CA ASN H 10 4.48 -19.19 -37.81
C ASN H 10 4.16 -17.71 -37.75
N VAL H 11 2.88 -17.36 -37.56
CA VAL H 11 2.47 -15.97 -37.44
C VAL H 11 3.03 -15.35 -36.15
N PHE H 12 3.04 -16.13 -35.06
CA PHE H 12 3.61 -15.62 -33.81
C PHE H 12 5.12 -15.45 -33.90
N ASP H 13 5.80 -16.34 -34.63
CA ASP H 13 7.23 -16.17 -34.85
C ASP H 13 7.53 -14.96 -35.73
N HIS H 14 6.69 -14.73 -36.75
CA HIS H 14 6.84 -13.55 -37.59
C HIS H 14 6.59 -12.27 -36.80
N ALA H 15 5.57 -12.27 -35.93
CA ALA H 15 5.29 -11.11 -35.09
C ALA H 15 6.40 -10.89 -34.06
N TYR H 16 6.97 -11.98 -33.54
CA TYR H 16 8.10 -11.88 -32.62
C TYR H 16 9.33 -11.30 -33.31
N GLU H 17 9.58 -11.73 -34.55
CA GLU H 17 10.68 -11.18 -35.34
C GLU H 17 10.45 -9.70 -35.66
N MET H 18 9.20 -9.34 -35.99
CA MET H 18 8.89 -7.94 -36.27
C MET H 18 9.01 -7.07 -35.02
N LEU H 19 8.64 -7.62 -33.86
CA LEU H 19 8.79 -6.88 -32.60
C LEU H 19 10.27 -6.71 -32.24
N LYS H 20 11.09 -7.74 -32.48
CA LYS H 20 12.53 -7.62 -32.27
C LYS H 20 13.15 -6.60 -33.21
N GLU H 21 12.70 -6.59 -34.47
CA GLU H 21 13.19 -5.59 -35.43
C GLU H 21 12.76 -4.17 -35.04
N ASN H 22 11.53 -4.03 -34.54
CA ASN H 22 11.06 -2.71 -34.10
C ASN H 22 11.82 -2.23 -32.87
N ILE H 23 12.12 -3.13 -31.93
CA ILE H 23 12.90 -2.77 -30.76
C ILE H 23 14.33 -2.39 -31.15
N ARG H 24 14.91 -3.14 -32.09
CA ARG H 24 16.27 -2.86 -32.54
C ARG H 24 16.35 -1.54 -33.32
N TYR H 25 15.35 -1.25 -34.16
CA TYR H 25 15.41 -0.07 -35.00
C TYR H 25 14.95 1.19 -34.27
N ASP H 26 13.73 1.15 -33.71
CA ASP H 26 13.13 2.33 -33.10
C ASP H 26 13.66 2.62 -31.70
N ASP H 27 14.42 1.68 -31.11
CA ASP H 27 15.03 1.79 -29.78
C ASP H 27 13.99 2.00 -28.69
N ILE H 28 13.08 1.03 -28.58
CA ILE H 28 12.07 1.02 -27.53
C ILE H 28 12.73 0.55 -26.24
N ARG H 29 12.65 1.37 -25.19
CA ARG H 29 13.35 1.09 -23.96
C ARG H 29 12.44 0.62 -22.82
N ASP H 30 11.16 0.98 -22.85
CA ASP H 30 10.24 0.62 -21.77
C ASP H 30 8.94 0.11 -22.37
N THR H 31 8.03 -0.32 -21.50
CA THR H 31 6.75 -0.89 -21.93
C THR H 31 5.81 0.14 -22.53
N ASP H 32 6.00 1.42 -22.24
CA ASP H 32 5.09 2.46 -22.73
C ASP H 32 5.22 2.64 -24.23
N ASP H 33 6.45 2.67 -24.74
CA ASP H 33 6.66 2.71 -26.19
C ASP H 33 6.35 1.36 -26.82
N LEU H 34 6.56 0.28 -26.06
CA LEU H 34 6.30 -1.05 -26.59
C LEU H 34 4.82 -1.34 -26.71
N HIS H 35 3.97 -0.62 -25.98
CA HIS H 35 2.52 -0.75 -26.14
C HIS H 35 2.03 -0.32 -27.52
N ASP H 36 2.74 0.60 -28.17
CA ASP H 36 2.44 0.95 -29.55
C ASP H 36 3.31 0.16 -30.53
N ALA H 37 4.52 -0.22 -30.11
CA ALA H 37 5.39 -1.02 -30.97
C ALA H 37 4.84 -2.41 -31.22
N ILE H 38 4.08 -2.96 -30.25
CA ILE H 38 3.49 -4.29 -30.42
C ILE H 38 2.39 -4.25 -31.47
N HIS H 39 1.62 -3.15 -31.51
CA HIS H 39 0.60 -2.99 -32.55
C HIS H 39 1.25 -2.71 -33.90
N MET H 40 2.35 -1.94 -33.90
CA MET H 40 3.09 -1.67 -35.12
C MET H 40 3.67 -2.95 -35.73
N ALA H 41 4.15 -3.86 -34.88
CA ALA H 41 4.63 -5.13 -35.40
C ALA H 41 3.48 -6.06 -35.78
N ALA H 42 2.35 -5.98 -35.08
CA ALA H 42 1.26 -6.91 -35.32
C ALA H 42 0.47 -6.58 -36.58
N ASP H 43 0.25 -5.30 -36.87
CA ASP H 43 -0.65 -4.94 -37.96
C ASP H 43 -0.03 -5.11 -39.34
N ASN H 44 1.28 -5.33 -39.45
CA ASN H 44 1.87 -5.66 -40.73
C ASN H 44 2.10 -7.15 -40.88
N ALA H 45 1.92 -7.93 -39.82
CA ALA H 45 2.13 -9.37 -39.87
C ALA H 45 0.83 -10.17 -39.95
N VAL H 46 -0.32 -9.53 -39.82
CA VAL H 46 -1.60 -10.25 -39.91
C VAL H 46 -1.84 -10.70 -41.34
N PRO H 47 -2.34 -11.92 -41.56
CA PRO H 47 -2.55 -12.42 -42.92
C PRO H 47 -3.62 -11.63 -43.67
N HIS H 48 -3.51 -11.62 -45.00
CA HIS H 48 -4.42 -10.86 -45.85
C HIS H 48 -4.79 -11.66 -47.11
N TYR H 49 -5.04 -12.96 -46.94
CA TYR H 49 -5.45 -13.80 -48.07
C TYR H 49 -6.64 -14.70 -47.75
N TYR H 50 -7.32 -14.48 -46.61
CA TYR H 50 -8.52 -15.17 -46.13
C TYR H 50 -8.23 -16.62 -45.75
N ALA H 51 -7.69 -17.40 -46.71
CA ALA H 51 -7.37 -18.81 -46.50
C ALA H 51 -6.39 -18.97 -45.35
N ASP H 52 -5.32 -18.16 -45.37
CA ASP H 52 -4.29 -18.17 -44.34
C ASP H 52 -4.89 -17.87 -42.97
N ILE H 53 -5.78 -16.87 -42.91
CA ILE H 53 -6.46 -16.48 -41.66
C ILE H 53 -7.16 -17.70 -41.04
N PHE H 54 -8.00 -18.37 -41.85
CA PHE H 54 -8.74 -19.54 -41.37
C PHE H 54 -7.81 -20.68 -40.99
N SER H 55 -6.69 -20.83 -41.72
CA SER H 55 -5.72 -21.88 -41.40
C SER H 55 -5.02 -21.59 -40.07
N VAL H 56 -4.74 -20.31 -39.80
CA VAL H 56 -4.13 -19.93 -38.53
C VAL H 56 -5.11 -20.10 -37.38
N MET H 57 -6.36 -19.68 -37.59
CA MET H 57 -7.41 -19.83 -36.59
C MET H 57 -7.81 -21.29 -36.36
N ALA H 58 -7.60 -22.16 -37.35
CA ALA H 58 -7.93 -23.58 -37.22
C ALA H 58 -6.83 -24.38 -36.54
N SER H 59 -5.70 -23.77 -36.21
CA SER H 59 -4.61 -24.49 -35.58
C SER H 59 -4.71 -24.39 -34.05
N GLU H 60 -3.93 -25.22 -33.38
CA GLU H 60 -3.93 -25.29 -31.93
C GLU H 60 -3.10 -24.14 -31.33
N GLY H 61 -3.27 -23.94 -30.03
CA GLY H 61 -2.50 -22.97 -29.28
C GLY H 61 -3.19 -21.65 -29.06
N ILE H 62 -4.23 -21.36 -29.83
CA ILE H 62 -4.95 -20.09 -29.75
C ILE H 62 -6.43 -20.40 -29.63
N ASP H 63 -7.08 -19.85 -28.62
CA ASP H 63 -8.50 -20.10 -28.46
C ASP H 63 -9.30 -19.20 -29.38
N LEU H 64 -10.60 -19.47 -29.47
CA LEU H 64 -11.47 -18.75 -30.41
C LEU H 64 -12.48 -17.85 -29.69
N GLU H 65 -12.25 -17.53 -28.42
CA GLU H 65 -13.18 -16.71 -27.66
C GLU H 65 -12.45 -15.49 -27.11
N PHE H 66 -13.20 -14.42 -26.88
CA PHE H 66 -12.67 -13.17 -26.36
C PHE H 66 -12.80 -13.16 -24.85
N GLU H 67 -11.67 -13.07 -24.15
CA GLU H 67 -11.71 -12.86 -22.71
C GLU H 67 -12.17 -11.44 -22.39
N ASP H 68 -11.86 -10.48 -23.25
CA ASP H 68 -12.36 -9.11 -23.15
C ASP H 68 -13.41 -8.92 -24.24
N SER H 69 -14.68 -8.82 -23.83
CA SER H 69 -15.76 -8.65 -24.81
C SER H 69 -15.74 -7.26 -25.42
N GLY H 70 -15.19 -6.26 -24.69
CA GLY H 70 -15.09 -4.92 -25.23
C GLY H 70 -14.00 -4.75 -26.27
N LEU H 71 -13.01 -5.64 -26.28
CA LEU H 71 -11.96 -5.56 -27.30
C LEU H 71 -12.49 -6.01 -28.64
N MET H 72 -13.50 -6.89 -28.63
CA MET H 72 -14.13 -7.35 -29.86
C MET H 72 -14.96 -6.23 -30.48
N PRO H 73 -14.72 -5.88 -31.74
CA PRO H 73 -15.51 -4.82 -32.37
C PRO H 73 -16.94 -5.24 -32.63
N ASP H 74 -17.83 -4.24 -32.62
CA ASP H 74 -19.27 -4.48 -32.80
C ASP H 74 -19.61 -4.37 -34.29
N THR H 75 -19.42 -5.49 -34.98
CA THR H 75 -19.71 -5.55 -36.41
C THR H 75 -20.09 -6.98 -36.75
N LYS H 76 -20.75 -7.13 -37.89
CA LYS H 76 -21.22 -8.43 -38.36
C LYS H 76 -20.23 -9.13 -39.28
N ASP H 77 -19.06 -8.53 -39.54
CA ASP H 77 -18.03 -9.15 -40.34
C ASP H 77 -17.30 -10.21 -39.50
N VAL H 78 -17.48 -11.48 -39.86
CA VAL H 78 -16.93 -12.58 -39.06
C VAL H 78 -15.42 -12.61 -39.18
N ILE H 79 -14.89 -12.31 -40.37
CA ILE H 79 -13.46 -12.41 -40.60
C ILE H 79 -12.72 -11.31 -39.85
N ARG H 80 -13.36 -10.14 -39.66
CA ARG H 80 -12.75 -9.09 -38.85
C ARG H 80 -12.77 -9.46 -37.37
N ILE H 81 -13.79 -10.19 -36.93
CA ILE H 81 -13.84 -10.71 -35.57
C ILE H 81 -12.71 -11.70 -35.32
N LEU H 82 -12.46 -12.60 -36.29
CA LEU H 82 -11.37 -13.56 -36.13
C LEU H 82 -10.01 -12.88 -36.20
N GLN H 83 -9.87 -11.86 -37.04
CA GLN H 83 -8.64 -11.08 -37.10
C GLN H 83 -8.40 -10.31 -35.80
N ALA H 84 -9.46 -9.77 -35.20
CA ALA H 84 -9.33 -9.10 -33.91
C ALA H 84 -8.95 -10.07 -32.81
N ARG H 85 -9.47 -11.31 -32.90
CA ARG H 85 -9.07 -12.35 -31.96
C ARG H 85 -7.58 -12.69 -32.13
N ILE H 86 -7.12 -12.75 -33.39
CA ILE H 86 -5.70 -12.98 -33.67
C ILE H 86 -4.84 -11.87 -33.09
N TYR H 87 -5.29 -10.62 -33.26
CA TYR H 87 -4.55 -9.47 -32.75
C TYR H 87 -4.51 -9.47 -31.22
N GLU H 88 -5.64 -9.78 -30.58
CA GLU H 88 -5.68 -9.82 -29.12
C GLU H 88 -4.82 -10.94 -28.56
N GLN H 89 -4.88 -12.13 -29.16
CA GLN H 89 -4.06 -13.25 -28.69
C GLN H 89 -2.57 -13.00 -28.94
N LEU H 90 -2.24 -12.34 -30.06
CA LEU H 90 -0.85 -11.99 -30.34
C LEU H 90 -0.33 -10.96 -29.33
N THR H 91 -1.15 -9.96 -28.99
CA THR H 91 -0.74 -8.99 -27.98
C THR H 91 -0.59 -9.64 -26.61
N ILE H 92 -1.52 -10.53 -26.25
CA ILE H 92 -1.46 -11.22 -24.96
C ILE H 92 -0.20 -12.09 -24.88
N ASP H 93 0.11 -12.82 -25.95
CA ASP H 93 1.28 -13.68 -25.92
C ASP H 93 2.58 -12.91 -26.02
N LEU H 94 2.59 -11.76 -26.71
CA LEU H 94 3.81 -10.98 -26.81
C LEU H 94 4.08 -10.11 -25.57
N TRP H 95 3.03 -9.77 -24.81
CA TRP H 95 3.24 -9.06 -23.55
C TRP H 95 3.93 -9.92 -22.51
N GLU H 96 3.82 -11.25 -22.63
CA GLU H 96 4.54 -12.15 -21.74
C GLU H 96 6.03 -12.12 -22.05
N ASP H 97 6.39 -12.03 -23.33
CA ASP H 97 7.78 -12.03 -23.76
C ASP H 97 8.38 -10.64 -23.83
N ALA H 98 7.57 -9.60 -23.62
CA ALA H 98 8.03 -8.22 -23.67
C ALA H 98 9.10 -7.92 -22.64
N GLU H 99 8.95 -8.45 -21.42
CA GLU H 99 9.91 -8.16 -20.35
C GLU H 99 11.29 -8.73 -20.65
N ASP H 100 11.35 -9.99 -21.10
CA ASP H 100 12.63 -10.57 -21.44
C ASP H 100 13.20 -10.02 -22.73
N LEU H 101 12.34 -9.58 -23.66
CA LEU H 101 12.84 -8.88 -24.85
C LEU H 101 13.46 -7.54 -24.49
N LEU H 102 12.84 -6.82 -23.54
CA LEU H 102 13.42 -5.57 -23.05
C LEU H 102 14.74 -5.82 -22.33
N ASN H 103 14.82 -6.90 -21.54
CA ASN H 103 16.05 -7.24 -20.85
C ASN H 103 17.16 -7.62 -21.84
N GLU H 104 16.81 -8.35 -22.91
CA GLU H 104 17.79 -8.70 -23.94
C GLU H 104 18.25 -7.47 -24.70
N TYR H 105 17.34 -6.50 -24.94
CA TYR H 105 17.75 -5.27 -25.59
C TYR H 105 18.64 -4.42 -24.68
N LEU H 106 18.36 -4.40 -23.38
CA LEU H 106 19.20 -3.67 -22.45
C LEU H 106 20.58 -4.31 -22.32
N GLU H 107 20.64 -5.63 -22.36
CA GLU H 107 21.93 -6.32 -22.32
C GLU H 107 22.65 -6.26 -23.66
N GLU H 108 21.94 -5.95 -24.75
CA GLU H 108 22.56 -5.82 -26.05
C GLU H 108 23.47 -4.60 -26.12
N VAL H 109 23.04 -3.48 -25.55
CA VAL H 109 23.86 -2.28 -25.53
C VAL H 109 24.61 -2.17 -24.20
PG ATP I . -2.40 11.36 48.90
O1G ATP I . -1.57 10.79 47.81
O2G ATP I . -1.70 11.39 50.25
O3G ATP I . -2.94 12.75 48.58
PB ATP I . -4.55 9.92 50.34
O1B ATP I . -3.84 8.88 51.07
O2B ATP I . -5.01 11.12 51.16
O3B ATP I . -3.70 10.47 49.15
PA ATP I . -6.17 8.73 48.20
O1A ATP I . -4.96 8.24 47.51
O2A ATP I . -6.98 9.79 47.44
O3A ATP I . -5.83 9.34 49.60
O5' ATP I . -7.15 7.55 48.60
C5' ATP I . -7.50 7.32 49.98
C4' ATP I . -8.52 6.22 50.08
O4' ATP I . -9.31 6.19 48.87
C3' ATP I . -7.94 4.82 50.25
O3' ATP I . -8.73 4.06 51.15
C2' ATP I . -8.01 4.25 48.84
O2' ATP I . -8.13 2.83 48.85
C1' ATP I . -9.30 4.88 48.33
N9 ATP I . -9.38 4.98 46.88
C8 ATP I . -8.64 5.81 46.07
N7 ATP I . -8.91 5.68 44.79
C5 ATP I . -9.89 4.69 44.77
C6 ATP I . -10.61 4.09 43.71
N6 ATP I . -10.44 4.41 42.43
N1 ATP I . -11.51 3.14 44.03
C2 ATP I . -11.69 2.81 45.31
N3 ATP I . -11.08 3.32 46.38
C4 ATP I . -10.18 4.25 46.04
PG ATP J . 10.22 27.24 -39.96
O1G ATP J . 9.00 28.11 -39.95
O2G ATP J . 11.50 28.03 -39.84
O3G ATP J . 10.21 26.16 -38.88
PB ATP J . 11.42 25.66 -42.16
O1B ATP J . 12.46 26.52 -42.73
O2B ATP J . 10.66 24.79 -43.15
O3B ATP J . 10.35 26.46 -41.33
PA ATP J . 12.93 23.39 -41.02
O1A ATP J . 12.55 22.46 -39.94
O2A ATP J . 14.37 23.87 -41.01
O3A ATP J . 12.02 24.68 -41.05
O5' ATP J . 12.65 22.75 -42.44
C5' ATP J . 13.66 22.73 -43.47
C4' ATP J . 13.53 21.46 -44.25
O4' ATP J . 14.49 20.50 -43.76
C3' ATP J . 12.17 20.77 -44.12
O3' ATP J . 11.29 21.27 -45.12
C2' ATP J . 12.52 19.30 -44.35
O2' ATP J . 12.59 19.03 -45.75
C1' ATP J . 13.92 19.20 -43.75
N9 ATP J . 13.97 18.70 -42.38
C8 ATP J . 13.57 19.35 -41.25
N7 ATP J . 13.74 18.66 -40.15
C5 ATP J . 14.30 17.47 -40.58
C6 ATP J . 14.73 16.31 -39.91
N6 ATP J . 14.64 16.15 -38.59
N1 ATP J . 15.23 15.30 -40.65
C2 ATP J . 15.32 15.46 -41.98
N3 ATP J . 14.95 16.51 -42.72
C4 ATP J . 14.44 17.48 -41.97
PG ATP K . -8.85 36.53 -31.90
O1G ATP K . -7.45 37.05 -31.80
O2G ATP K . -9.30 36.28 -33.32
O3G ATP K . -9.06 35.26 -31.07
PB ATP K . -10.23 39.13 -31.40
O1B ATP K . -9.00 39.93 -31.49
O2B ATP K . -11.25 39.32 -32.51
O3B ATP K . -9.89 37.58 -31.32
PA ATP K . -11.42 38.50 -28.80
O1A ATP K . -10.40 37.50 -28.43
O2A ATP K . -12.77 37.89 -29.16
O3A ATP K . -10.97 39.37 -30.02
O5' ATP K . -11.65 39.59 -27.69
C5' ATP K . -12.87 40.35 -27.62
C4' ATP K . -12.67 41.63 -26.87
O4' ATP K . -13.42 41.58 -25.64
C3' ATP K . -11.24 41.96 -26.47
O3' ATP K . -11.01 43.37 -26.55
C2' ATP K . -11.15 41.47 -25.04
O2' ATP K . -10.19 42.22 -24.29
C1' ATP K . -12.56 41.75 -24.52
N9 ATP K . -13.01 40.86 -23.46
C8 ATP K . -13.39 41.23 -22.19
N7 ATP K . -13.76 40.23 -21.44
C5 ATP K . -13.63 39.12 -22.26
C6 ATP K . -13.86 37.75 -22.05
N6 ATP K . -14.31 37.24 -20.91
N1 ATP K . -13.63 36.91 -23.09
C2 ATP K . -13.19 37.42 -24.24
N3 ATP K . -12.94 38.69 -24.55
C4 ATP K . -13.17 39.49 -23.52
PG ATP L . 18.75 14.53 46.01
O1G ATP L . 18.94 13.65 47.19
O2G ATP L . 18.66 13.74 44.70
O3G ATP L . 17.57 15.50 46.10
PB ATP L . 21.19 16.10 46.67
O1B ATP L . 21.73 15.16 47.66
O2B ATP L . 20.72 17.45 47.20
O3B ATP L . 20.02 15.47 45.81
PA ATP L . 23.83 16.41 45.47
O1A ATP L . 24.34 15.06 45.74
O2A ATP L . 24.28 17.51 46.42
O3A ATP L . 22.28 16.40 45.55
O5' ATP L . 24.11 16.80 43.98
C5' ATP L . 23.69 18.07 43.43
C4' ATP L . 24.80 19.08 43.60
O4' ATP L . 26.01 18.55 43.02
C3' ATP L . 24.59 20.40 42.89
O3' ATP L . 23.81 21.28 43.70
C2' ATP L . 26.02 20.91 42.75
O2' ATP L . 26.46 21.45 43.99
C1' ATP L . 26.77 19.61 42.47
N9 ATP L . 27.04 19.37 41.04
C8 ATP L . 27.75 20.23 40.25
N7 ATP L . 27.88 19.83 39.01
C5 ATP L . 27.21 18.61 38.98
C6 ATP L . 26.99 17.67 37.95
N6 ATP L . 27.44 17.83 36.70
N1 ATP L . 26.29 16.56 38.25
C2 ATP L . 25.83 16.41 39.50
N3 ATP L . 25.99 17.23 40.55
C4 ATP L . 26.69 18.32 40.23
#